data_4E48
# 
_entry.id   4E48 
# 
_audit_conform.dict_name       mmcif_pdbx.dic 
_audit_conform.dict_version    5.387 
_audit_conform.dict_location   http://mmcif.pdb.org/dictionaries/ascii/mmcif_pdbx.dic 
# 
loop_
_database_2.database_id 
_database_2.database_code 
_database_2.pdbx_database_accession 
_database_2.pdbx_DOI 
PDB   4E48         pdb_00004e48 10.2210/pdb4e48/pdb 
NDB   NA1655       ?            ?                   
RCSB  RCSB071148   ?            ?                   
WWPDB D_1000071148 ?            ?                   
# 
loop_
_pdbx_audit_revision_history.ordinal 
_pdbx_audit_revision_history.data_content_type 
_pdbx_audit_revision_history.major_revision 
_pdbx_audit_revision_history.minor_revision 
_pdbx_audit_revision_history.revision_date 
1 'Structure model' 1 0 2012-07-11 
2 'Structure model' 1 1 2012-08-29 
3 'Structure model' 1 2 2017-11-15 
4 'Structure model' 1 3 2024-02-28 
# 
_pdbx_audit_revision_details.ordinal             1 
_pdbx_audit_revision_details.revision_ordinal    1 
_pdbx_audit_revision_details.data_content_type   'Structure model' 
_pdbx_audit_revision_details.provider            repository 
_pdbx_audit_revision_details.type                'Initial release' 
_pdbx_audit_revision_details.description         ? 
_pdbx_audit_revision_details.details             ? 
# 
loop_
_pdbx_audit_revision_group.ordinal 
_pdbx_audit_revision_group.revision_ordinal 
_pdbx_audit_revision_group.data_content_type 
_pdbx_audit_revision_group.group 
1 2 'Structure model' 'Database references'    
2 3 'Structure model' 'Refinement description' 
3 4 'Structure model' 'Data collection'        
4 4 'Structure model' 'Database references'    
5 4 'Structure model' 'Derived calculations'   
# 
loop_
_pdbx_audit_revision_category.ordinal 
_pdbx_audit_revision_category.revision_ordinal 
_pdbx_audit_revision_category.data_content_type 
_pdbx_audit_revision_category.category 
1 3 'Structure model' software       
2 4 'Structure model' chem_comp_atom 
3 4 'Structure model' chem_comp_bond 
4 4 'Structure model' database_2     
5 4 'Structure model' struct_conn    
6 4 'Structure model' struct_site    
# 
loop_
_pdbx_audit_revision_item.ordinal 
_pdbx_audit_revision_item.revision_ordinal 
_pdbx_audit_revision_item.data_content_type 
_pdbx_audit_revision_item.item 
1  3 'Structure model' '_software.name'                      
2  4 'Structure model' '_database_2.pdbx_DOI'                
3  4 'Structure model' '_database_2.pdbx_database_accession' 
4  4 'Structure model' '_struct_conn.pdbx_dist_value'        
5  4 'Structure model' '_struct_conn.ptnr1_auth_comp_id'     
6  4 'Structure model' '_struct_conn.ptnr1_auth_seq_id'      
7  4 'Structure model' '_struct_conn.ptnr1_label_atom_id'    
8  4 'Structure model' '_struct_conn.ptnr1_label_comp_id'    
9  4 'Structure model' '_struct_conn.ptnr1_label_seq_id'     
10 4 'Structure model' '_struct_conn.ptnr2_auth_seq_id'      
11 4 'Structure model' '_struct_conn.ptnr2_label_asym_id'    
12 4 'Structure model' '_struct_site.pdbx_auth_asym_id'      
13 4 'Structure model' '_struct_site.pdbx_auth_comp_id'      
14 4 'Structure model' '_struct_site.pdbx_auth_seq_id'       
# 
_pdbx_database_status.entry_id                        4E48 
_pdbx_database_status.deposit_site                    RCSB 
_pdbx_database_status.process_site                    RCSB 
_pdbx_database_status.recvd_initial_deposition_date   2012-03-12 
_pdbx_database_status.status_code                     REL 
_pdbx_database_status.status_code_sf                  REL 
_pdbx_database_status.status_code_mr                  ? 
_pdbx_database_status.SG_entry                        ? 
_pdbx_database_status.status_code_cs                  ? 
_pdbx_database_status.methods_development_category    ? 
_pdbx_database_status.pdb_format_compatible           Y 
_pdbx_database_status.status_code_nmr_data            ? 
# 
_pdbx_database_related.db_name        PDB 
_pdbx_database_related.db_id          4E5C 
_pdbx_database_related.details        'crystal structure of RNA duplex containing CUG/CGG repeats' 
_pdbx_database_related.content_type   unspecified 
# 
loop_
_audit_author.name 
_audit_author.pdbx_ordinal 
'Katorcha, E.' 1 
'Malinina, L.' 2 
# 
_citation.id                        primary 
_citation.title                     'Structural dynamics of double-helical RNAs composed of CUG/CUG- and CUG/CGG-repeats.' 
_citation.journal_abbrev            J.Biomol.Struct.Dyn. 
_citation.journal_volume            30 
_citation.page_first                505 
_citation.page_last                 523 
_citation.year                      2012 
_citation.journal_id_ASTM           JBSDD6 
_citation.country                   US 
_citation.journal_id_ISSN           0739-1102 
_citation.journal_id_CSD            0646 
_citation.book_publisher            ? 
_citation.pdbx_database_id_PubMed   22731704 
_citation.pdbx_database_id_DOI      10.1080/07391102.2012.687517 
# 
loop_
_citation_author.citation_id 
_citation_author.name 
_citation_author.ordinal 
_citation_author.identifier_ORCID 
primary 'Tamjar, J.'   1 ? 
primary 'Katorcha, E.' 2 ? 
primary 'Popov, A.'    3 ? 
primary 'Malinina, L.' 4 ? 
# 
loop_
_entity.id 
_entity.type 
_entity.src_method 
_entity.pdbx_description 
_entity.formula_weight 
_entity.pdbx_number_of_molecules 
_entity.pdbx_ec 
_entity.pdbx_mutation 
_entity.pdbx_fragment 
_entity.details 
1 polymer     syn "5'-R(P*GP*CP*UP*GP*CP*UP*GP*CP*UP*GP*CP*UP*GP*CP*UP*GP*CP*UP*GP*C)-3'" 6344.751 3  ? ? ? 'pG(CUG)6C' 
2 non-polymer syn 'SULFATE ION'                                                           96.063   5  ? ? ? ?           
3 non-polymer syn 'POTASSIUM ION'                                                         39.098   2  ? ? ? ?           
4 water       nat water                                                                   18.015   94 ? ? ? ?           
# 
_entity_poly.entity_id                      1 
_entity_poly.type                           polyribonucleotide 
_entity_poly.nstd_linkage                   no 
_entity_poly.nstd_monomer                   no 
_entity_poly.pdbx_seq_one_letter_code       GCUGCUGCUGCUGCUGCUGC 
_entity_poly.pdbx_seq_one_letter_code_can   GCUGCUGCUGCUGCUGCUGC 
_entity_poly.pdbx_strand_id                 A,B,D 
_entity_poly.pdbx_target_identifier         ? 
# 
loop_
_pdbx_entity_nonpoly.entity_id 
_pdbx_entity_nonpoly.name 
_pdbx_entity_nonpoly.comp_id 
2 'SULFATE ION'   SO4 
3 'POTASSIUM ION' K   
4 water           HOH 
# 
loop_
_entity_poly_seq.entity_id 
_entity_poly_seq.num 
_entity_poly_seq.mon_id 
_entity_poly_seq.hetero 
1 1  G n 
1 2  C n 
1 3  U n 
1 4  G n 
1 5  C n 
1 6  U n 
1 7  G n 
1 8  C n 
1 9  U n 
1 10 G n 
1 11 C n 
1 12 U n 
1 13 G n 
1 14 C n 
1 15 U n 
1 16 G n 
1 17 C n 
1 18 U n 
1 19 G n 
1 20 C n 
# 
loop_
_chem_comp.id 
_chem_comp.type 
_chem_comp.mon_nstd_flag 
_chem_comp.name 
_chem_comp.pdbx_synonyms 
_chem_comp.formula 
_chem_comp.formula_weight 
C   'RNA linking' y "CYTIDINE-5'-MONOPHOSPHATE"  ? 'C9 H14 N3 O8 P'  323.197 
G   'RNA linking' y "GUANOSINE-5'-MONOPHOSPHATE" ? 'C10 H14 N5 O8 P' 363.221 
HOH non-polymer   . WATER                        ? 'H2 O'            18.015  
K   non-polymer   . 'POTASSIUM ION'              ? 'K 1'             39.098  
SO4 non-polymer   . 'SULFATE ION'                ? 'O4 S -2'         96.063  
U   'RNA linking' y "URIDINE-5'-MONOPHOSPHATE"   ? 'C9 H13 N2 O9 P'  324.181 
# 
loop_
_pdbx_poly_seq_scheme.asym_id 
_pdbx_poly_seq_scheme.entity_id 
_pdbx_poly_seq_scheme.seq_id 
_pdbx_poly_seq_scheme.mon_id 
_pdbx_poly_seq_scheme.ndb_seq_num 
_pdbx_poly_seq_scheme.pdb_seq_num 
_pdbx_poly_seq_scheme.auth_seq_num 
_pdbx_poly_seq_scheme.pdb_mon_id 
_pdbx_poly_seq_scheme.auth_mon_id 
_pdbx_poly_seq_scheme.pdb_strand_id 
_pdbx_poly_seq_scheme.pdb_ins_code 
_pdbx_poly_seq_scheme.hetero 
A 1 1  G 1  1  1  G G A . n 
A 1 2  C 2  2  2  C C A . n 
A 1 3  U 3  3  3  U U A . n 
A 1 4  G 4  4  4  G G A . n 
A 1 5  C 5  5  5  C C A . n 
A 1 6  U 6  6  6  U U A . n 
A 1 7  G 7  7  7  G G A . n 
A 1 8  C 8  8  8  C C A . n 
A 1 9  U 9  9  9  U U A . n 
A 1 10 G 10 10 10 G G A . n 
A 1 11 C 11 11 11 C C A . n 
A 1 12 U 12 12 12 U U A . n 
A 1 13 G 13 13 13 G G A . n 
A 1 14 C 14 14 14 C C A . n 
A 1 15 U 15 15 15 U U A . n 
A 1 16 G 16 16 16 G G A . n 
A 1 17 C 17 17 17 C C A . n 
A 1 18 U 18 18 18 U U A . n 
A 1 19 G 19 19 19 G G A . n 
A 1 20 C 20 20 20 C C A . n 
B 1 1  G 1  21 21 G G B . n 
B 1 2  C 2  22 22 C C B . n 
B 1 3  U 3  23 23 U U B . n 
B 1 4  G 4  24 24 G G B . n 
B 1 5  C 5  25 25 C C B . n 
B 1 6  U 6  26 26 U U B . n 
B 1 7  G 7  27 27 G G B . n 
B 1 8  C 8  28 28 C C B . n 
B 1 9  U 9  29 29 U U B . n 
B 1 10 G 10 30 30 G G B . n 
B 1 11 C 11 31 31 C C B . n 
B 1 12 U 12 32 32 U U B . n 
B 1 13 G 13 33 33 G G B . n 
B 1 14 C 14 34 34 C C B . n 
B 1 15 U 15 35 35 U U B . n 
B 1 16 G 16 36 36 G G B . n 
B 1 17 C 17 37 37 C C B . n 
B 1 18 U 18 38 38 U U B . n 
B 1 19 G 19 39 39 G G B . n 
B 1 20 C 20 40 40 C C B . n 
C 1 1  G 1  1  1  G G D . n 
C 1 2  C 2  2  2  C C D . n 
C 1 3  U 3  3  3  U U D . n 
C 1 4  G 4  4  4  G G D . n 
C 1 5  C 5  5  5  C C D . n 
C 1 6  U 6  6  6  U U D . n 
C 1 7  G 7  7  7  G G D . n 
C 1 8  C 8  8  8  C C D . n 
C 1 9  U 9  9  9  U U D . n 
C 1 10 G 10 10 10 G G D . n 
C 1 11 C 11 11 11 C C D . n 
C 1 12 U 12 12 12 U U D . n 
C 1 13 G 13 13 13 G G D . n 
C 1 14 C 14 14 14 C C D . n 
C 1 15 U 15 15 15 U U D . n 
C 1 16 G 16 16 16 G G D . n 
C 1 17 C 17 17 17 C C D . n 
C 1 18 U 18 18 18 U U D . n 
C 1 19 G 19 19 19 G G D . n 
C 1 20 C 20 20 20 C C D . n 
# 
loop_
_pdbx_nonpoly_scheme.asym_id 
_pdbx_nonpoly_scheme.entity_id 
_pdbx_nonpoly_scheme.mon_id 
_pdbx_nonpoly_scheme.ndb_seq_num 
_pdbx_nonpoly_scheme.pdb_seq_num 
_pdbx_nonpoly_scheme.auth_seq_num 
_pdbx_nonpoly_scheme.pdb_mon_id 
_pdbx_nonpoly_scheme.auth_mon_id 
_pdbx_nonpoly_scheme.pdb_strand_id 
_pdbx_nonpoly_scheme.pdb_ins_code 
D 2 SO4 1  101 3   SO4 SO4 A . 
E 2 SO4 1  102 5   SO4 SO4 A . 
F 3 K   1  103 48  K   K   A . 
G 3 K   1  104 61  K   K   A . 
H 2 SO4 1  101 1   SO4 SO4 B . 
I 2 SO4 1  102 2   SO4 SO4 B . 
J 2 SO4 1  101 4   SO4 SO4 D . 
K 4 HOH 1  201 9   HOH HOH A . 
K 4 HOH 2  202 12  HOH HOH A . 
K 4 HOH 3  203 13  HOH HOH A . 
K 4 HOH 4  204 14  HOH HOH A . 
K 4 HOH 5  205 17  HOH HOH A . 
K 4 HOH 6  206 18  HOH HOH A . 
K 4 HOH 7  207 19  HOH HOH A . 
K 4 HOH 8  208 20  HOH HOH A . 
K 4 HOH 9  209 21  HOH HOH A . 
K 4 HOH 10 210 23  HOH HOH A . 
K 4 HOH 11 211 40  HOH HOH A . 
K 4 HOH 12 212 45  HOH HOH A . 
K 4 HOH 13 213 46  HOH HOH A . 
K 4 HOH 14 214 47  HOH HOH A . 
K 4 HOH 15 215 49  HOH HOH A . 
K 4 HOH 16 216 56  HOH HOH A . 
K 4 HOH 17 217 57  HOH HOH A . 
K 4 HOH 18 218 58  HOH HOH A . 
K 4 HOH 19 219 59  HOH HOH A . 
K 4 HOH 20 220 62  HOH HOH A . 
K 4 HOH 21 221 64  HOH HOH A . 
K 4 HOH 22 222 65  HOH HOH A . 
K 4 HOH 23 223 67  HOH HOH A . 
K 4 HOH 24 224 68  HOH HOH A . 
K 4 HOH 25 225 74  HOH HOH A . 
K 4 HOH 26 226 75  HOH HOH A . 
K 4 HOH 27 227 76  HOH HOH A . 
K 4 HOH 28 228 80  HOH HOH A . 
K 4 HOH 29 229 81  HOH HOH A . 
K 4 HOH 30 230 82  HOH HOH A . 
K 4 HOH 31 231 83  HOH HOH A . 
K 4 HOH 32 232 85  HOH HOH A . 
K 4 HOH 33 233 86  HOH HOH A . 
K 4 HOH 34 234 89  HOH HOH A . 
K 4 HOH 35 235 90  HOH HOH A . 
K 4 HOH 36 236 92  HOH HOH A . 
K 4 HOH 37 237 93  HOH HOH A . 
K 4 HOH 38 238 94  HOH HOH A . 
K 4 HOH 39 239 95  HOH HOH A . 
K 4 HOH 40 240 98  HOH HOH A . 
K 4 HOH 41 241 111 HOH HOH A . 
K 4 HOH 42 242 112 HOH HOH A . 
K 4 HOH 43 243 25  HOH HOH A . 
L 4 HOH 1  201 7   HOH HOH B . 
L 4 HOH 2  202 8   HOH HOH B . 
L 4 HOH 3  203 10  HOH HOH B . 
L 4 HOH 4  204 11  HOH HOH B . 
L 4 HOH 5  205 15  HOH HOH B . 
L 4 HOH 6  206 16  HOH HOH B . 
L 4 HOH 7  207 22  HOH HOH B . 
L 4 HOH 8  208 24  HOH HOH B . 
L 4 HOH 9  209 26  HOH HOH B . 
L 4 HOH 10 210 27  HOH HOH B . 
L 4 HOH 11 211 28  HOH HOH B . 
L 4 HOH 12 212 29  HOH HOH B . 
L 4 HOH 13 213 30  HOH HOH B . 
L 4 HOH 14 214 31  HOH HOH B . 
L 4 HOH 15 215 39  HOH HOH B . 
L 4 HOH 16 216 41  HOH HOH B . 
L 4 HOH 17 217 43  HOH HOH B . 
L 4 HOH 18 218 44  HOH HOH B . 
L 4 HOH 19 219 50  HOH HOH B . 
L 4 HOH 20 220 51  HOH HOH B . 
L 4 HOH 21 221 53  HOH HOH B . 
L 4 HOH 22 222 54  HOH HOH B . 
L 4 HOH 23 223 60  HOH HOH B . 
L 4 HOH 24 224 66  HOH HOH B . 
L 4 HOH 25 225 69  HOH HOH B . 
L 4 HOH 26 226 71  HOH HOH B . 
L 4 HOH 27 227 72  HOH HOH B . 
L 4 HOH 28 228 73  HOH HOH B . 
L 4 HOH 29 229 77  HOH HOH B . 
L 4 HOH 30 230 78  HOH HOH B . 
L 4 HOH 31 231 79  HOH HOH B . 
L 4 HOH 32 232 87  HOH HOH B . 
L 4 HOH 33 233 91  HOH HOH B . 
L 4 HOH 34 234 100 HOH HOH B . 
L 4 HOH 35 235 101 HOH HOH B . 
L 4 HOH 36 236 102 HOH HOH B . 
L 4 HOH 37 237 110 HOH HOH B . 
M 4 HOH 1  201 32  HOH HOH D . 
M 4 HOH 2  202 33  HOH HOH D . 
M 4 HOH 3  203 34  HOH HOH D . 
M 4 HOH 4  204 35  HOH HOH D . 
M 4 HOH 5  205 36  HOH HOH D . 
M 4 HOH 6  206 37  HOH HOH D . 
M 4 HOH 7  207 38  HOH HOH D . 
M 4 HOH 8  208 63  HOH HOH D . 
M 4 HOH 9  209 103 HOH HOH D . 
M 4 HOH 10 210 104 HOH HOH D . 
M 4 HOH 11 211 106 HOH HOH D . 
M 4 HOH 12 212 107 HOH HOH D . 
M 4 HOH 13 213 108 HOH HOH D . 
M 4 HOH 14 214 109 HOH HOH D . 
# 
loop_
_software.pdbx_ordinal 
_software.name 
_software.version 
_software.date 
_software.type 
_software.contact_author 
_software.contact_author_email 
_software.classification 
_software.location 
_software.language 
_software.citation_id 
1 REFMAC         5.2.0019 ?               program 'Garib N. Murshudov' garib@ysbl.york.ac.uk    refinement        
http://www.ccp4.ac.uk/dist/html/refmac5.html Fortran_77 ? 
2 PDB_EXTRACT    3.10     'June 10, 2010' package PDB                  deposit@deposit.rcsb.org 'data extraction' 
http://sw-tools.pdb.org/apps/PDB_EXTRACT/    C++        ? 
3 'PROTEUM PLUS' PLUS     ?               ?       ?                    ?                        'data collection' ? ?          ? 
4 DENZO          .        ?               ?       ?                    ?                        'data reduction'  ? ?          ? 
5 SCALEPACK      .        ?               ?       ?                    ?                        'data scaling'    ? ?          ? 
6 AMoRE          .        ?               ?       ?                    ?                        phasing           ? ?          ? 
# 
_cell.length_a           43.642 
_cell.length_b           43.642 
_cell.length_c           158.556 
_cell.angle_alpha        90.000 
_cell.angle_beta         90.000 
_cell.angle_gamma        120.000 
_cell.entry_id           4E48 
_cell.pdbx_unique_axis   ? 
_cell.Z_PDB              18 
_cell.length_a_esd       ? 
_cell.length_b_esd       ? 
_cell.length_c_esd       ? 
_cell.angle_alpha_esd    ? 
_cell.angle_beta_esd     ? 
_cell.angle_gamma_esd    ? 
# 
_symmetry.space_group_name_H-M             'P 3 2 1' 
_symmetry.entry_id                         4E48 
_symmetry.pdbx_full_space_group_name_H-M   ? 
_symmetry.Int_Tables_number                150 
_symmetry.cell_setting                     ? 
_symmetry.space_group_name_Hall            ? 
# 
_exptl.crystals_number   1 
_exptl.entry_id          4E48 
_exptl.method            'X-RAY DIFFRACTION' 
# 
_exptl_crystal.id                    1 
_exptl_crystal.density_Matthews      2.29 
_exptl_crystal.density_meas          ? 
_exptl_crystal.density_percent_sol   46.29 
_exptl_crystal.description           ? 
_exptl_crystal.F_000                 ? 
_exptl_crystal.preparation           ? 
# 
_exptl_crystal_grow.crystal_id      1 
_exptl_crystal_grow.method          'VAPOR DIFFUSION, HANGING DROP' 
_exptl_crystal_grow.pH              4.0 
_exptl_crystal_grow.temp            291 
_exptl_crystal_grow.temp_details    ? 
_exptl_crystal_grow.pdbx_details    
'1.6 mM ammonium sulfate, 0.1 M citric acid, pH 4.0, VAPOR DIFFUSION, HANGING DROP, temperature 291K' 
_exptl_crystal_grow.pdbx_pH_range   ? 
# 
_diffrn.id                     1 
_diffrn.ambient_temp           100 
_diffrn.ambient_temp_details   ? 
_diffrn.crystal_id             1 
# 
_diffrn_detector.diffrn_id              1 
_diffrn_detector.detector               'IMAGE PLATE' 
_diffrn_detector.type                   'MAR scanner 345 mm plate' 
_diffrn_detector.pdbx_collection_date   2008-03-17 
_diffrn_detector.details                ? 
# 
_diffrn_radiation.diffrn_id                        1 
_diffrn_radiation.wavelength_id                    1 
_diffrn_radiation.pdbx_diffrn_protocol             'SINGLE WAVELENGTH' 
_diffrn_radiation.monochromator                    'osmic mirror' 
_diffrn_radiation.pdbx_monochromatic_or_laue_m_l   M 
_diffrn_radiation.pdbx_scattering_type             x-ray 
# 
_diffrn_radiation_wavelength.id           1 
_diffrn_radiation_wavelength.wavelength   1.54 
_diffrn_radiation_wavelength.wt           1.0 
# 
_diffrn_source.diffrn_id                   1 
_diffrn_source.source                      'ROTATING ANODE' 
_diffrn_source.type                        'Cu FINE FOCUS' 
_diffrn_source.pdbx_wavelength             ? 
_diffrn_source.pdbx_wavelength_list        1.54 
_diffrn_source.pdbx_synchrotron_site       ? 
_diffrn_source.pdbx_synchrotron_beamline   ? 
# 
_reflns.entry_id                     4E48 
_reflns.observed_criterion_sigma_F   2 
_reflns.observed_criterion_sigma_I   2 
_reflns.d_resolution_high            2.5 
_reflns.d_resolution_low             20 
_reflns.number_all                   6607 
_reflns.number_obs                   6468 
_reflns.percent_possible_obs         98.3 
_reflns.pdbx_Rmerge_I_obs            0.103 
_reflns.pdbx_Rsym_value              ? 
_reflns.pdbx_netI_over_sigmaI        11.1 
_reflns.B_iso_Wilson_estimate        ? 
_reflns.pdbx_redundancy              6.6 
_reflns.R_free_details               ? 
_reflns.limit_h_max                  ? 
_reflns.limit_h_min                  ? 
_reflns.limit_k_max                  ? 
_reflns.limit_k_min                  ? 
_reflns.limit_l_max                  ? 
_reflns.limit_l_min                  ? 
_reflns.observed_criterion_F_max     ? 
_reflns.observed_criterion_F_min     ? 
_reflns.pdbx_chi_squared             ? 
_reflns.pdbx_scaling_rejects         ? 
_reflns.pdbx_ordinal                 1 
_reflns.pdbx_diffrn_id               1 
# 
_reflns_shell.d_res_high             2.5 
_reflns_shell.d_res_low              2.59 
_reflns_shell.percent_possible_obs   ? 
_reflns_shell.percent_possible_all   92.4 
_reflns_shell.Rmerge_I_obs           0.476 
_reflns_shell.meanI_over_sigI_obs    2.3 
_reflns_shell.pdbx_Rsym_value        ? 
_reflns_shell.pdbx_redundancy        3.3 
_reflns_shell.number_unique_all      175 
_reflns_shell.number_measured_all    ? 
_reflns_shell.number_measured_obs    ? 
_reflns_shell.number_unique_obs      ? 
_reflns_shell.pdbx_chi_squared       ? 
_reflns_shell.pdbx_ordinal           1 
_reflns_shell.pdbx_diffrn_id         1 
# 
_refine.entry_id                                 4E48 
_refine.ls_d_res_high                            2.500 
_refine.ls_d_res_low                             15.0 
_refine.pdbx_ls_sigma_F                          0.0 
_refine.pdbx_data_cutoff_high_absF               ? 
_refine.pdbx_data_cutoff_low_absF                ? 
_refine.ls_percent_reflns_obs                    98.29 
_refine.ls_number_reflns_obs                     6442 
_refine.ls_number_reflns_all                     ? 
_refine.pdbx_ls_cross_valid_method               THROUGHOUT 
_refine.pdbx_R_Free_selection_details            RANDOM 
_refine.details                                  'HYDROGENS HAVE BEEN ADDED IN THE RIDING POSITIONS' 
_refine.ls_R_factor_all                          ? 
_refine.ls_R_factor_obs                          0.2067 
_refine.ls_R_factor_R_work                       0.2033 
_refine.ls_wR_factor_R_work                      ? 
_refine.ls_R_factor_R_free                       0.2793 
_refine.ls_wR_factor_R_free                      ? 
_refine.ls_percent_reflns_R_free                 4.8 
_refine.ls_number_reflns_R_free                  307 
_refine.ls_R_factor_R_free_error                 ? 
_refine.B_iso_mean                               24.9698 
_refine.solvent_model_param_bsol                 ? 
_refine.solvent_model_param_ksol                 ? 
_refine.pdbx_isotropic_thermal_model             ? 
_refine.aniso_B[1][1]                            0.7800 
_refine.aniso_B[2][2]                            0.7800 
_refine.aniso_B[3][3]                            -1.1700 
_refine.aniso_B[1][2]                            0.3900 
_refine.aniso_B[1][3]                            0.0000 
_refine.aniso_B[2][3]                            0.0000 
_refine.correlation_coeff_Fo_to_Fc               0.9520 
_refine.correlation_coeff_Fo_to_Fc_free          0.8950 
_refine.overall_SU_R_Cruickshank_DPI             ? 
_refine.overall_SU_R_free                        ? 
_refine.pdbx_overall_ESU_R                       0.8000 
_refine.pdbx_overall_ESU_R_Free                  0.3400 
_refine.overall_SU_ML                            0.2050 
_refine.overall_SU_B                             9.5400 
_refine.solvent_model_details                    MASK 
_refine.pdbx_solvent_vdw_probe_radii             1.2000 
_refine.pdbx_solvent_ion_probe_radii             0.8000 
_refine.pdbx_solvent_shrinkage_radii             0.8000 
_refine.ls_number_parameters                     ? 
_refine.ls_number_restraints                     ? 
_refine.pdbx_starting_model                      ? 
_refine.pdbx_method_to_determine_struct          'MOLECULAR REPLACEMENT' 
_refine.pdbx_stereochemistry_target_values       'MAXIMUM LIKELIHOOD' 
_refine.pdbx_stereochem_target_val_spec_case     ? 
_refine.overall_FOM_work_R_set                   ? 
_refine.B_iso_max                                72.480 
_refine.B_iso_min                                2.000 
_refine.pdbx_overall_phase_error                 ? 
_refine.occupancy_max                            1.000 
_refine.occupancy_min                            0.330 
_refine.pdbx_ls_sigma_I                          ? 
_refine.ls_redundancy_reflns_obs                 ? 
_refine.ls_R_factor_R_free_error_details         ? 
_refine.pdbx_data_cutoff_high_rms_absF           ? 
_refine.overall_FOM_free_R_set                   ? 
_refine.pdbx_diffrn_id                           1 
_refine.pdbx_refine_id                           'X-RAY DIFFRACTION' 
_refine.pdbx_TLS_residual_ADP_flag               ? 
_refine.pdbx_overall_SU_R_free_Cruickshank_DPI   ? 
_refine.pdbx_overall_SU_R_Blow_DPI               ? 
_refine.pdbx_overall_SU_R_free_Blow_DPI          ? 
# 
_refine_hist.pdbx_refine_id                   'X-RAY DIFFRACTION' 
_refine_hist.cycle_id                         LAST 
_refine_hist.pdbx_number_atoms_protein        0 
_refine_hist.pdbx_number_atoms_nucleic_acid   1266 
_refine_hist.pdbx_number_atoms_ligand         27 
_refine_hist.number_atoms_solvent             94 
_refine_hist.number_atoms_total               1387 
_refine_hist.d_res_high                       2.500 
_refine_hist.d_res_low                        15.0 
# 
loop_
_refine_ls_restr.type 
_refine_ls_restr.number 
_refine_ls_restr.dev_ideal 
_refine_ls_restr.dev_ideal_target 
_refine_ls_restr.weight 
_refine_ls_restr.pdbx_restraint_function 
_refine_ls_restr.pdbx_refine_id 
r_bond_refined_d         1424 0.007 0.021 ? ? 'X-RAY DIFFRACTION' 
r_bond_other_d           498  0.003 0.020 ? ? 'X-RAY DIFFRACTION' 
r_angle_refined_deg      2214 1.553 3.000 ? ? 'X-RAY DIFFRACTION' 
r_angle_other_deg        1296 1.015 3.000 ? ? 'X-RAY DIFFRACTION' 
r_chiral_restr           300  0.050 0.200 ? ? 'X-RAY DIFFRACTION' 
r_gen_planes_refined     603  0.004 0.020 ? ? 'X-RAY DIFFRACTION' 
r_gen_planes_other       138  0.001 0.020 ? ? 'X-RAY DIFFRACTION' 
r_nbd_refined            170  0.124 0.200 ? ? 'X-RAY DIFFRACTION' 
r_nbd_other              674  0.230 0.200 ? ? 'X-RAY DIFFRACTION' 
r_nbtor_refined          561  0.225 0.200 ? ? 'X-RAY DIFFRACTION' 
r_nbtor_other            350  0.066 0.200 ? ? 'X-RAY DIFFRACTION' 
r_xyhbond_nbd_refined    72   0.163 0.200 ? ? 'X-RAY DIFFRACTION' 
r_symmetry_vdw_refined   42   0.224 0.200 ? ? 'X-RAY DIFFRACTION' 
r_symmetry_vdw_other     91   0.277 0.200 ? ? 'X-RAY DIFFRACTION' 
r_symmetry_hbond_refined 37   0.164 0.200 ? ? 'X-RAY DIFFRACTION' 
r_scbond_it              1500 0.908 3.000 ? ? 'X-RAY DIFFRACTION' 
r_scangle_it             2214 1.341 4.500 ? ? 'X-RAY DIFFRACTION' 
# 
_refine_ls_shell.d_res_high                       2.50 
_refine_ls_shell.d_res_low                        2.565 
_refine_ls_shell.pdbx_total_number_of_bins_used   20 
_refine_ls_shell.percent_reflns_obs               91.74 
_refine_ls_shell.number_reflns_R_work             402 
_refine_ls_shell.R_factor_all                     ? 
_refine_ls_shell.R_factor_R_work                  0.2840 
_refine_ls_shell.R_factor_R_free                  0.4400 
_refine_ls_shell.percent_reflns_R_free            ? 
_refine_ls_shell.number_reflns_R_free             31 
_refine_ls_shell.R_factor_R_free_error            ? 
_refine_ls_shell.number_reflns_all                433 
_refine_ls_shell.number_reflns_obs                ? 
_refine_ls_shell.redundancy_reflns_obs            ? 
_refine_ls_shell.pdbx_refine_id                   'X-RAY DIFFRACTION' 
# 
_struct.entry_id                  4E48 
_struct.title                     'Structure of 20mer double-helical RNA composed of CUG/CUG-repeats' 
_struct.pdbx_model_details        ? 
_struct.pdbx_CASP_flag            ? 
_struct.pdbx_model_type_details   ? 
# 
_struct_keywords.entry_id        4E48 
_struct_keywords.pdbx_keywords   RNA 
_struct_keywords.text            'siRNA, trinucleotide repeat expansion, RNA' 
# 
loop_
_struct_asym.id 
_struct_asym.pdbx_blank_PDB_chainid_flag 
_struct_asym.pdbx_modified 
_struct_asym.entity_id 
_struct_asym.details 
A N N 1 ? 
B N N 1 ? 
C N N 1 ? 
D N N 2 ? 
E N N 2 ? 
F N N 3 ? 
G N N 3 ? 
H N N 2 ? 
I N N 2 ? 
J N N 2 ? 
K N N 4 ? 
L N N 4 ? 
M N N 4 ? 
# 
_struct_ref.id                         1 
_struct_ref.db_name                    PDB 
_struct_ref.db_code                    4E48 
_struct_ref.pdbx_db_accession          4E48 
_struct_ref.entity_id                  1 
_struct_ref.pdbx_align_begin           1 
_struct_ref.pdbx_seq_one_letter_code   GCUGCUGCUGCUGCUGCUGC 
_struct_ref.pdbx_db_isoform            ? 
# 
loop_
_struct_ref_seq.align_id 
_struct_ref_seq.ref_id 
_struct_ref_seq.pdbx_PDB_id_code 
_struct_ref_seq.pdbx_strand_id 
_struct_ref_seq.seq_align_beg 
_struct_ref_seq.pdbx_seq_align_beg_ins_code 
_struct_ref_seq.seq_align_end 
_struct_ref_seq.pdbx_seq_align_end_ins_code 
_struct_ref_seq.pdbx_db_accession 
_struct_ref_seq.db_align_beg 
_struct_ref_seq.pdbx_db_align_beg_ins_code 
_struct_ref_seq.db_align_end 
_struct_ref_seq.pdbx_db_align_end_ins_code 
_struct_ref_seq.pdbx_auth_seq_align_beg 
_struct_ref_seq.pdbx_auth_seq_align_end 
1 1 4E48 A 1 ? 20 ? 4E48 1  ? 20 ? 1  20 
2 1 4E48 B 1 ? 20 ? 4E48 21 ? 40 ? 21 40 
3 1 4E48 D 1 ? 20 ? 4E48 1  ? 20 ? 1  20 
# 
loop_
_pdbx_struct_assembly.id 
_pdbx_struct_assembly.details 
_pdbx_struct_assembly.method_details 
_pdbx_struct_assembly.oligomeric_details 
_pdbx_struct_assembly.oligomeric_count 
1 author_and_software_defined_assembly PISA dimeric 2 
2 author_and_software_defined_assembly PISA dimeric 2 
# 
loop_
_pdbx_struct_assembly_prop.biol_id 
_pdbx_struct_assembly_prop.type 
_pdbx_struct_assembly_prop.value 
_pdbx_struct_assembly_prop.details 
1 'ABSA (A^2)' 2700 ? 
1 MORE         -77  ? 
1 'SSA (A^2)'  7360 ? 
2 'ABSA (A^2)' 2360 ? 
2 MORE         -53  ? 
2 'SSA (A^2)'  7260 ? 
# 
loop_
_pdbx_struct_assembly_gen.assembly_id 
_pdbx_struct_assembly_gen.oper_expression 
_pdbx_struct_assembly_gen.asym_id_list 
1 1   A,B,D,E,F,G,H,I,K,L 
2 1,2 C,J,M               
# 
loop_
_pdbx_struct_oper_list.id 
_pdbx_struct_oper_list.type 
_pdbx_struct_oper_list.name 
_pdbx_struct_oper_list.symmetry_operation 
_pdbx_struct_oper_list.matrix[1][1] 
_pdbx_struct_oper_list.matrix[1][2] 
_pdbx_struct_oper_list.matrix[1][3] 
_pdbx_struct_oper_list.vector[1] 
_pdbx_struct_oper_list.matrix[2][1] 
_pdbx_struct_oper_list.matrix[2][2] 
_pdbx_struct_oper_list.matrix[2][3] 
_pdbx_struct_oper_list.vector[2] 
_pdbx_struct_oper_list.matrix[3][1] 
_pdbx_struct_oper_list.matrix[3][2] 
_pdbx_struct_oper_list.matrix[3][3] 
_pdbx_struct_oper_list.vector[3] 
1 'identity operation'         1_555 x,y,z    1.0000000000  0.0000000000  0.0000000000 0.0000000000   0.0000000000  1.0000000000  0.0000000000  0.0000000000  0.0000000000 0.0000000000  1.0000000000 0.0000000000  
2 'crystal symmetry operation' 4_556 y,x,-z+1 -0.9882888184 -0.0929894986 0.1209882830 -13.0795028258 -0.0929894986 -0.2616418120 -0.9606750311 54.0914389471 0.1209882830 -0.9606750311 0.2499306304 42.8397865283 
# 
_struct_biol.id        1 
_struct_biol.details   ? 
# 
loop_
_struct_conn.id 
_struct_conn.conn_type_id 
_struct_conn.pdbx_leaving_atom_flag 
_struct_conn.pdbx_PDB_id 
_struct_conn.ptnr1_label_asym_id 
_struct_conn.ptnr1_label_comp_id 
_struct_conn.ptnr1_label_seq_id 
_struct_conn.ptnr1_label_atom_id 
_struct_conn.pdbx_ptnr1_label_alt_id 
_struct_conn.pdbx_ptnr1_PDB_ins_code 
_struct_conn.pdbx_ptnr1_standard_comp_id 
_struct_conn.ptnr1_symmetry 
_struct_conn.ptnr2_label_asym_id 
_struct_conn.ptnr2_label_comp_id 
_struct_conn.ptnr2_label_seq_id 
_struct_conn.ptnr2_label_atom_id 
_struct_conn.pdbx_ptnr2_label_alt_id 
_struct_conn.pdbx_ptnr2_PDB_ins_code 
_struct_conn.ptnr1_auth_asym_id 
_struct_conn.ptnr1_auth_comp_id 
_struct_conn.ptnr1_auth_seq_id 
_struct_conn.ptnr2_auth_asym_id 
_struct_conn.ptnr2_auth_comp_id 
_struct_conn.ptnr2_auth_seq_id 
_struct_conn.ptnr2_symmetry 
_struct_conn.pdbx_ptnr3_label_atom_id 
_struct_conn.pdbx_ptnr3_label_seq_id 
_struct_conn.pdbx_ptnr3_label_comp_id 
_struct_conn.pdbx_ptnr3_label_asym_id 
_struct_conn.pdbx_ptnr3_label_alt_id 
_struct_conn.pdbx_ptnr3_PDB_ins_code 
_struct_conn.details 
_struct_conn.pdbx_dist_value 
_struct_conn.pdbx_value_order 
_struct_conn.pdbx_role 
metalc1  metalc ? ? A C 8  "O2'" ? ? ? 1_555 F K   .  K  ? ? A C 8   A K   103 1_555 ? ? ? ? ? ? ?             2.863 ? ? 
metalc2  metalc ? ? A C 8  "O3'" ? ? ? 1_555 F K   .  K  ? ? A C 8   A K   103 1_555 ? ? ? ? ? ? ?             3.212 ? ? 
metalc3  metalc ? ? A G 19 "O3'" ? ? ? 1_555 G K   .  K  ? ? A G 19  A K   104 1_555 ? ? ? ? ? ? ?             3.128 ? ? 
metalc4  metalc ? ? A G 19 "O2'" ? ? ? 1_555 G K   .  K  ? ? A G 19  A K   104 1_555 ? ? ? ? ? ? ?             3.193 ? ? 
metalc5  metalc ? ? F K .  K     ? ? ? 1_555 K HOH .  O  ? ? A K 103 A HOH 214 1_555 ? ? ? ? ? ? ?             3.109 ? ? 
hydrog1  hydrog ? ? A G 1  N1    ? ? ? 1_555 B C   20 N3 ? ? A G 1   B C   40  1_555 ? ? ? ? ? ? WATSON-CRICK  ?     ? ? 
hydrog2  hydrog ? ? A G 1  N2    ? ? ? 1_555 B C   20 O2 ? ? A G 1   B C   40  1_555 ? ? ? ? ? ? WATSON-CRICK  ?     ? ? 
hydrog3  hydrog ? ? A G 1  O6    ? ? ? 1_555 B C   20 N4 ? ? A G 1   B C   40  1_555 ? ? ? ? ? ? WATSON-CRICK  ?     ? ? 
hydrog4  hydrog ? ? A C 2  N3    ? ? ? 1_555 B G   19 N1 ? ? A C 2   B G   39  1_555 ? ? ? ? ? ? WATSON-CRICK  ?     ? ? 
hydrog5  hydrog ? ? A C 2  N4    ? ? ? 1_555 B G   19 O6 ? ? A C 2   B G   39  1_555 ? ? ? ? ? ? WATSON-CRICK  ?     ? ? 
hydrog6  hydrog ? ? A C 2  O2    ? ? ? 1_555 B G   19 N2 ? ? A C 2   B G   39  1_555 ? ? ? ? ? ? WATSON-CRICK  ?     ? ? 
hydrog7  hydrog ? ? A U 3  N3    ? ? ? 1_555 B U   18 O4 ? ? A U 3   B U   38  1_555 ? ? ? ? ? ? 'U-U MISPAIR' ?     ? ? 
hydrog8  hydrog ? ? A G 4  N1    ? ? ? 1_555 B C   17 N3 ? ? A G 4   B C   37  1_555 ? ? ? ? ? ? WATSON-CRICK  ?     ? ? 
hydrog9  hydrog ? ? A G 4  N2    ? ? ? 1_555 B C   17 O2 ? ? A G 4   B C   37  1_555 ? ? ? ? ? ? WATSON-CRICK  ?     ? ? 
hydrog10 hydrog ? ? A G 4  O6    ? ? ? 1_555 B C   17 N4 ? ? A G 4   B C   37  1_555 ? ? ? ? ? ? WATSON-CRICK  ?     ? ? 
hydrog11 hydrog ? ? A C 5  N3    ? ? ? 1_555 B G   16 N1 ? ? A C 5   B G   36  1_555 ? ? ? ? ? ? WATSON-CRICK  ?     ? ? 
hydrog12 hydrog ? ? A C 5  N4    ? ? ? 1_555 B G   16 O6 ? ? A C 5   B G   36  1_555 ? ? ? ? ? ? WATSON-CRICK  ?     ? ? 
hydrog13 hydrog ? ? A C 5  O2    ? ? ? 1_555 B G   16 N2 ? ? A C 5   B G   36  1_555 ? ? ? ? ? ? WATSON-CRICK  ?     ? ? 
hydrog14 hydrog ? ? A U 6  O4    ? ? ? 1_555 B U   15 N3 ? ? A U 6   B U   35  1_555 ? ? ? ? ? ? 'U-U MISPAIR' ?     ? ? 
hydrog15 hydrog ? ? A G 7  N1    ? ? ? 1_555 B C   14 N3 ? ? A G 7   B C   34  1_555 ? ? ? ? ? ? WATSON-CRICK  ?     ? ? 
hydrog16 hydrog ? ? A G 7  N2    ? ? ? 1_555 B C   14 O2 ? ? A G 7   B C   34  1_555 ? ? ? ? ? ? WATSON-CRICK  ?     ? ? 
hydrog17 hydrog ? ? A G 7  O6    ? ? ? 1_555 B C   14 N4 ? ? A G 7   B C   34  1_555 ? ? ? ? ? ? WATSON-CRICK  ?     ? ? 
hydrog18 hydrog ? ? A C 8  N3    ? ? ? 1_555 B G   13 N1 ? ? A C 8   B G   33  1_555 ? ? ? ? ? ? WATSON-CRICK  ?     ? ? 
hydrog19 hydrog ? ? A C 8  N4    ? ? ? 1_555 B G   13 O6 ? ? A C 8   B G   33  1_555 ? ? ? ? ? ? WATSON-CRICK  ?     ? ? 
hydrog20 hydrog ? ? A C 8  O2    ? ? ? 1_555 B G   13 N2 ? ? A C 8   B G   33  1_555 ? ? ? ? ? ? WATSON-CRICK  ?     ? ? 
hydrog21 hydrog ? ? A U 9  N3    ? ? ? 1_555 B U   12 O4 ? ? A U 9   B U   32  1_555 ? ? ? ? ? ? 'U-U MISPAIR' ?     ? ? 
hydrog22 hydrog ? ? A G 10 N1    ? ? ? 1_555 B C   11 N3 ? ? A G 10  B C   31  1_555 ? ? ? ? ? ? WATSON-CRICK  ?     ? ? 
hydrog23 hydrog ? ? A G 10 N2    ? ? ? 1_555 B C   11 O2 ? ? A G 10  B C   31  1_555 ? ? ? ? ? ? WATSON-CRICK  ?     ? ? 
hydrog24 hydrog ? ? A G 10 O6    ? ? ? 1_555 B C   11 N4 ? ? A G 10  B C   31  1_555 ? ? ? ? ? ? WATSON-CRICK  ?     ? ? 
hydrog25 hydrog ? ? A C 11 N3    ? ? ? 1_555 B G   10 N1 ? ? A C 11  B G   30  1_555 ? ? ? ? ? ? WATSON-CRICK  ?     ? ? 
hydrog26 hydrog ? ? A C 11 N4    ? ? ? 1_555 B G   10 O6 ? ? A C 11  B G   30  1_555 ? ? ? ? ? ? WATSON-CRICK  ?     ? ? 
hydrog27 hydrog ? ? A C 11 O2    ? ? ? 1_555 B G   10 N2 ? ? A C 11  B G   30  1_555 ? ? ? ? ? ? WATSON-CRICK  ?     ? ? 
hydrog28 hydrog ? ? A U 12 O4    ? ? ? 1_555 B U   9  N3 ? ? A U 12  B U   29  1_555 ? ? ? ? ? ? 'U-U MISPAIR' ?     ? ? 
hydrog29 hydrog ? ? A G 13 N1    ? ? ? 1_555 B C   8  N3 ? ? A G 13  B C   28  1_555 ? ? ? ? ? ? WATSON-CRICK  ?     ? ? 
hydrog30 hydrog ? ? A G 13 N2    ? ? ? 1_555 B C   8  O2 ? ? A G 13  B C   28  1_555 ? ? ? ? ? ? WATSON-CRICK  ?     ? ? 
hydrog31 hydrog ? ? A G 13 O6    ? ? ? 1_555 B C   8  N4 ? ? A G 13  B C   28  1_555 ? ? ? ? ? ? WATSON-CRICK  ?     ? ? 
hydrog32 hydrog ? ? A C 14 N3    ? ? ? 1_555 B G   7  N1 ? ? A C 14  B G   27  1_555 ? ? ? ? ? ? WATSON-CRICK  ?     ? ? 
hydrog33 hydrog ? ? A C 14 N4    ? ? ? 1_555 B G   7  O6 ? ? A C 14  B G   27  1_555 ? ? ? ? ? ? WATSON-CRICK  ?     ? ? 
hydrog34 hydrog ? ? A C 14 O2    ? ? ? 1_555 B G   7  N2 ? ? A C 14  B G   27  1_555 ? ? ? ? ? ? WATSON-CRICK  ?     ? ? 
hydrog35 hydrog ? ? A U 15 N3    ? ? ? 1_555 B U   6  O4 ? ? A U 15  B U   26  1_555 ? ? ? ? ? ? 'U-U MISPAIR' ?     ? ? 
hydrog36 hydrog ? ? A G 16 N1    ? ? ? 1_555 B C   5  N3 ? ? A G 16  B C   25  1_555 ? ? ? ? ? ? WATSON-CRICK  ?     ? ? 
hydrog37 hydrog ? ? A G 16 N2    ? ? ? 1_555 B C   5  O2 ? ? A G 16  B C   25  1_555 ? ? ? ? ? ? WATSON-CRICK  ?     ? ? 
hydrog38 hydrog ? ? A G 16 O6    ? ? ? 1_555 B C   5  N4 ? ? A G 16  B C   25  1_555 ? ? ? ? ? ? WATSON-CRICK  ?     ? ? 
hydrog39 hydrog ? ? A C 17 N3    ? ? ? 1_555 B G   4  N1 ? ? A C 17  B G   24  1_555 ? ? ? ? ? ? WATSON-CRICK  ?     ? ? 
hydrog40 hydrog ? ? A C 17 N4    ? ? ? 1_555 B G   4  O6 ? ? A C 17  B G   24  1_555 ? ? ? ? ? ? WATSON-CRICK  ?     ? ? 
hydrog41 hydrog ? ? A C 17 O2    ? ? ? 1_555 B G   4  N2 ? ? A C 17  B G   24  1_555 ? ? ? ? ? ? WATSON-CRICK  ?     ? ? 
hydrog42 hydrog ? ? A U 18 O4    ? ? ? 1_555 B U   3  N3 ? ? A U 18  B U   23  1_555 ? ? ? ? ? ? 'U-U MISPAIR' ?     ? ? 
hydrog43 hydrog ? ? A G 19 N1    ? ? ? 1_555 B C   2  N3 ? ? A G 19  B C   22  1_555 ? ? ? ? ? ? WATSON-CRICK  ?     ? ? 
hydrog44 hydrog ? ? A G 19 N2    ? ? ? 1_555 B C   2  O2 ? ? A G 19  B C   22  1_555 ? ? ? ? ? ? WATSON-CRICK  ?     ? ? 
hydrog45 hydrog ? ? A G 19 O6    ? ? ? 1_555 B C   2  N4 ? ? A G 19  B C   22  1_555 ? ? ? ? ? ? WATSON-CRICK  ?     ? ? 
hydrog46 hydrog ? ? A C 20 N3    ? ? ? 1_555 B G   1  N1 ? ? A C 20  B G   21  1_555 ? ? ? ? ? ? WATSON-CRICK  ?     ? ? 
hydrog47 hydrog ? ? A C 20 N4    ? ? ? 1_555 B G   1  O6 ? ? A C 20  B G   21  1_555 ? ? ? ? ? ? WATSON-CRICK  ?     ? ? 
hydrog48 hydrog ? ? A C 20 O2    ? ? ? 1_555 B G   1  N2 ? ? A C 20  B G   21  1_555 ? ? ? ? ? ? WATSON-CRICK  ?     ? ? 
hydrog49 hydrog ? ? C G 1  N1    ? ? ? 1_555 C C   20 N3 ? ? D G 1   D C   20  4_556 ? ? ? ? ? ? WATSON-CRICK  ?     ? ? 
hydrog50 hydrog ? ? C G 1  N2    ? ? ? 1_555 C C   20 O2 ? ? D G 1   D C   20  4_556 ? ? ? ? ? ? WATSON-CRICK  ?     ? ? 
hydrog51 hydrog ? ? C G 1  O6    ? ? ? 1_555 C C   20 N4 ? ? D G 1   D C   20  4_556 ? ? ? ? ? ? WATSON-CRICK  ?     ? ? 
hydrog52 hydrog ? ? C C 2  N3    ? ? ? 1_555 C G   19 N1 ? ? D C 2   D G   19  4_556 ? ? ? ? ? ? WATSON-CRICK  ?     ? ? 
hydrog53 hydrog ? ? C C 2  N4    ? ? ? 1_555 C G   19 O6 ? ? D C 2   D G   19  4_556 ? ? ? ? ? ? WATSON-CRICK  ?     ? ? 
hydrog54 hydrog ? ? C C 2  O2    ? ? ? 1_555 C G   19 N2 ? ? D C 2   D G   19  4_556 ? ? ? ? ? ? WATSON-CRICK  ?     ? ? 
hydrog55 hydrog ? ? C U 3  N3    ? ? ? 1_555 C U   18 O4 ? ? D U 3   D U   18  4_556 ? ? ? ? ? ? 'U-U MISPAIR' ?     ? ? 
hydrog56 hydrog ? ? C G 4  N1    ? ? ? 1_555 C C   17 N3 ? ? D G 4   D C   17  4_556 ? ? ? ? ? ? WATSON-CRICK  ?     ? ? 
hydrog57 hydrog ? ? C G 4  N2    ? ? ? 1_555 C C   17 O2 ? ? D G 4   D C   17  4_556 ? ? ? ? ? ? WATSON-CRICK  ?     ? ? 
hydrog58 hydrog ? ? C G 4  O6    ? ? ? 1_555 C C   17 N4 ? ? D G 4   D C   17  4_556 ? ? ? ? ? ? WATSON-CRICK  ?     ? ? 
hydrog59 hydrog ? ? C C 5  N3    ? ? ? 1_555 C G   16 N1 ? ? D C 5   D G   16  4_556 ? ? ? ? ? ? WATSON-CRICK  ?     ? ? 
hydrog60 hydrog ? ? C C 5  N4    ? ? ? 1_555 C G   16 O6 ? ? D C 5   D G   16  4_556 ? ? ? ? ? ? WATSON-CRICK  ?     ? ? 
hydrog61 hydrog ? ? C C 5  O2    ? ? ? 1_555 C G   16 N2 ? ? D C 5   D G   16  4_556 ? ? ? ? ? ? WATSON-CRICK  ?     ? ? 
hydrog62 hydrog ? ? C U 6  O4    ? ? ? 1_555 C U   15 N3 ? ? D U 6   D U   15  4_556 ? ? ? ? ? ? 'U-U MISPAIR' ?     ? ? 
hydrog63 hydrog ? ? C G 7  N1    ? ? ? 1_555 C C   14 N3 ? ? D G 7   D C   14  4_556 ? ? ? ? ? ? WATSON-CRICK  ?     ? ? 
hydrog64 hydrog ? ? C G 7  N2    ? ? ? 1_555 C C   14 O2 ? ? D G 7   D C   14  4_556 ? ? ? ? ? ? WATSON-CRICK  ?     ? ? 
hydrog65 hydrog ? ? C G 7  O6    ? ? ? 1_555 C C   14 N4 ? ? D G 7   D C   14  4_556 ? ? ? ? ? ? WATSON-CRICK  ?     ? ? 
hydrog66 hydrog ? ? C C 8  N3    ? ? ? 1_555 C G   13 N1 ? ? D C 8   D G   13  4_556 ? ? ? ? ? ? WATSON-CRICK  ?     ? ? 
hydrog67 hydrog ? ? C C 8  N4    ? ? ? 1_555 C G   13 O6 ? ? D C 8   D G   13  4_556 ? ? ? ? ? ? WATSON-CRICK  ?     ? ? 
hydrog68 hydrog ? ? C C 8  O2    ? ? ? 1_555 C G   13 N2 ? ? D C 8   D G   13  4_556 ? ? ? ? ? ? WATSON-CRICK  ?     ? ? 
hydrog69 hydrog ? ? C U 9  N3    ? ? ? 1_555 C U   12 O4 ? ? D U 9   D U   12  4_556 ? ? ? ? ? ? 'U-U MISPAIR' ?     ? ? 
hydrog70 hydrog ? ? C G 10 N1    ? ? ? 1_555 C C   11 N3 ? ? D G 10  D C   11  4_556 ? ? ? ? ? ? WATSON-CRICK  ?     ? ? 
hydrog71 hydrog ? ? C G 10 N2    ? ? ? 1_555 C C   11 O2 ? ? D G 10  D C   11  4_556 ? ? ? ? ? ? WATSON-CRICK  ?     ? ? 
hydrog72 hydrog ? ? C G 10 O6    ? ? ? 1_555 C C   11 N4 ? ? D G 10  D C   11  4_556 ? ? ? ? ? ? WATSON-CRICK  ?     ? ? 
hydrog73 hydrog ? ? C C 11 N3    ? ? ? 1_555 C G   10 N1 ? ? D C 11  D G   10  4_556 ? ? ? ? ? ? WATSON-CRICK  ?     ? ? 
hydrog74 hydrog ? ? C C 11 N4    ? ? ? 1_555 C G   10 O6 ? ? D C 11  D G   10  4_556 ? ? ? ? ? ? WATSON-CRICK  ?     ? ? 
hydrog75 hydrog ? ? C C 11 O2    ? ? ? 1_555 C G   10 N2 ? ? D C 11  D G   10  4_556 ? ? ? ? ? ? WATSON-CRICK  ?     ? ? 
hydrog76 hydrog ? ? C U 12 O4    ? ? ? 1_555 C U   9  N3 ? ? D U 12  D U   9   4_556 ? ? ? ? ? ? 'U-U MISPAIR' ?     ? ? 
hydrog77 hydrog ? ? C G 13 N1    ? ? ? 1_555 C C   8  N3 ? ? D G 13  D C   8   4_556 ? ? ? ? ? ? WATSON-CRICK  ?     ? ? 
hydrog78 hydrog ? ? C G 13 N2    ? ? ? 1_555 C C   8  O2 ? ? D G 13  D C   8   4_556 ? ? ? ? ? ? WATSON-CRICK  ?     ? ? 
hydrog79 hydrog ? ? C G 13 O6    ? ? ? 1_555 C C   8  N4 ? ? D G 13  D C   8   4_556 ? ? ? ? ? ? WATSON-CRICK  ?     ? ? 
hydrog80 hydrog ? ? C C 14 N3    ? ? ? 1_555 C G   7  N1 ? ? D C 14  D G   7   4_556 ? ? ? ? ? ? WATSON-CRICK  ?     ? ? 
hydrog81 hydrog ? ? C C 14 N4    ? ? ? 1_555 C G   7  O6 ? ? D C 14  D G   7   4_556 ? ? ? ? ? ? WATSON-CRICK  ?     ? ? 
hydrog82 hydrog ? ? C C 14 O2    ? ? ? 1_555 C G   7  N2 ? ? D C 14  D G   7   4_556 ? ? ? ? ? ? WATSON-CRICK  ?     ? ? 
hydrog83 hydrog ? ? C U 15 N3    ? ? ? 1_555 C U   6  O4 ? ? D U 15  D U   6   4_556 ? ? ? ? ? ? 'U-U MISPAIR' ?     ? ? 
hydrog84 hydrog ? ? C G 16 N1    ? ? ? 1_555 C C   5  N3 ? ? D G 16  D C   5   4_556 ? ? ? ? ? ? WATSON-CRICK  ?     ? ? 
hydrog85 hydrog ? ? C G 16 N2    ? ? ? 1_555 C C   5  O2 ? ? D G 16  D C   5   4_556 ? ? ? ? ? ? WATSON-CRICK  ?     ? ? 
hydrog86 hydrog ? ? C G 16 O6    ? ? ? 1_555 C C   5  N4 ? ? D G 16  D C   5   4_556 ? ? ? ? ? ? WATSON-CRICK  ?     ? ? 
hydrog87 hydrog ? ? C C 17 N3    ? ? ? 1_555 C G   4  N1 ? ? D C 17  D G   4   4_556 ? ? ? ? ? ? WATSON-CRICK  ?     ? ? 
hydrog88 hydrog ? ? C C 17 N4    ? ? ? 1_555 C G   4  O6 ? ? D C 17  D G   4   4_556 ? ? ? ? ? ? WATSON-CRICK  ?     ? ? 
hydrog89 hydrog ? ? C C 17 O2    ? ? ? 1_555 C G   4  N2 ? ? D C 17  D G   4   4_556 ? ? ? ? ? ? WATSON-CRICK  ?     ? ? 
hydrog90 hydrog ? ? C U 18 O4    ? ? ? 1_555 C U   3  N3 ? ? D U 18  D U   3   4_556 ? ? ? ? ? ? 'U-U MISPAIR' ?     ? ? 
hydrog91 hydrog ? ? C G 19 N1    ? ? ? 1_555 C C   2  N3 ? ? D G 19  D C   2   4_556 ? ? ? ? ? ? WATSON-CRICK  ?     ? ? 
hydrog92 hydrog ? ? C G 19 N2    ? ? ? 1_555 C C   2  O2 ? ? D G 19  D C   2   4_556 ? ? ? ? ? ? WATSON-CRICK  ?     ? ? 
hydrog93 hydrog ? ? C G 19 O6    ? ? ? 1_555 C C   2  N4 ? ? D G 19  D C   2   4_556 ? ? ? ? ? ? WATSON-CRICK  ?     ? ? 
hydrog94 hydrog ? ? C C 20 N3    ? ? ? 1_555 C G   1  N1 ? ? D C 20  D G   1   4_556 ? ? ? ? ? ? WATSON-CRICK  ?     ? ? 
hydrog95 hydrog ? ? C C 20 N4    ? ? ? 1_555 C G   1  O6 ? ? D C 20  D G   1   4_556 ? ? ? ? ? ? WATSON-CRICK  ?     ? ? 
hydrog96 hydrog ? ? C C 20 O2    ? ? ? 1_555 C G   1  N2 ? ? D C 20  D G   1   4_556 ? ? ? ? ? ? WATSON-CRICK  ?     ? ? 
# 
loop_
_struct_conn_type.id 
_struct_conn_type.criteria 
_struct_conn_type.reference 
metalc ? ? 
hydrog ? ? 
# 
loop_
_pdbx_struct_conn_angle.id 
_pdbx_struct_conn_angle.ptnr1_label_atom_id 
_pdbx_struct_conn_angle.ptnr1_label_alt_id 
_pdbx_struct_conn_angle.ptnr1_label_asym_id 
_pdbx_struct_conn_angle.ptnr1_label_comp_id 
_pdbx_struct_conn_angle.ptnr1_label_seq_id 
_pdbx_struct_conn_angle.ptnr1_auth_atom_id 
_pdbx_struct_conn_angle.ptnr1_auth_asym_id 
_pdbx_struct_conn_angle.ptnr1_auth_comp_id 
_pdbx_struct_conn_angle.ptnr1_auth_seq_id 
_pdbx_struct_conn_angle.ptnr1_PDB_ins_code 
_pdbx_struct_conn_angle.ptnr1_symmetry 
_pdbx_struct_conn_angle.ptnr2_label_atom_id 
_pdbx_struct_conn_angle.ptnr2_label_alt_id 
_pdbx_struct_conn_angle.ptnr2_label_asym_id 
_pdbx_struct_conn_angle.ptnr2_label_comp_id 
_pdbx_struct_conn_angle.ptnr2_label_seq_id 
_pdbx_struct_conn_angle.ptnr2_auth_atom_id 
_pdbx_struct_conn_angle.ptnr2_auth_asym_id 
_pdbx_struct_conn_angle.ptnr2_auth_comp_id 
_pdbx_struct_conn_angle.ptnr2_auth_seq_id 
_pdbx_struct_conn_angle.ptnr2_PDB_ins_code 
_pdbx_struct_conn_angle.ptnr2_symmetry 
_pdbx_struct_conn_angle.ptnr3_label_atom_id 
_pdbx_struct_conn_angle.ptnr3_label_alt_id 
_pdbx_struct_conn_angle.ptnr3_label_asym_id 
_pdbx_struct_conn_angle.ptnr3_label_comp_id 
_pdbx_struct_conn_angle.ptnr3_label_seq_id 
_pdbx_struct_conn_angle.ptnr3_auth_atom_id 
_pdbx_struct_conn_angle.ptnr3_auth_asym_id 
_pdbx_struct_conn_angle.ptnr3_auth_comp_id 
_pdbx_struct_conn_angle.ptnr3_auth_seq_id 
_pdbx_struct_conn_angle.ptnr3_PDB_ins_code 
_pdbx_struct_conn_angle.ptnr3_symmetry 
_pdbx_struct_conn_angle.value 
_pdbx_struct_conn_angle.value_esd 
1 "O2'" ? A C 8  ? A C 8  ? 1_555 K ? F K . ? A K 103 ? 1_555 "O3'" ? A C   8  ? A C   8   ? 1_555 55.7  ? 
2 "O2'" ? A C 8  ? A C 8  ? 1_555 K ? F K . ? A K 103 ? 1_555 O     ? K HOH .  ? A HOH 214 ? 1_555 128.6 ? 
3 "O3'" ? A C 8  ? A C 8  ? 1_555 K ? F K . ? A K 103 ? 1_555 O     ? K HOH .  ? A HOH 214 ? 1_555 83.8  ? 
4 "O3'" ? A G 19 ? A G 19 ? 1_555 K ? G K . ? A K 104 ? 1_555 "O2'" ? A G   19 ? A G   19  ? 1_555 55.5  ? 
# 
loop_
_struct_site.id 
_struct_site.pdbx_evidence_code 
_struct_site.pdbx_auth_asym_id 
_struct_site.pdbx_auth_comp_id 
_struct_site.pdbx_auth_seq_id 
_struct_site.pdbx_auth_ins_code 
_struct_site.pdbx_num_residues 
_struct_site.details 
AC1 Software A SO4 101 ? 5 'BINDING SITE FOR RESIDUE SO4 A 101' 
AC2 Software A SO4 102 ? 7 'BINDING SITE FOR RESIDUE SO4 A 102' 
AC3 Software A K   103 ? 3 'BINDING SITE FOR RESIDUE K A 103'   
AC4 Software A K   104 ? 6 'BINDING SITE FOR RESIDUE K A 104'   
AC5 Software B SO4 101 ? 6 'BINDING SITE FOR RESIDUE SO4 B 101' 
AC6 Software B SO4 102 ? 6 'BINDING SITE FOR RESIDUE SO4 B 102' 
AC7 Software D SO4 101 ? 4 'BINDING SITE FOR RESIDUE SO4 D 101' 
# 
loop_
_struct_site_gen.id 
_struct_site_gen.site_id 
_struct_site_gen.pdbx_num_res 
_struct_site_gen.label_comp_id 
_struct_site_gen.label_asym_id 
_struct_site_gen.label_seq_id 
_struct_site_gen.pdbx_auth_ins_code 
_struct_site_gen.auth_comp_id 
_struct_site_gen.auth_asym_id 
_struct_site_gen.auth_seq_id 
_struct_site_gen.label_atom_id 
_struct_site_gen.label_alt_id 
_struct_site_gen.symmetry 
_struct_site_gen.details 
1  AC1 5 U   A 12 ? U   A 12  . ? 1_555 ? 
2  AC1 5 HOH K .  ? HOH A 229 . ? 1_555 ? 
3  AC1 5 G   B 10 ? G   B 30  . ? 1_555 ? 
4  AC1 5 C   B 11 ? C   B 31  . ? 1_555 ? 
5  AC1 5 HOH L .  ? HOH B 208 . ? 1_555 ? 
6  AC2 7 G   A 13 ? G   A 13  . ? 1_555 ? 
7  AC2 7 C   A 14 ? C   A 14  . ? 1_555 ? 
8  AC2 7 C   A 14 ? C   A 14  . ? 3_555 ? 
9  AC2 7 C   A 14 ? C   A 14  . ? 2_555 ? 
10 AC2 7 HOH K .  ? HOH A 232 . ? 2_555 ? 
11 AC2 7 HOH K .  ? HOH A 232 . ? 3_555 ? 
12 AC2 7 HOH K .  ? HOH A 232 . ? 1_555 ? 
13 AC3 3 C   A 8  ? C   A 8   . ? 1_555 ? 
14 AC3 3 C   A 8  ? C   A 8   . ? 3_565 ? 
15 AC3 3 C   A 8  ? C   A 8   . ? 2_665 ? 
16 AC4 6 G   A 19 ? G   A 19  . ? 3_565 ? 
17 AC4 6 G   A 19 ? G   A 19  . ? 1_555 ? 
18 AC4 6 G   A 19 ? G   A 19  . ? 2_665 ? 
19 AC4 6 C   A 20 ? C   A 20  . ? 1_555 ? 
20 AC4 6 C   A 20 ? C   A 20  . ? 2_665 ? 
21 AC4 6 C   A 20 ? C   A 20  . ? 3_565 ? 
22 AC5 6 G   A 4  ? G   A 4   . ? 1_555 ? 
23 AC5 6 C   A 5  ? C   A 5   . ? 1_555 ? 
24 AC5 6 HOH K .  ? HOH A 224 . ? 2_555 ? 
25 AC5 6 U   B 18 ? U   B 38  . ? 1_555 ? 
26 AC5 6 SO4 I .  ? SO4 B 102 . ? 1_555 ? 
27 AC5 6 HOH L .  ? HOH B 225 . ? 1_555 ? 
28 AC6 6 U   A 6  ? U   A 6   . ? 1_555 ? 
29 AC6 6 G   B 16 ? G   B 36  . ? 1_555 ? 
30 AC6 6 C   B 17 ? C   B 37  . ? 1_555 ? 
31 AC6 6 SO4 H .  ? SO4 B 101 . ? 1_555 ? 
32 AC6 6 HOH L .  ? HOH B 206 . ? 1_555 ? 
33 AC6 6 HOH L .  ? HOH B 225 . ? 1_555 ? 
34 AC7 4 U   C 6  ? U   D 6   . ? 4_556 ? 
35 AC7 4 G   C 16 ? G   D 16  . ? 1_555 ? 
36 AC7 4 C   C 17 ? C   D 17  . ? 1_555 ? 
37 AC7 4 HOH M .  ? HOH D 210 . ? 4_556 ? 
# 
loop_
_pdbx_validate_rmsd_bond.id 
_pdbx_validate_rmsd_bond.PDB_model_num 
_pdbx_validate_rmsd_bond.auth_atom_id_1 
_pdbx_validate_rmsd_bond.auth_asym_id_1 
_pdbx_validate_rmsd_bond.auth_comp_id_1 
_pdbx_validate_rmsd_bond.auth_seq_id_1 
_pdbx_validate_rmsd_bond.PDB_ins_code_1 
_pdbx_validate_rmsd_bond.label_alt_id_1 
_pdbx_validate_rmsd_bond.auth_atom_id_2 
_pdbx_validate_rmsd_bond.auth_asym_id_2 
_pdbx_validate_rmsd_bond.auth_comp_id_2 
_pdbx_validate_rmsd_bond.auth_seq_id_2 
_pdbx_validate_rmsd_bond.PDB_ins_code_2 
_pdbx_validate_rmsd_bond.label_alt_id_2 
_pdbx_validate_rmsd_bond.bond_value 
_pdbx_validate_rmsd_bond.bond_target_value 
_pdbx_validate_rmsd_bond.bond_deviation 
_pdbx_validate_rmsd_bond.bond_standard_deviation 
_pdbx_validate_rmsd_bond.linker_flag 
1 1 P A G 1  ? ? OP3 A G 1  ? ? 1.481 1.607 -0.126 0.012 N 
2 1 P B G 21 ? ? OP3 B G 21 ? ? 1.486 1.607 -0.121 0.012 N 
3 1 P D G 1  ? ? OP3 D G 1  ? ? 1.482 1.607 -0.125 0.012 N 
# 
loop_
_pdbx_validate_rmsd_angle.id 
_pdbx_validate_rmsd_angle.PDB_model_num 
_pdbx_validate_rmsd_angle.auth_atom_id_1 
_pdbx_validate_rmsd_angle.auth_asym_id_1 
_pdbx_validate_rmsd_angle.auth_comp_id_1 
_pdbx_validate_rmsd_angle.auth_seq_id_1 
_pdbx_validate_rmsd_angle.PDB_ins_code_1 
_pdbx_validate_rmsd_angle.label_alt_id_1 
_pdbx_validate_rmsd_angle.auth_atom_id_2 
_pdbx_validate_rmsd_angle.auth_asym_id_2 
_pdbx_validate_rmsd_angle.auth_comp_id_2 
_pdbx_validate_rmsd_angle.auth_seq_id_2 
_pdbx_validate_rmsd_angle.PDB_ins_code_2 
_pdbx_validate_rmsd_angle.label_alt_id_2 
_pdbx_validate_rmsd_angle.auth_atom_id_3 
_pdbx_validate_rmsd_angle.auth_asym_id_3 
_pdbx_validate_rmsd_angle.auth_comp_id_3 
_pdbx_validate_rmsd_angle.auth_seq_id_3 
_pdbx_validate_rmsd_angle.PDB_ins_code_3 
_pdbx_validate_rmsd_angle.label_alt_id_3 
_pdbx_validate_rmsd_angle.angle_value 
_pdbx_validate_rmsd_angle.angle_target_value 
_pdbx_validate_rmsd_angle.angle_deviation 
_pdbx_validate_rmsd_angle.angle_standard_deviation 
_pdbx_validate_rmsd_angle.linker_flag 
1 1 OP1   A G 1  ? ? P     A G 1  ? ? OP2   A G 1  ? ? 107.41 119.60 -12.19 1.50 N 
2 1 "C5'" A U 9  ? ? "C4'" A U 9  ? ? "O4'" A U 9  ? ? 116.17 109.80 6.37   0.90 N 
3 1 OP1   B G 21 ? ? P     B G 21 ? ? OP2   B G 21 ? ? 107.95 119.60 -11.65 1.50 N 
4 1 "O4'" B C 40 ? ? "C1'" B C 40 ? ? N1    B C 40 ? ? 112.72 108.50 4.22   0.70 N 
5 1 OP1   D G 1  ? ? P     D G 1  ? ? OP2   D G 1  ? ? 109.23 119.60 -10.37 1.50 N 
# 
loop_
_pdbx_struct_special_symmetry.id 
_pdbx_struct_special_symmetry.PDB_model_num 
_pdbx_struct_special_symmetry.auth_asym_id 
_pdbx_struct_special_symmetry.auth_comp_id 
_pdbx_struct_special_symmetry.auth_seq_id 
_pdbx_struct_special_symmetry.PDB_ins_code 
_pdbx_struct_special_symmetry.label_asym_id 
_pdbx_struct_special_symmetry.label_comp_id 
_pdbx_struct_special_symmetry.label_seq_id 
1  1 A SO4 102 ? E SO4 . 
2  1 A SO4 102 ? E SO4 . 
3  1 A K   103 ? F K   . 
4  1 A K   104 ? G K   . 
5  1 A HOH 203 ? K HOH . 
6  1 A HOH 211 ? K HOH . 
7  1 A HOH 214 ? K HOH . 
8  1 A HOH 216 ? K HOH . 
9  1 A HOH 240 ? K HOH . 
10 1 A HOH 241 ? K HOH . 
11 1 B HOH 205 ? L HOH . 
12 1 B HOH 209 ? L HOH . 
13 1 B HOH 213 ? L HOH . 
14 1 B HOH 223 ? L HOH . 
15 1 B HOH 230 ? L HOH . 
16 1 B HOH 231 ? L HOH . 
17 1 B HOH 237 ? L HOH . 
# 
loop_
_chem_comp_atom.comp_id 
_chem_comp_atom.atom_id 
_chem_comp_atom.type_symbol 
_chem_comp_atom.pdbx_aromatic_flag 
_chem_comp_atom.pdbx_stereo_config 
_chem_comp_atom.pdbx_ordinal 
C   OP3    O N N 1   
C   P      P N N 2   
C   OP1    O N N 3   
C   OP2    O N N 4   
C   "O5'"  O N N 5   
C   "C5'"  C N N 6   
C   "C4'"  C N R 7   
C   "O4'"  O N N 8   
C   "C3'"  C N S 9   
C   "O3'"  O N N 10  
C   "C2'"  C N R 11  
C   "O2'"  O N N 12  
C   "C1'"  C N R 13  
C   N1     N N N 14  
C   C2     C N N 15  
C   O2     O N N 16  
C   N3     N N N 17  
C   C4     C N N 18  
C   N4     N N N 19  
C   C5     C N N 20  
C   C6     C N N 21  
C   HOP3   H N N 22  
C   HOP2   H N N 23  
C   "H5'"  H N N 24  
C   "H5''" H N N 25  
C   "H4'"  H N N 26  
C   "H3'"  H N N 27  
C   "HO3'" H N N 28  
C   "H2'"  H N N 29  
C   "HO2'" H N N 30  
C   "H1'"  H N N 31  
C   H41    H N N 32  
C   H42    H N N 33  
C   H5     H N N 34  
C   H6     H N N 35  
G   OP3    O N N 36  
G   P      P N N 37  
G   OP1    O N N 38  
G   OP2    O N N 39  
G   "O5'"  O N N 40  
G   "C5'"  C N N 41  
G   "C4'"  C N R 42  
G   "O4'"  O N N 43  
G   "C3'"  C N S 44  
G   "O3'"  O N N 45  
G   "C2'"  C N R 46  
G   "O2'"  O N N 47  
G   "C1'"  C N R 48  
G   N9     N Y N 49  
G   C8     C Y N 50  
G   N7     N Y N 51  
G   C5     C Y N 52  
G   C6     C N N 53  
G   O6     O N N 54  
G   N1     N N N 55  
G   C2     C N N 56  
G   N2     N N N 57  
G   N3     N N N 58  
G   C4     C Y N 59  
G   HOP3   H N N 60  
G   HOP2   H N N 61  
G   "H5'"  H N N 62  
G   "H5''" H N N 63  
G   "H4'"  H N N 64  
G   "H3'"  H N N 65  
G   "HO3'" H N N 66  
G   "H2'"  H N N 67  
G   "HO2'" H N N 68  
G   "H1'"  H N N 69  
G   H8     H N N 70  
G   H1     H N N 71  
G   H21    H N N 72  
G   H22    H N N 73  
HOH O      O N N 74  
HOH H1     H N N 75  
HOH H2     H N N 76  
K   K      K N N 77  
SO4 S      S N N 78  
SO4 O1     O N N 79  
SO4 O2     O N N 80  
SO4 O3     O N N 81  
SO4 O4     O N N 82  
U   OP3    O N N 83  
U   P      P N N 84  
U   OP1    O N N 85  
U   OP2    O N N 86  
U   "O5'"  O N N 87  
U   "C5'"  C N N 88  
U   "C4'"  C N R 89  
U   "O4'"  O N N 90  
U   "C3'"  C N S 91  
U   "O3'"  O N N 92  
U   "C2'"  C N R 93  
U   "O2'"  O N N 94  
U   "C1'"  C N R 95  
U   N1     N N N 96  
U   C2     C N N 97  
U   O2     O N N 98  
U   N3     N N N 99  
U   C4     C N N 100 
U   O4     O N N 101 
U   C5     C N N 102 
U   C6     C N N 103 
U   HOP3   H N N 104 
U   HOP2   H N N 105 
U   "H5'"  H N N 106 
U   "H5''" H N N 107 
U   "H4'"  H N N 108 
U   "H3'"  H N N 109 
U   "HO3'" H N N 110 
U   "H2'"  H N N 111 
U   "HO2'" H N N 112 
U   "H1'"  H N N 113 
U   H3     H N N 114 
U   H5     H N N 115 
U   H6     H N N 116 
# 
loop_
_chem_comp_bond.comp_id 
_chem_comp_bond.atom_id_1 
_chem_comp_bond.atom_id_2 
_chem_comp_bond.value_order 
_chem_comp_bond.pdbx_aromatic_flag 
_chem_comp_bond.pdbx_stereo_config 
_chem_comp_bond.pdbx_ordinal 
C   OP3   P      sing N N 1   
C   OP3   HOP3   sing N N 2   
C   P     OP1    doub N N 3   
C   P     OP2    sing N N 4   
C   P     "O5'"  sing N N 5   
C   OP2   HOP2   sing N N 6   
C   "O5'" "C5'"  sing N N 7   
C   "C5'" "C4'"  sing N N 8   
C   "C5'" "H5'"  sing N N 9   
C   "C5'" "H5''" sing N N 10  
C   "C4'" "O4'"  sing N N 11  
C   "C4'" "C3'"  sing N N 12  
C   "C4'" "H4'"  sing N N 13  
C   "O4'" "C1'"  sing N N 14  
C   "C3'" "O3'"  sing N N 15  
C   "C3'" "C2'"  sing N N 16  
C   "C3'" "H3'"  sing N N 17  
C   "O3'" "HO3'" sing N N 18  
C   "C2'" "O2'"  sing N N 19  
C   "C2'" "C1'"  sing N N 20  
C   "C2'" "H2'"  sing N N 21  
C   "O2'" "HO2'" sing N N 22  
C   "C1'" N1     sing N N 23  
C   "C1'" "H1'"  sing N N 24  
C   N1    C2     sing N N 25  
C   N1    C6     sing N N 26  
C   C2    O2     doub N N 27  
C   C2    N3     sing N N 28  
C   N3    C4     doub N N 29  
C   C4    N4     sing N N 30  
C   C4    C5     sing N N 31  
C   N4    H41    sing N N 32  
C   N4    H42    sing N N 33  
C   C5    C6     doub N N 34  
C   C5    H5     sing N N 35  
C   C6    H6     sing N N 36  
G   OP3   P      sing N N 37  
G   OP3   HOP3   sing N N 38  
G   P     OP1    doub N N 39  
G   P     OP2    sing N N 40  
G   P     "O5'"  sing N N 41  
G   OP2   HOP2   sing N N 42  
G   "O5'" "C5'"  sing N N 43  
G   "C5'" "C4'"  sing N N 44  
G   "C5'" "H5'"  sing N N 45  
G   "C5'" "H5''" sing N N 46  
G   "C4'" "O4'"  sing N N 47  
G   "C4'" "C3'"  sing N N 48  
G   "C4'" "H4'"  sing N N 49  
G   "O4'" "C1'"  sing N N 50  
G   "C3'" "O3'"  sing N N 51  
G   "C3'" "C2'"  sing N N 52  
G   "C3'" "H3'"  sing N N 53  
G   "O3'" "HO3'" sing N N 54  
G   "C2'" "O2'"  sing N N 55  
G   "C2'" "C1'"  sing N N 56  
G   "C2'" "H2'"  sing N N 57  
G   "O2'" "HO2'" sing N N 58  
G   "C1'" N9     sing N N 59  
G   "C1'" "H1'"  sing N N 60  
G   N9    C8     sing Y N 61  
G   N9    C4     sing Y N 62  
G   C8    N7     doub Y N 63  
G   C8    H8     sing N N 64  
G   N7    C5     sing Y N 65  
G   C5    C6     sing N N 66  
G   C5    C4     doub Y N 67  
G   C6    O6     doub N N 68  
G   C6    N1     sing N N 69  
G   N1    C2     sing N N 70  
G   N1    H1     sing N N 71  
G   C2    N2     sing N N 72  
G   C2    N3     doub N N 73  
G   N2    H21    sing N N 74  
G   N2    H22    sing N N 75  
G   N3    C4     sing N N 76  
HOH O     H1     sing N N 77  
HOH O     H2     sing N N 78  
SO4 S     O1     doub N N 79  
SO4 S     O2     doub N N 80  
SO4 S     O3     sing N N 81  
SO4 S     O4     sing N N 82  
U   OP3   P      sing N N 83  
U   OP3   HOP3   sing N N 84  
U   P     OP1    doub N N 85  
U   P     OP2    sing N N 86  
U   P     "O5'"  sing N N 87  
U   OP2   HOP2   sing N N 88  
U   "O5'" "C5'"  sing N N 89  
U   "C5'" "C4'"  sing N N 90  
U   "C5'" "H5'"  sing N N 91  
U   "C5'" "H5''" sing N N 92  
U   "C4'" "O4'"  sing N N 93  
U   "C4'" "C3'"  sing N N 94  
U   "C4'" "H4'"  sing N N 95  
U   "O4'" "C1'"  sing N N 96  
U   "C3'" "O3'"  sing N N 97  
U   "C3'" "C2'"  sing N N 98  
U   "C3'" "H3'"  sing N N 99  
U   "O3'" "HO3'" sing N N 100 
U   "C2'" "O2'"  sing N N 101 
U   "C2'" "C1'"  sing N N 102 
U   "C2'" "H2'"  sing N N 103 
U   "O2'" "HO2'" sing N N 104 
U   "C1'" N1     sing N N 105 
U   "C1'" "H1'"  sing N N 106 
U   N1    C2     sing N N 107 
U   N1    C6     sing N N 108 
U   C2    O2     doub N N 109 
U   C2    N3     sing N N 110 
U   N3    C4     sing N N 111 
U   N3    H3     sing N N 112 
U   C4    O4     doub N N 113 
U   C4    C5     sing N N 114 
U   C5    C6     doub N N 115 
U   C5    H5     sing N N 116 
U   C6    H6     sing N N 117 
# 
loop_
_ndb_struct_conf_na.entry_id 
_ndb_struct_conf_na.feature 
4E48 'double helix'         
4E48 'a-form double helix'  
4E48 'mismatched base pair' 
# 
loop_
_ndb_struct_na_base_pair.model_number 
_ndb_struct_na_base_pair.i_label_asym_id 
_ndb_struct_na_base_pair.i_label_comp_id 
_ndb_struct_na_base_pair.i_label_seq_id 
_ndb_struct_na_base_pair.i_symmetry 
_ndb_struct_na_base_pair.j_label_asym_id 
_ndb_struct_na_base_pair.j_label_comp_id 
_ndb_struct_na_base_pair.j_label_seq_id 
_ndb_struct_na_base_pair.j_symmetry 
_ndb_struct_na_base_pair.shear 
_ndb_struct_na_base_pair.stretch 
_ndb_struct_na_base_pair.stagger 
_ndb_struct_na_base_pair.buckle 
_ndb_struct_na_base_pair.propeller 
_ndb_struct_na_base_pair.opening 
_ndb_struct_na_base_pair.pair_number 
_ndb_struct_na_base_pair.pair_name 
_ndb_struct_na_base_pair.i_auth_asym_id 
_ndb_struct_na_base_pair.i_auth_seq_id 
_ndb_struct_na_base_pair.i_PDB_ins_code 
_ndb_struct_na_base_pair.j_auth_asym_id 
_ndb_struct_na_base_pair.j_auth_seq_id 
_ndb_struct_na_base_pair.j_PDB_ins_code 
_ndb_struct_na_base_pair.hbond_type_28 
_ndb_struct_na_base_pair.hbond_type_12 
1 A G 1  1_555 B C 20 1_555 -0.588 -0.050 0.145  -2.214 -11.873 -3.421  1  A_G1:C40_B  A 1  ? B 40 ? 19 1 
1 A C 2  1_555 B G 19 1_555 0.298  -0.128 -0.251 3.086  -12.807 -0.727  2  A_C2:G39_B  A 2  ? B 39 ? 19 1 
1 A U 3  1_555 B U 18 1_555 2.230  -1.230 -0.204 -5.124 -13.360 -25.106 3  A_U3:U38_B  A 3  ? B 38 ? ?  ? 
1 A G 4  1_555 B C 17 1_555 -0.490 -0.194 -0.034 -1.615 -0.702  -1.531  4  A_G4:C37_B  A 4  ? B 37 ? 19 1 
1 A C 5  1_555 B G 16 1_555 0.564  -0.149 -0.027 2.861  -0.712  -0.093  5  A_C5:G36_B  A 5  ? B 36 ? 19 1 
1 A U 6  1_555 B U 15 1_555 -2.390 -1.182 -0.405 7.720  -11.620 -26.251 6  A_U6:U35_B  A 6  ? B 35 ? ?  ? 
1 A G 7  1_555 B C 14 1_555 -0.381 -0.164 0.016  -0.755 -9.050  1.810   7  A_G7:C34_B  A 7  ? B 34 ? 19 1 
1 A C 8  1_555 B G 13 1_555 0.531  -0.354 -0.137 1.029  -8.877  -7.020  8  A_C8:G33_B  A 8  ? B 33 ? 19 1 
1 A U 9  1_555 B U 12 1_555 2.689  -1.240 -0.203 -4.774 -8.964  -23.624 9  A_U9:U32_B  A 9  ? B 32 ? ?  ? 
1 A G 10 1_555 B C 11 1_555 -0.362 -0.079 0.085  -2.321 -7.429  -1.556  10 A_G10:C31_B A 10 ? B 31 ? 19 1 
1 A C 11 1_555 B G 10 1_555 0.650  -0.177 0.032  3.380  -7.659  -1.017  11 A_C11:G30_B A 11 ? B 30 ? 19 1 
1 A U 12 1_555 B U 9  1_555 -2.165 -1.247 -0.545 3.538  -16.134 -19.350 12 A_U12:U29_B A 12 ? B 29 ? ?  ? 
1 A G 13 1_555 B C 8  1_555 -0.140 -0.288 0.183  -2.219 -10.448 -1.512  13 A_G13:C28_B A 13 ? B 28 ? 19 1 
1 A C 14 1_555 B G 7  1_555 0.732  -0.332 0.098  -3.862 -10.270 -9.077  14 A_C14:G27_B A 14 ? B 27 ? 19 1 
1 A U 15 1_555 B U 6  1_555 2.309  -1.102 -0.229 -2.392 -9.233  -24.271 15 A_U15:U26_B A 15 ? B 26 ? ?  ? 
1 A G 16 1_555 B C 5  1_555 -0.374 -0.151 0.039  -1.426 -7.936  0.124   16 A_G16:C25_B A 16 ? B 25 ? 19 1 
1 A C 17 1_555 B G 4  1_555 0.606  -0.240 0.233  -2.346 -18.644 2.587   17 A_C17:G24_B A 17 ? B 24 ? 19 1 
1 A U 18 1_555 B U 3  1_555 -1.408 -1.385 0.270  2.130  -11.843 2.528   18 A_U18:U23_B A 18 ? B 23 ? ?  ? 
1 A G 19 1_555 B C 2  1_555 -0.843 -0.218 -0.189 -0.565 -9.765  2.505   19 A_G19:C22_B A 19 ? B 22 ? 19 1 
1 A C 20 1_555 B G 1  1_555 0.449  -0.024 -0.279 6.642  1.577   4.604   20 A_C20:G21_B A 20 ? B 21 ? 19 1 
1 C G 1  1_555 C C 20 4_556 -0.567 0.066  0.147  -6.768 -10.223 6.433   21 D_G1:C20_D  D 1  ? D 20 ? 19 1 
1 C C 2  1_555 C G 19 4_556 1.120  -0.075 0.387  0.635  -12.833 3.233   22 D_C2:G19_D  D 2  ? D 19 ? 19 1 
1 C U 3  1_555 C U 18 4_556 0.766  -1.137 0.023  1.847  -13.821 -11.147 23 D_U3:U18_D  D 3  ? D 18 ? ?  ? 
1 C G 4  1_555 C C 17 4_556 -0.275 -0.151 -0.034 -2.703 -14.057 -2.641  24 D_G4:C17_D  D 4  ? D 17 ? 19 1 
1 C C 5  1_555 C G 16 4_556 0.712  -0.208 -0.055 3.717  -7.638  -0.701  25 D_C5:G16_D  D 5  ? D 16 ? 19 1 
1 C U 6  1_555 C U 15 4_556 -2.620 -1.392 -0.366 2.235  -11.713 -22.994 26 D_U6:U15_D  D 6  ? D 15 ? ?  ? 
1 C G 7  1_555 C C 14 4_556 -0.624 -0.109 0.071  2.668  -7.259  0.574   27 D_G7:C14_D  D 7  ? D 14 ? 19 1 
1 C C 8  1_555 C G 13 4_556 1.091  -0.357 -0.191 3.614  -12.465 -1.466  28 D_C8:G13_D  D 8  ? D 13 ? 19 1 
1 C U 9  1_555 C U 12 4_556 1.834  -1.363 -0.059 -3.662 -7.096  -19.412 29 D_U9:U12_D  D 9  ? D 12 ? ?  ? 
1 C G 10 1_555 C C 11 4_556 -0.619 -0.135 0.102  -4.542 -7.596  0.369   30 D_G10:C11_D D 10 ? D 11 ? 19 1 
1 C C 11 1_555 C G 10 4_556 0.619  -0.135 0.102  4.542  -7.596  0.369   31 D_C11:G10_D D 11 ? D 10 ? 19 1 
1 C U 12 1_555 C U 9  4_556 -1.834 -1.363 -0.059 3.662  -7.096  -19.412 32 D_U12:U9_D  D 12 ? D 9  ? ?  ? 
1 C G 13 1_555 C C 8  4_556 -1.091 -0.357 -0.191 -3.614 -12.465 -1.466  33 D_G13:C8_D  D 13 ? D 8  ? 19 1 
1 C C 14 1_555 C G 7  4_556 0.624  -0.109 0.071  -2.668 -7.259  0.574   34 D_C14:G7_D  D 14 ? D 7  ? 19 1 
1 C U 15 1_555 C U 6  4_556 2.620  -1.392 -0.366 -2.235 -11.713 -22.994 35 D_U15:U6_D  D 15 ? D 6  ? ?  ? 
1 C G 16 1_555 C C 5  4_556 -0.712 -0.208 -0.055 -3.718 -7.637  -0.701  36 D_G16:C5_D  D 16 ? D 5  ? 19 1 
1 C C 17 1_555 C G 4  4_556 0.275  -0.151 -0.034 2.703  -14.057 -2.641  37 D_C17:G4_D  D 17 ? D 4  ? 19 1 
1 C U 18 1_555 C U 3  4_556 -0.766 -1.137 0.023  -1.847 -13.821 -11.147 38 D_U18:U3_D  D 18 ? D 3  ? ?  ? 
1 C G 19 1_555 C C 2  4_556 -1.120 -0.075 0.387  -0.635 -12.833 3.233   39 D_G19:C2_D  D 19 ? D 2  ? 19 1 
1 C C 20 1_555 C G 1  4_556 0.567  0.066  0.147  6.768  -10.223 6.433   40 D_C20:G1_D  D 20 ? D 1  ? 19 1 
# 
loop_
_ndb_struct_na_base_pair_step.model_number 
_ndb_struct_na_base_pair_step.i_label_asym_id_1 
_ndb_struct_na_base_pair_step.i_label_comp_id_1 
_ndb_struct_na_base_pair_step.i_label_seq_id_1 
_ndb_struct_na_base_pair_step.i_symmetry_1 
_ndb_struct_na_base_pair_step.j_label_asym_id_1 
_ndb_struct_na_base_pair_step.j_label_comp_id_1 
_ndb_struct_na_base_pair_step.j_label_seq_id_1 
_ndb_struct_na_base_pair_step.j_symmetry_1 
_ndb_struct_na_base_pair_step.i_label_asym_id_2 
_ndb_struct_na_base_pair_step.i_label_comp_id_2 
_ndb_struct_na_base_pair_step.i_label_seq_id_2 
_ndb_struct_na_base_pair_step.i_symmetry_2 
_ndb_struct_na_base_pair_step.j_label_asym_id_2 
_ndb_struct_na_base_pair_step.j_label_comp_id_2 
_ndb_struct_na_base_pair_step.j_label_seq_id_2 
_ndb_struct_na_base_pair_step.j_symmetry_2 
_ndb_struct_na_base_pair_step.shift 
_ndb_struct_na_base_pair_step.slide 
_ndb_struct_na_base_pair_step.rise 
_ndb_struct_na_base_pair_step.tilt 
_ndb_struct_na_base_pair_step.roll 
_ndb_struct_na_base_pair_step.twist 
_ndb_struct_na_base_pair_step.x_displacement 
_ndb_struct_na_base_pair_step.y_displacement 
_ndb_struct_na_base_pair_step.helical_rise 
_ndb_struct_na_base_pair_step.inclination 
_ndb_struct_na_base_pair_step.tip 
_ndb_struct_na_base_pair_step.helical_twist 
_ndb_struct_na_base_pair_step.step_number 
_ndb_struct_na_base_pair_step.step_name 
_ndb_struct_na_base_pair_step.i_auth_asym_id_1 
_ndb_struct_na_base_pair_step.i_auth_seq_id_1 
_ndb_struct_na_base_pair_step.i_PDB_ins_code_1 
_ndb_struct_na_base_pair_step.j_auth_asym_id_1 
_ndb_struct_na_base_pair_step.j_auth_seq_id_1 
_ndb_struct_na_base_pair_step.j_PDB_ins_code_1 
_ndb_struct_na_base_pair_step.i_auth_asym_id_2 
_ndb_struct_na_base_pair_step.i_auth_seq_id_2 
_ndb_struct_na_base_pair_step.i_PDB_ins_code_2 
_ndb_struct_na_base_pair_step.j_auth_asym_id_2 
_ndb_struct_na_base_pair_step.j_auth_seq_id_2 
_ndb_struct_na_base_pair_step.j_PDB_ins_code_2 
1 A G 1  1_555 B C 20 1_555 A C 2  1_555 B G 19 1_555 -0.206 -1.849 3.216 2.551  3.522  33.447 -3.733  0.749  2.988 6.088  -4.410 
33.721 1  AA_G1C2:G39C40_BB   A 1  ? B 40 ? A 2  ? B 39 ? 
1 A C 2  1_555 B G 19 1_555 A U 3  1_555 B U 18 1_555 -1.141 -1.868 3.635 2.199  13.792 40.229 -3.998  1.800  2.812 19.360 -3.087 
42.490 2  AA_C2U3:U38G39_BB   A 2  ? B 39 ? A 3  ? B 38 ? 
1 A U 3  1_555 B U 18 1_555 A G 4  1_555 B C 17 1_555 1.689  -2.089 3.025 2.400  8.801  23.351 -7.001  -3.299 2.258 20.757 -5.660 
25.047 3  AA_U3G4:C37U38_BB   A 3  ? B 38 ? A 4  ? B 37 ? 
1 A G 4  1_555 B C 17 1_555 A C 5  1_555 B G 16 1_555 -0.010 -2.107 3.272 0.277  0.620  29.801 -4.224  0.077  3.228 1.206  -0.538 
29.809 4  AA_G4C5:G36C37_BB   A 4  ? B 37 ? A 5  ? B 36 ? 
1 A C 5  1_555 B G 16 1_555 A U 6  1_555 B U 15 1_555 -1.601 -2.088 3.028 -1.029 8.699  21.793 -7.535  3.652  2.119 21.903 2.590  
23.468 5  AA_C5U6:U35G36_BB   A 5  ? B 36 ? A 6  ? B 35 ? 
1 A U 6  1_555 B U 15 1_555 A G 7  1_555 B C 14 1_555 1.377  -1.838 3.559 -4.484 12.066 40.557 -3.752  -2.352 2.766 16.900 6.281  
42.469 6  AA_U6G7:C34U35_BB   A 6  ? B 35 ? A 7  ? B 34 ? 
1 A G 7  1_555 B C 14 1_555 A C 8  1_555 B G 13 1_555 -0.313 -1.955 3.265 1.338  9.966  33.223 -4.677  0.712  2.575 16.952 -2.276 
34.671 7  AA_G7C8:G33C34_BB   A 7  ? B 34 ? A 8  ? B 33 ? 
1 A C 8  1_555 B G 13 1_555 A U 9  1_555 B U 12 1_555 -0.902 -1.699 3.547 2.849  6.214  43.313 -2.892  1.491  3.223 8.357  -3.831 
43.824 8  AA_C8U9:U32G33_BB   A 8  ? B 33 ? A 9  ? B 32 ? 
1 A U 9  1_555 B U 12 1_555 A G 10 1_555 B C 11 1_555 1.127  -2.373 3.032 2.657  8.801  20.417 -8.742  -2.111 1.979 23.359 -7.052 
22.372 9  AA_U9G10:C31U32_BB  A 9  ? B 32 ? A 10 ? B 31 ? 
1 A G 10 1_555 B C 11 1_555 A C 11 1_555 B G 10 1_555 0.209  -1.586 3.124 0.209  4.051  32.185 -3.498  -0.339 2.909 7.271  -0.375 
32.433 10 AA_G10C11:G30C31_BB A 10 ? B 31 ? A 11 ? B 30 ? 
1 A C 11 1_555 B G 10 1_555 A U 12 1_555 B U 9  1_555 -1.451 -1.947 3.144 -0.123 11.809 22.267 -7.305  3.300  1.891 28.174 0.293  
25.170 11 AA_C11U12:U29G30_BB A 11 ? B 30 ? A 12 ? B 29 ? 
1 A U 12 1_555 B U 9  1_555 A G 13 1_555 B C 8  1_555 1.034  -1.867 3.521 -6.945 11.609 40.891 -3.675  -2.085 2.715 16.094 9.629  
42.979 12 AA_U12G13:C28U29_BB A 12 ? B 29 ? A 13 ? B 28 ? 
1 A G 13 1_555 B C 8  1_555 A C 14 1_555 B G 7  1_555 -0.045 -1.808 3.375 1.998  8.383  35.090 -4.067  0.346  2.874 13.650 -3.254 
36.100 13 AA_G13C14:G27C28_BB A 13 ? B 28 ? A 14 ? B 27 ? 
1 A C 14 1_555 B G 7  1_555 A U 15 1_555 B U 6  1_555 -0.605 -2.049 3.213 6.059  5.408  39.319 -3.560  1.524  2.798 7.934  -8.889 
40.117 14 AA_C14U15:U26G27_BB A 14 ? B 27 ? A 15 ? B 26 ? 
1 A U 15 1_555 B U 6  1_555 A G 16 1_555 B C 5  1_555 1.039  -2.503 3.197 0.579  7.251  18.507 -10.128 -2.780 2.104 21.499 -1.718 
19.874 15 AA_U15G16:C25U26_BB A 15 ? B 26 ? A 16 ? B 25 ? 
1 A G 16 1_555 B C 5  1_555 A C 17 1_555 B G 4  1_555 0.188  -1.497 3.260 -0.523 6.477  36.162 -3.224  -0.366 2.954 10.332 0.834  
36.722 16 AA_G16C17:G24C25_BB A 16 ? B 25 ? A 17 ? B 24 ? 
1 A C 17 1_555 B G 4  1_555 A U 18 1_555 B U 3  1_555 -0.297 -1.463 3.044 -4.763 10.917 22.472 -5.976  -0.480 2.133 25.814 11.262 
25.397 17 AA_C17U18:U23G24_BB A 17 ? B 24 ? A 18 ? B 23 ? 
1 A U 18 1_555 B U 3  1_555 A G 19 1_555 B C 2  1_555 0.366  -1.630 3.336 2.249  10.938 32.733 -4.349  -0.286 2.688 18.742 -3.853 
34.536 18 AA_U18G19:C22U23_BB A 18 ? B 23 ? A 19 ? B 22 ? 
1 A G 19 1_555 B C 2  1_555 A C 20 1_555 B G 1  1_555 0.326  -1.968 3.250 0.788  -0.385 31.676 -3.533  -0.453 3.280 -0.706 -1.443 
31.688 19 AA_G19C20:G21C22_BB A 19 ? B 22 ? A 20 ? B 21 ? 
1 C G 1  1_555 C C 20 4_556 C C 2  1_555 C G 19 4_556 -0.283 -1.535 3.054 -2.883 3.661  39.027 -2.682  0.107  2.917 5.456  4.297  
39.293 20 DD_G1C2:G19C20_DD   D 1  ? D 20 ? D 2  ? D 19 ? 
1 C C 2  1_555 C G 19 4_556 C U 3  1_555 C U 18 4_556 -1.276 -1.535 3.099 1.756  5.326  32.780 -3.486  2.495  2.752 9.351  -3.083 
33.244 21 DD_C2U3:U18G19_DD   D 2  ? D 19 ? D 3  ? D 18 ? 
1 C U 3  1_555 C U 18 4_556 C G 4  1_555 C C 17 4_556 0.506  -1.651 3.276 1.037  8.542  29.041 -4.777  -0.773 2.708 16.580 -2.012 
30.262 22 DD_U3G4:C17U18_DD   D 3  ? D 18 ? D 4  ? D 17 ? 
1 C G 4  1_555 C C 17 4_556 C C 5  1_555 C G 16 4_556 0.012  -1.619 3.185 0.317  3.297  34.439 -3.205  0.027  3.022 5.553  -0.534 
34.593 23 DD_G4C5:G16C17_DD   D 4  ? D 17 ? D 5  ? D 16 ? 
1 C C 5  1_555 C G 16 4_556 C U 6  1_555 C U 15 4_556 -1.519 -1.981 3.189 -1.786 13.675 20.783 -7.947  3.086  1.700 33.555 4.382  
24.900 24 DD_C5U6:U15G16_DD   D 5  ? D 16 ? D 6  ? D 15 ? 
1 C U 6  1_555 C U 15 4_556 C G 7  1_555 C C 14 4_556 1.191  -1.879 3.323 -4.279 8.845  40.048 -3.568  -2.128 2.729 12.685 6.138  
41.188 25 DD_U6G7:C14U15_DD   D 6  ? D 15 ? D 7  ? D 14 ? 
1 C G 7  1_555 C C 14 4_556 C C 8  1_555 C G 13 4_556 0.237  -1.563 3.239 3.133  10.068 37.824 -3.454  -0.003 2.760 15.174 -4.722 
39.214 26 DD_G7C8:G13C14_DD   D 7  ? D 14 ? D 8  ? D 13 ? 
1 C C 8  1_555 C G 13 4_556 C U 9  1_555 C U 12 4_556 -0.924 -1.773 3.448 0.711  11.960 35.138 -4.341  1.546  2.703 19.136 -1.137 
37.064 27 DD_C8U9:U12G13_DD   D 8  ? D 13 ? D 9  ? D 12 ? 
1 C U 9  1_555 C U 12 4_556 C G 10 1_555 C C 11 4_556 1.408  -2.245 3.184 2.017  8.392  25.032 -6.868  -2.604 2.420 18.668 -4.487 
26.455 28 DD_U9G10:C11U12_DD  D 9  ? D 12 ? D 10 ? D 11 ? 
1 C G 10 1_555 C C 11 4_556 C C 11 1_555 C G 10 4_556 0.000  -2.032 2.999 0.000  2.722  31.553 -4.171  0.000  2.818 4.993  0.000  
31.667 29 DD_G10C11:G10C11_DD D 10 ? D 11 ? D 11 ? D 10 ? 
1 C C 11 1_555 C G 10 4_556 C U 12 1_555 C U 9  4_556 -1.408 -2.245 3.184 -2.017 8.392  25.032 -6.868  2.604  2.420 18.669 4.487  
26.455 30 DD_C11U12:U9G10_DD  D 11 ? D 10 ? D 12 ? D 9  ? 
1 C U 12 1_555 C U 9  4_556 C G 13 1_555 C C 8  4_556 0.924  -1.773 3.448 -0.711 11.960 35.138 -4.341  -1.546 2.703 19.136 1.137  
37.064 31 DD_U12G13:C8U9_DD   D 12 ? D 9  ? D 13 ? D 8  ? 
1 C G 13 1_555 C C 8  4_556 C C 14 1_555 C G 7  4_556 -0.237 -1.563 3.239 -3.133 10.068 37.824 -3.454  0.003  2.760 15.174 4.722  
39.214 32 DD_G13C14:G7C8_DD   D 13 ? D 8  ? D 14 ? D 7  ? 
1 C C 14 1_555 C G 7  4_556 C U 15 1_555 C U 6  4_556 -1.191 -1.879 3.323 4.279  8.845  40.048 -3.568  2.128  2.729 12.685 -6.137 
41.188 33 DD_C14U15:U6G7_DD   D 14 ? D 7  ? D 15 ? D 6  ? 
1 C U 15 1_555 C U 6  4_556 C G 16 1_555 C C 5  4_556 1.519  -1.981 3.189 1.786  13.675 20.783 -7.947  -3.086 1.700 33.555 -4.383 
24.900 34 DD_U15G16:C5U6_DD   D 15 ? D 6  ? D 16 ? D 5  ? 
1 C G 16 1_555 C C 5  4_556 C C 17 1_555 C G 4  4_556 -0.012 -1.619 3.185 -0.317 3.297  34.439 -3.205  -0.027 3.022 5.553  0.534  
34.593 35 DD_G16C17:G4C5_DD   D 16 ? D 5  ? D 17 ? D 4  ? 
1 C C 17 1_555 C G 4  4_556 C U 18 1_555 C U 3  4_556 -0.506 -1.651 3.276 -1.037 8.542  29.041 -4.777  0.773  2.708 16.580 2.012  
30.262 36 DD_C17U18:U3G4_DD   D 17 ? D 4  ? D 18 ? D 3  ? 
1 C U 18 1_555 C U 3  4_556 C G 19 1_555 C C 2  4_556 1.276  -1.535 3.099 -1.756 5.326  32.780 -3.486  -2.495 2.752 9.351  3.083  
33.244 37 DD_U18G19:C2U3_DD   D 18 ? D 3  ? D 19 ? D 2  ? 
1 C G 19 1_555 C C 2  4_556 C C 20 1_555 C G 1  4_556 0.283  -1.535 3.054 2.883  3.661  39.027 -2.682  -0.107 2.917 5.456  -4.297 
39.293 38 DD_G19C20:G1C2_DD   D 19 ? D 2  ? D 20 ? D 1  ? 
# 
_atom_sites.entry_id                    4E48 
_atom_sites.fract_transf_matrix[1][1]   0.01090628 
_atom_sites.fract_transf_matrix[1][2]   0.01746102 
_atom_sites.fract_transf_matrix[1][3]   -0.01661998 
_atom_sites.fract_transf_matrix[2][1]   -0.01441246 
_atom_sites.fract_transf_matrix[2][2]   0.01038365 
_atom_sites.fract_transf_matrix[2][3]   -0.01960833 
_atom_sites.fract_transf_matrix[3][1]   -0.00176651 
_atom_sites.fract_transf_matrix[3][2]   0.00471667 
_atom_sites.fract_transf_matrix[3][3]   0.00379614 
_atom_sites.fract_transf_vector[1]      0.258982 
_atom_sites.fract_transf_vector[2]      0.348822 
_atom_sites.fract_transf_vector[3]      0.279575 
# 
loop_
_atom_type.symbol 
C 
K 
N 
O 
P 
S 
# 
loop_
_atom_site.group_PDB 
_atom_site.id 
_atom_site.type_symbol 
_atom_site.label_atom_id 
_atom_site.label_alt_id 
_atom_site.label_comp_id 
_atom_site.label_asym_id 
_atom_site.label_entity_id 
_atom_site.label_seq_id 
_atom_site.pdbx_PDB_ins_code 
_atom_site.Cartn_x 
_atom_site.Cartn_y 
_atom_site.Cartn_z 
_atom_site.occupancy 
_atom_site.B_iso_or_equiv 
_atom_site.pdbx_formal_charge 
_atom_site.auth_seq_id 
_atom_site.auth_comp_id 
_atom_site.auth_asym_id 
_atom_site.auth_atom_id 
_atom_site.pdbx_PDB_model_num 
ATOM   1    O OP3   . G   A 1 1  ? 3.038   5.735   1.284   1.00 25.48 ? 1   G   A OP3   1 
ATOM   2    P P     . G   A 1 1  ? 4.301   6.507   1.311   1.00 26.25 ? 1   G   A P     1 
ATOM   3    O OP1   . G   A 1 1  ? 4.285   7.978   1.141   1.00 25.82 ? 1   G   A OP1   1 
ATOM   4    O OP2   . G   A 1 1  ? 5.181   5.949   0.257   1.00 25.78 ? 1   G   A OP2   1 
ATOM   5    O "O5'" . G   A 1 1  ? 4.978   6.211   2.731   1.00 24.05 ? 1   G   A "O5'" 1 
ATOM   6    C "C5'" . G   A 1 1  ? 6.258   6.727   3.001   1.00 22.01 ? 1   G   A "C5'" 1 
ATOM   7    C "C4'" . G   A 1 1  ? 6.596   6.491   4.455   1.00 20.89 ? 1   G   A "C4'" 1 
ATOM   8    O "O4'" . G   A 1 1  ? 5.653   7.209   5.292   1.00 19.91 ? 1   G   A "O4'" 1 
ATOM   9    C "C3'" . G   A 1 1  ? 6.483   5.042   4.898   1.00 19.13 ? 1   G   A "C3'" 1 
ATOM   10   O "O3'" . G   A 1 1  ? 7.638   4.322   4.532   1.00 17.32 ? 1   G   A "O3'" 1 
ATOM   11   C "C2'" . G   A 1 1  ? 6.306   5.212   6.402   1.00 19.11 ? 1   G   A "C2'" 1 
ATOM   12   O "O2'" . G   A 1 1  ? 7.519   5.462   7.084   1.00 18.49 ? 1   G   A "O2'" 1 
ATOM   13   C "C1'" . G   A 1 1  ? 5.334   6.406   6.418   1.00 19.52 ? 1   G   A "C1'" 1 
ATOM   14   N N9    . G   A 1 1  ? 3.925   6.009   6.300   1.00 19.00 ? 1   G   A N9    1 
ATOM   15   C C8    . G   A 1 1  ? 3.057   6.233   5.252   1.00 18.48 ? 1   G   A C8    1 
ATOM   16   N N7    . G   A 1 1  ? 1.864   5.739   5.439   1.00 18.53 ? 1   G   A N7    1 
ATOM   17   C C5    . G   A 1 1  ? 1.954   5.141   6.682   1.00 19.15 ? 1   G   A C5    1 
ATOM   18   C C6    . G   A 1 1  ? 0.989   4.439   7.427   1.00 18.99 ? 1   G   A C6    1 
ATOM   19   O O6    . G   A 1 1  ? -0.171  4.198   7.119   1.00 19.18 ? 1   G   A O6    1 
ATOM   20   N N1    . G   A 1 1  ? 1.476   3.988   8.652   1.00 19.58 ? 1   G   A N1    1 
ATOM   21   C C2    . G   A 1 1  ? 2.753   4.172   9.112   1.00 18.91 ? 1   G   A C2    1 
ATOM   22   N N2    . G   A 1 1  ? 3.022   3.652   10.322  1.00 17.41 ? 1   G   A N2    1 
ATOM   23   N N3    . G   A 1 1  ? 3.679   4.836   8.412   1.00 19.13 ? 1   G   A N3    1 
ATOM   24   C C4    . G   A 1 1  ? 3.211   5.290   7.221   1.00 18.47 ? 1   G   A C4    1 
ATOM   25   P P     . C   A 1 2  ? 7.514   2.814   4.004   1.00 17.29 ? 2   C   A P     1 
ATOM   26   O OP1   . C   A 1 2  ? 8.879   2.350   3.636   1.00 18.20 ? 2   C   A OP1   1 
ATOM   27   O OP2   . C   A 1 2  ? 6.366   2.712   3.054   1.00 16.45 ? 2   C   A OP2   1 
ATOM   28   O "O5'" . C   A 1 2  ? 7.135   2.005   5.320   1.00 17.42 ? 2   C   A "O5'" 1 
ATOM   29   C "C5'" . C   A 1 2  ? 8.078   1.902   6.352   1.00 17.25 ? 2   C   A "C5'" 1 
ATOM   30   C "C4'" . C   A 1 2  ? 7.446   1.135   7.475   1.00 17.87 ? 2   C   A "C4'" 1 
ATOM   31   O "O4'" . C   A 1 2  ? 6.334   1.907   8.002   1.00 18.47 ? 2   C   A "O4'" 1 
ATOM   32   C "C3'" . C   A 1 2  ? 6.812   -0.190  7.066   1.00 17.81 ? 2   C   A "C3'" 1 
ATOM   33   O "O3'" . C   A 1 2  ? 7.795   -1.214  6.863   1.00 16.47 ? 2   C   A "O3'" 1 
ATOM   34   C "C2'" . C   A 1 2  ? 5.916   -0.420  8.273   1.00 17.42 ? 2   C   A "C2'" 1 
ATOM   35   O "O2'" . C   A 1 2  ? 6.639   -0.888  9.389   1.00 14.78 ? 2   C   A "O2'" 1 
ATOM   36   C "C1'" . C   A 1 2  ? 5.357   0.994   8.470   1.00 18.40 ? 2   C   A "C1'" 1 
ATOM   37   N N1    . C   A 1 2  ? 4.088   1.165   7.706   1.00 19.81 ? 2   C   A N1    1 
ATOM   38   C C2    . C   A 1 2  ? 2.896   0.723   8.296   1.00 20.51 ? 2   C   A C2    1 
ATOM   39   O O2    . C   A 1 2  ? 2.913   0.225   9.424   1.00 21.73 ? 2   C   A O2    1 
ATOM   40   N N3    . C   A 1 2  ? 1.740   0.845   7.604   1.00 20.97 ? 2   C   A N3    1 
ATOM   41   C C4    . C   A 1 2  ? 1.729   1.381   6.386   1.00 20.33 ? 2   C   A C4    1 
ATOM   42   N N4    . C   A 1 2  ? 0.540   1.464   5.788   1.00 20.78 ? 2   C   A N4    1 
ATOM   43   C C5    . C   A 1 2  ? 2.918   1.851   5.754   1.00 19.77 ? 2   C   A C5    1 
ATOM   44   C C6    . C   A 1 2  ? 4.065   1.713   6.437   1.00 20.21 ? 2   C   A C6    1 
ATOM   45   P P     . U   A 1 3  ? 7.481   -2.418  5.860   1.00 15.97 ? 3   U   A P     1 
ATOM   46   O OP1   . U   A 1 3  ? 8.650   -3.319  5.887   1.00 15.28 ? 3   U   A OP1   1 
ATOM   47   O OP2   . U   A 1 3  ? 7.005   -1.866  4.577   1.00 15.95 ? 3   U   A OP2   1 
ATOM   48   O "O5'" . U   A 1 3  ? 6.238   -3.154  6.551   1.00 16.94 ? 3   U   A "O5'" 1 
ATOM   49   C "C5'" . U   A 1 3  ? 6.554   -4.046  7.598   1.00 18.26 ? 3   U   A "C5'" 1 
ATOM   50   C "C4'" . U   A 1 3  ? 5.306   -4.590  8.241   1.00 18.45 ? 3   U   A "C4'" 1 
ATOM   51   O "O4'" . U   A 1 3  ? 4.364   -3.525  8.468   1.00 18.91 ? 3   U   A "O4'" 1 
ATOM   52   C "C3'" . U   A 1 3  ? 4.533   -5.545  7.359   1.00 18.54 ? 3   U   A "C3'" 1 
ATOM   53   O "O3'" . U   A 1 3  ? 5.160   -6.822  7.294   1.00 16.91 ? 3   U   A "O3'" 1 
ATOM   54   C "C2'" . U   A 1 3  ? 3.189   -5.554  8.069   1.00 18.30 ? 3   U   A "C2'" 1 
ATOM   55   O "O2'" . U   A 1 3  ? 3.189   -6.384  9.204   1.00 16.69 ? 3   U   A "O2'" 1 
ATOM   56   C "C1'" . U   A 1 3  ? 3.052   -4.070  8.409   1.00 19.33 ? 3   U   A "C1'" 1 
ATOM   57   N N1    . U   A 1 3  ? 2.251   -3.352  7.369   1.00 20.37 ? 3   U   A N1    1 
ATOM   58   C C2    . U   A 1 3  ? 0.872   -3.499  7.389   1.00 20.14 ? 3   U   A C2    1 
ATOM   59   O O2    . U   A 1 3  ? 0.280   -4.176  8.206   1.00 19.09 ? 3   U   A O2    1 
ATOM   60   N N3    . U   A 1 3  ? 0.203   -2.821  6.401   1.00 20.36 ? 3   U   A N3    1 
ATOM   61   C C4    . U   A 1 3  ? 0.763   -2.025  5.409   1.00 21.29 ? 3   U   A C4    1 
ATOM   62   O O4    . U   A 1 3  ? 0.037   -1.477  4.587   1.00 21.12 ? 3   U   A O4    1 
ATOM   63   C C5    . U   A 1 3  ? 2.212   -1.912  5.443   1.00 21.32 ? 3   U   A C5    1 
ATOM   64   C C6    . U   A 1 3  ? 2.885   -2.569  6.401   1.00 20.57 ? 3   U   A C6    1 
ATOM   65   P P     . G   A 1 4  ? 5.041   -7.617  5.915   1.00 15.78 ? 4   G   A P     1 
ATOM   66   O OP1   . G   A 1 4  ? 5.886   -8.827  6.027   1.00 14.60 ? 4   G   A OP1   1 
ATOM   67   O OP2   . G   A 1 4  ? 5.227   -6.646  4.817   1.00 14.03 ? 4   G   A OP2   1 
ATOM   68   O "O5'" . G   A 1 4  ? 3.503   -8.062  5.899   1.00 15.13 ? 4   G   A "O5'" 1 
ATOM   69   C "C5'" . G   A 1 4  ? 3.101   -9.123  6.729   1.00 15.27 ? 4   G   A "C5'" 1 
ATOM   70   C "C4'" . G   A 1 4  ? 1.602   -9.285  6.701   1.00 15.78 ? 4   G   A "C4'" 1 
ATOM   71   O "O4'" . G   A 1 4  ? 0.982   -8.036  7.084   1.00 15.20 ? 4   G   A "O4'" 1 
ATOM   72   C "C3'" . G   A 1 4  ? 0.998   -9.597  5.335   1.00 15.60 ? 4   G   A "C3'" 1 
ATOM   73   O "O3'" . G   A 1 4  ? 1.075   -10.977 5.003   1.00 16.71 ? 4   G   A "O3'" 1 
ATOM   74   C "C2'" . G   A 1 4  ? -0.440  -9.183  5.564   1.00 14.72 ? 4   G   A "C2'" 1 
ATOM   75   O "O2'" . G   A 1 4  ? -1.171  -10.119 6.318   1.00 14.02 ? 4   G   A "O2'" 1 
ATOM   76   C "C1'" . G   A 1 4  ? -0.216  -7.900  6.344   1.00 14.63 ? 4   G   A "C1'" 1 
ATOM   77   N N9    . G   A 1 4  ? -0.114  -6.753  5.456   1.00 15.11 ? 4   G   A N9    1 
ATOM   78   C C8    . G   A 1 4  ? 1.007   -6.060  5.048   1.00 14.63 ? 4   G   A C8    1 
ATOM   79   N N7    . G   A 1 4  ? 0.736   -5.066  4.242   1.00 15.06 ? 4   G   A N7    1 
ATOM   80   C C5    . G   A 1 4  ? -0.651  -5.117  4.108   1.00 15.09 ? 4   G   A C5    1 
ATOM   81   C C6    . G   A 1 4  ? -1.531  -4.297  3.355   1.00 14.19 ? 4   G   A C6    1 
ATOM   82   O O6    . G   A 1 4  ? -1.241  -3.332  2.632   1.00 13.52 ? 4   G   A O6    1 
ATOM   83   N N1    . G   A 1 4  ? -2.862  -4.696  3.497   1.00 13.42 ? 4   G   A N1    1 
ATOM   84   C C2    . G   A 1 4  ? -3.300  -5.755  4.259   1.00 13.78 ? 4   G   A C2    1 
ATOM   85   N N2    . G   A 1 4  ? -4.620  -5.957  4.246   1.00 12.89 ? 4   G   A N2    1 
ATOM   86   N N3    . G   A 1 4  ? -2.494  -6.548  4.969   1.00 14.09 ? 4   G   A N3    1 
ATOM   87   C C4    . G   A 1 4  ? -1.191  -6.159  4.844   1.00 15.19 ? 4   G   A C4    1 
ATOM   88   P P     . C   A 1 5  ? 1.074   -11.428 3.472   1.00 17.03 ? 5   C   A P     1 
ATOM   89   O OP1   . C   A 1 5  ? 1.359   -12.873 3.454   1.00 17.31 ? 5   C   A OP1   1 
ATOM   90   O OP2   . C   A 1 5  ? 1.915   -10.479 2.721   1.00 18.02 ? 5   C   A OP2   1 
ATOM   91   O "O5'" . C   A 1 5  ? -0.413  -11.144 2.954   1.00 18.26 ? 5   C   A "O5'" 1 
ATOM   92   C "C5'" . C   A 1 5  ? -1.473  -11.942 3.372   1.00 20.10 ? 5   C   A "C5'" 1 
ATOM   93   C "C4'" . C   A 1 5  ? -2.783  -11.320 2.940   1.00 21.44 ? 5   C   A "C4'" 1 
ATOM   94   O "O4'" . C   A 1 5  ? -2.865  -9.944  3.391   1.00 20.77 ? 5   C   A "O4'" 1 
ATOM   95   C "C3'" . C   A 1 5  ? -3.022  -11.187 1.432   1.00 21.98 ? 5   C   A "C3'" 1 
ATOM   96   O "O3'" . C   A 1 5  ? -3.321  -12.434 0.860   1.00 23.46 ? 5   C   A "O3'" 1 
ATOM   97   C "C2'" . C   A 1 5  ? -4.225  -10.265 1.488   1.00 20.54 ? 5   C   A "C2'" 1 
ATOM   98   O "O2'" . C   A 1 5  ? -5.377  -10.896 2.013   1.00 19.06 ? 5   C   A "O2'" 1 
ATOM   99   C "C1'" . C   A 1 5  ? -3.685  -9.235  2.473   1.00 19.87 ? 5   C   A "C1'" 1 
ATOM   100  N N1    . C   A 1 5  ? -2.896  -8.167  1.790   1.00 19.13 ? 5   C   A N1    1 
ATOM   101  C C2    . C   A 1 5  ? -3.605  -7.217  1.048   1.00 18.25 ? 5   C   A C2    1 
ATOM   102  O O2    . C   A 1 5  ? -4.839  -7.292  0.979   1.00 18.03 ? 5   C   A O2    1 
ATOM   103  N N3    . C   A 1 5  ? -2.914  -6.236  0.423   1.00 18.12 ? 5   C   A N3    1 
ATOM   104  C C4    . C   A 1 5  ? -1.585  -6.178  0.521   1.00 17.68 ? 5   C   A C4    1 
ATOM   105  N N4    . C   A 1 5  ? -0.967  -5.184  -0.122  1.00 18.17 ? 5   C   A N4    1 
ATOM   106  C C5    . C   A 1 5  ? -0.843  -7.132  1.274   1.00 17.32 ? 5   C   A C5    1 
ATOM   107  C C6    . C   A 1 5  ? -1.529  -8.101  1.886   1.00 17.69 ? 5   C   A C6    1 
ATOM   108  P P     . U   A 1 6  ? -3.205  -12.772 -0.702  1.00 25.71 ? 6   U   A P     1 
ATOM   109  O OP1   . U   A 1 6  ? -3.264  -14.259 -0.705  1.00 25.79 ? 6   U   A OP1   1 
ATOM   110  O OP2   . U   A 1 6  ? -2.105  -12.016 -1.347  1.00 26.30 ? 6   U   A OP2   1 
ATOM   111  O "O5'" . U   A 1 6  ? -4.547  -12.193 -1.322  1.00 23.01 ? 6   U   A "O5'" 1 
ATOM   112  C "C5'" . U   A 1 6  ? -5.757  -12.742 -0.901  1.00 21.24 ? 6   U   A "C5'" 1 
ATOM   113  C "C4'" . U   A 1 6  ? -6.861  -11.917 -1.496  1.00 20.81 ? 6   U   A "C4'" 1 
ATOM   114  O "O4'" . U   A 1 6  ? -6.736  -10.535 -1.069  1.00 21.32 ? 6   U   A "O4'" 1 
ATOM   115  C "C3'" . U   A 1 6  ? -6.847  -11.788 -3.015  1.00 20.22 ? 6   U   A "C3'" 1 
ATOM   116  O "O3'" . U   A 1 6  ? -7.206  -12.986 -3.629  1.00 17.40 ? 6   U   A "O3'" 1 
ATOM   117  C "C2'" . U   A 1 6  ? -7.885  -10.683 -3.167  1.00 21.06 ? 6   U   A "C2'" 1 
ATOM   118  O "O2'" . U   A 1 6  ? -9.204  -11.169 -2.957  1.00 19.43 ? 6   U   A "O2'" 1 
ATOM   119  C "C1'" . U   A 1 6  ? -7.383  -9.731  -2.056  1.00 21.87 ? 6   U   A "C1'" 1 
ATOM   120  N N1    . U   A 1 6  ? -6.428  -8.676  -2.544  1.00 21.61 ? 6   U   A N1    1 
ATOM   121  C C2    . U   A 1 6  ? -6.950  -7.623  -3.292  1.00 22.95 ? 6   U   A C2    1 
ATOM   122  O O2    . U   A 1 6  ? -8.140  -7.495  -3.582  1.00 23.18 ? 6   U   A O2    1 
ATOM   123  N N3    . U   A 1 6  ? -6.020  -6.698  -3.699  1.00 22.40 ? 6   U   A N3    1 
ATOM   124  C C4    . U   A 1 6  ? -4.666  -6.718  -3.450  1.00 22.62 ? 6   U   A C4    1 
ATOM   125  O O4    . U   A 1 6  ? -3.983  -5.805  -3.905  1.00 22.75 ? 6   U   A O4    1 
ATOM   126  C C5    . U   A 1 6  ? -4.190  -7.840  -2.667  1.00 21.70 ? 6   U   A C5    1 
ATOM   127  C C6    . U   A 1 6  ? -5.072  -8.757  -2.252  1.00 20.88 ? 6   U   A C6    1 
ATOM   128  P P     . G   A 1 7  ? -6.580  -13.431 -5.025  1.00 16.76 ? 7   G   A P     1 
ATOM   129  O OP1   . G   A 1 7  ? -7.333  -14.657 -5.402  1.00 17.99 ? 7   G   A OP1   1 
ATOM   130  O OP2   . G   A 1 7  ? -5.098  -13.427 -4.984  1.00 17.44 ? 7   G   A OP2   1 
ATOM   131  O "O5'" . G   A 1 7  ? -6.977  -12.217 -5.983  1.00 16.73 ? 7   G   A "O5'" 1 
ATOM   132  C "C5'" . G   A 1 7  ? -8.317  -12.031 -6.431  1.00 15.29 ? 7   G   A "C5'" 1 
ATOM   133  C "C4'" . G   A 1 7  ? -8.366  -10.852 -7.382  1.00 14.75 ? 7   G   A "C4'" 1 
ATOM   134  O "O4'" . G   A 1 7  ? -8.015  -9.651  -6.668  1.00 13.82 ? 7   G   A "O4'" 1 
ATOM   135  C "C3'" . G   A 1 7  ? -7.358  -10.879 -8.528  1.00 14.97 ? 7   G   A "C3'" 1 
ATOM   136  O "O3'" . G   A 1 7  ? -7.813  -11.660 -9.629  1.00 14.93 ? 7   G   A "O3'" 1 
ATOM   137  C "C2'" . G   A 1 7  ? -7.295  -9.425  -8.920  1.00 13.59 ? 7   G   A "C2'" 1 
ATOM   138  O "O2'" . G   A 1 7  ? -8.422  -9.105  -9.706  1.00 12.83 ? 7   G   A "O2'" 1 
ATOM   139  C "C1'" . G   A 1 7  ? -7.298  -8.785  -7.533  1.00 13.71 ? 7   G   A "C1'" 1 
ATOM   140  N N9    . G   A 1 7  ? -5.947  -8.591  -7.010  1.00 12.56 ? 7   G   A N9    1 
ATOM   141  C C8    . G   A 1 7  ? -5.290  -9.316  -6.045  1.00 11.80 ? 7   G   A C8    1 
ATOM   142  N N7    . G   A 1 7  ? -4.083  -8.900  -5.814  1.00 10.98 ? 7   G   A N7    1 
ATOM   143  C C5    . G   A 1 7  ? -3.924  -7.838  -6.681  1.00 12.36 ? 7   G   A C5    1 
ATOM   144  C C6    . G   A 1 7  ? -2.821  -6.982  -6.881  1.00 13.61 ? 7   G   A C6    1 
ATOM   145  O O6    . G   A 1 7  ? -1.723  -7.006  -6.307  1.00 15.38 ? 7   G   A O6    1 
ATOM   146  N N1    . G   A 1 7  ? -3.070  -6.020  -7.859  1.00 13.63 ? 7   G   A N1    1 
ATOM   147  C C2    . G   A 1 7  ? -4.239  -5.894  -8.573  1.00 13.35 ? 7   G   A C2    1 
ATOM   148  N N2    . G   A 1 7  ? -4.284  -4.910  -9.486  1.00 12.50 ? 7   G   A N2    1 
ATOM   149  N N3    . G   A 1 7  ? -5.285  -6.690  -8.387  1.00 12.18 ? 7   G   A N3    1 
ATOM   150  C C4    . G   A 1 7  ? -5.059  -7.629  -7.427  1.00 12.66 ? 7   G   A C4    1 
ATOM   151  P P     . C   A 1 8  ? -6.760  -12.580 -10.392 1.00 15.64 ? 8   C   A P     1 
ATOM   152  O OP1   . C   A 1 8  ? -7.557  -13.497 -11.258 1.00 15.68 ? 8   C   A OP1   1 
ATOM   153  O OP2   . C   A 1 8  ? -5.779  -13.095 -9.400  1.00 15.83 ? 8   C   A OP2   1 
ATOM   154  O "O5'" . C   A 1 8  ? -5.959  -11.556 -11.299 1.00 14.50 ? 8   C   A "O5'" 1 
ATOM   155  C "C5'" . C   A 1 8  ? -6.649  -10.928 -12.345 1.00 14.42 ? 8   C   A "C5'" 1 
ATOM   156  C "C4'" . C   A 1 8  ? -5.789  -9.816  -12.863 1.00 14.73 ? 8   C   A "C4'" 1 
ATOM   157  O "O4'" . C   A 1 8  ? -5.381  -8.979  -11.765 1.00 14.54 ? 8   C   A "O4'" 1 
ATOM   158  C "C3'" . C   A 1 8  ? -4.452  -10.259 -13.427 1.00 15.02 ? 8   C   A "C3'" 1 
ATOM   159  O "O3'" . C   A 1 8  ? -4.615  -10.894 -14.707 1.00 15.19 ? 8   C   A "O3'" 1 
ATOM   160  C "C2'" . C   A 1 8  ? -3.754  -8.906  -13.467 1.00 14.87 ? 8   C   A "C2'" 1 
ATOM   161  O "O2'" . C   A 1 8  ? -4.214  -8.075  -14.521 1.00 13.82 ? 8   C   A "O2'" 1 
ATOM   162  C "C1'" . C   A 1 8  ? -4.175  -8.339  -12.123 1.00 14.60 ? 8   C   A "C1'" 1 
ATOM   163  N N1    . C   A 1 8  ? -3.160  -8.530  -11.053 1.00 15.42 ? 8   C   A N1    1 
ATOM   164  C C2    . C   A 1 8  ? -2.045  -7.676  -11.064 1.00 16.58 ? 8   C   A C2    1 
ATOM   165  O O2    . C   A 1 8  ? -1.916  -6.817  -11.961 1.00 16.73 ? 8   C   A O2    1 
ATOM   166  N N3    . C   A 1 8  ? -1.116  -7.823  -10.085 1.00 16.24 ? 8   C   A N3    1 
ATOM   167  C C4    . C   A 1 8  ? -1.260  -8.759  -9.155  1.00 15.75 ? 8   C   A C4    1 
ATOM   168  N N4    . C   A 1 8  ? -0.296  -8.835  -8.246  1.00 14.96 ? 8   C   A N4    1 
ATOM   169  C C5    . C   A 1 8  ? -2.384  -9.639  -9.119  1.00 15.33 ? 8   C   A C5    1 
ATOM   170  C C6    . C   A 1 8  ? -3.302  -9.495  -10.081 1.00 14.99 ? 8   C   A C6    1 
ATOM   171  P P     . U   A 1 9  ? -3.540  -11.996 -15.159 1.00 15.60 ? 9   U   A P     1 
ATOM   172  O OP1   . U   A 1 9  ? -3.810  -12.467 -16.543 1.00 15.01 ? 9   U   A OP1   1 
ATOM   173  O OP2   . U   A 1 9  ? -3.427  -12.989 -14.070 1.00 14.22 ? 9   U   A OP2   1 
ATOM   174  O "O5'" . U   A 1 9  ? -2.281  -11.018 -15.188 1.00 16.11 ? 9   U   A "O5'" 1 
ATOM   175  C "C5'" . U   A 1 9  ? -1.546  -10.894 -16.371 1.00 17.10 ? 9   U   A "C5'" 1 
ATOM   176  C "C4'" . U   A 1 9  ? -0.713  -9.631  -16.439 1.00 17.57 ? 9   U   A "C4'" 1 
ATOM   177  O "O4'" . U   A 1 9  ? -0.838  -8.719  -15.314 1.00 17.15 ? 9   U   A "O4'" 1 
ATOM   178  C "C3'" . U   A 1 9  ? 0.747   -10.032 -16.436 1.00 17.24 ? 9   U   A "C3'" 1 
ATOM   179  O "O3'" . U   A 1 9  ? 1.053   -10.511 -17.726 1.00 16.13 ? 9   U   A "O3'" 1 
ATOM   180  C "C2'" . U   A 1 9  ? 1.448   -8.759  -16.009 1.00 16.91 ? 9   U   A "C2'" 1 
ATOM   181  O "O2'" . U   A 1 9  ? 1.553   -7.850  -17.075 1.00 15.76 ? 9   U   A "O2'" 1 
ATOM   182  C "C1'" . U   A 1 9  ? 0.476   -8.335  -14.904 1.00 17.68 ? 9   U   A "C1'" 1 
ATOM   183  N N1    . U   A 1 9  ? 0.776   -8.997  -13.594 1.00 18.20 ? 9   U   A N1    1 
ATOM   184  C C2    . U   A 1 9  ? 1.898   -8.619  -12.900 1.00 18.05 ? 9   U   A C2    1 
ATOM   185  O O2    . U   A 1 9  ? 2.675   -7.771  -13.282 1.00 18.42 ? 9   U   A O2    1 
ATOM   186  N N3    . U   A 1 9  ? 2.082   -9.284  -11.717 1.00 19.26 ? 9   U   A N3    1 
ATOM   187  C C4    . U   A 1 9  ? 1.285   -10.273 -11.157 1.00 19.19 ? 9   U   A C4    1 
ATOM   188  O O4    . U   A 1 9  ? 1.598   -10.767 -10.076 1.00 19.83 ? 9   U   A O4    1 
ATOM   189  C C5    . U   A 1 9  ? 0.127   -10.625 -11.929 1.00 18.36 ? 9   U   A C5    1 
ATOM   190  C C6    . U   A 1 9  ? -0.071  -9.984  -13.085 1.00 19.01 ? 9   U   A C6    1 
ATOM   191  P P     . G   A 1 10 ? 1.914   -11.848 -17.799 1.00 15.90 ? 10  G   A P     1 
ATOM   192  O OP1   . G   A 1 10 ? 1.877   -12.309 -19.197 1.00 16.61 ? 10  G   A OP1   1 
ATOM   193  O OP2   . G   A 1 10 ? 1.571   -12.744 -16.678 1.00 17.02 ? 10  G   A OP2   1 
ATOM   194  O "O5'" . G   A 1 10 ? 3.377   -11.284 -17.483 1.00 16.91 ? 10  G   A "O5'" 1 
ATOM   195  C "C5'" . G   A 1 10 ? 3.950   -10.300 -18.335 1.00 17.49 ? 10  G   A "C5'" 1 
ATOM   196  C "C4'" . G   A 1 10 ? 5.219   -9.762  -17.717 1.00 18.22 ? 10  G   A "C4'" 1 
ATOM   197  O "O4'" . G   A 1 10 ? 4.898   -9.082  -16.476 1.00 18.01 ? 10  G   A "O4'" 1 
ATOM   198  C "C3'" . G   A 1 10 ? 6.227   -10.820 -17.287 1.00 18.97 ? 10  G   A "C3'" 1 
ATOM   199  O "O3'" . G   A 1 10 ? 7.001   -11.278 -18.380 1.00 19.97 ? 10  G   A "O3'" 1 
ATOM   200  C "C2'" . G   A 1 10 ? 7.051   -10.021 -16.305 1.00 18.61 ? 10  G   A "C2'" 1 
ATOM   201  O "O2'" . G   A 1 10 ? 7.889   -9.100  -16.977 1.00 19.10 ? 10  G   A "O2'" 1 
ATOM   202  C "C1'" . G   A 1 10 ? 5.928   -9.335  -15.535 1.00 18.40 ? 10  G   A "C1'" 1 
ATOM   203  N N9    . G   A 1 10 ? 5.393   -10.130 -14.426 1.00 18.28 ? 10  G   A N9    1 
ATOM   204  C C8    . G   A 1 10 ? 4.225   -10.864 -14.399 1.00 17.78 ? 10  G   A C8    1 
ATOM   205  N N7    . G   A 1 10 ? 4.018   -11.468 -13.261 1.00 17.97 ? 10  G   A N7    1 
ATOM   206  C C5    . G   A 1 10 ? 5.126   -11.115 -12.489 1.00 18.06 ? 10  G   A C5    1 
ATOM   207  C C6    . G   A 1 10 ? 5.468   -11.462 -11.151 1.00 17.96 ? 10  G   A C6    1 
ATOM   208  O O6    . G   A 1 10 ? 4.836   -12.173 -10.363 1.00 17.52 ? 10  G   A O6    1 
ATOM   209  N N1    . G   A 1 10 ? 6.687   -10.908 -10.743 1.00 17.49 ? 10  G   A N1    1 
ATOM   210  C C2    . G   A 1 10 ? 7.481   -10.105 -11.520 1.00 17.57 ? 10  G   A C2    1 
ATOM   211  N N2    . G   A 1 10 ? 8.605   -9.663  -10.928 1.00 16.86 ? 10  G   A N2    1 
ATOM   212  N N3    . G   A 1 10 ? 7.169   -9.770  -12.782 1.00 17.53 ? 10  G   A N3    1 
ATOM   213  C C4    . G   A 1 10 ? 5.986   -10.301 -13.194 1.00 17.36 ? 10  G   A C4    1 
ATOM   214  P P     . C   A 1 11 ? 7.529   -12.786 -18.394 1.00 19.29 ? 11  C   A P     1 
ATOM   215  O OP1   . C   A 1 11 ? 8.114   -13.044 -19.726 1.00 20.61 ? 11  C   A OP1   1 
ATOM   216  O OP2   . C   A 1 11 ? 6.424   -13.638 -17.892 1.00 21.31 ? 11  C   A OP2   1 
ATOM   217  O "O5'" . C   A 1 11 ? 8.687   -12.801 -17.303 1.00 19.91 ? 11  C   A "O5'" 1 
ATOM   218  C "C5'" . C   A 1 11 ? 9.837   -12.014 -17.483 1.00 20.28 ? 11  C   A "C5'" 1 
ATOM   219  C "C4'" . C   A 1 11 ? 10.582  -11.948 -16.168 1.00 20.75 ? 11  C   A "C4'" 1 
ATOM   220  O "O4'" . C   A 1 11 ? 9.698   -11.437 -15.149 1.00 20.48 ? 11  C   A "O4'" 1 
ATOM   221  C "C3'" . C   A 1 11 ? 11.031  -13.279 -15.575 1.00 21.25 ? 11  C   A "C3'" 1 
ATOM   222  O "O3'" . C   A 1 11 ? 12.202  -13.771 -16.176 1.00 22.21 ? 11  C   A "O3'" 1 
ATOM   223  C "C2'" . C   A 1 11 ? 11.278  -12.881 -14.130 1.00 20.72 ? 11  C   A "C2'" 1 
ATOM   224  O "O2'" . C   A 1 11 ? 12.457  -12.123 -13.931 1.00 19.02 ? 11  C   A "O2'" 1 
ATOM   225  C "C1'" . C   A 1 11 ? 10.030  -12.035 -13.903 1.00 20.25 ? 11  C   A "C1'" 1 
ATOM   226  N N1    . C   A 1 11 ? 8.862   -12.811 -13.352 1.00 19.17 ? 11  C   A N1    1 
ATOM   227  C C2    . C   A 1 11 ? 8.914   -13.180 -12.006 1.00 18.78 ? 11  C   A C2    1 
ATOM   228  O O2    . C   A 1 11 ? 9.897   -12.878 -11.322 1.00 18.32 ? 11  C   A O2    1 
ATOM   229  N N3    . C   A 1 11 ? 7.880   -13.863 -11.472 1.00 19.03 ? 11  C   A N3    1 
ATOM   230  C C4    . C   A 1 11 ? 6.826   -14.183 -12.210 1.00 19.49 ? 11  C   A C4    1 
ATOM   231  N N4    . C   A 1 11 ? 5.854   -14.858 -11.595 1.00 19.16 ? 11  C   A N4    1 
ATOM   232  C C5    . C   A 1 11 ? 6.743   -13.826 -13.591 1.00 19.39 ? 11  C   A C5    1 
ATOM   233  C C6    . C   A 1 11 ? 7.774   -13.146 -14.115 1.00 19.13 ? 11  C   A C6    1 
ATOM   234  P P     . U   A 1 12 ? 12.479  -15.345 -16.213 1.00 24.79 ? 12  U   A P     1 
ATOM   235  O OP1   . U   A 1 12 ? 13.509  -15.499 -17.268 1.00 24.21 ? 12  U   A OP1   1 
ATOM   236  O OP2   . U   A 1 12 ? 11.204  -16.102 -16.282 1.00 24.11 ? 12  U   A OP2   1 
ATOM   237  O "O5'" . U   A 1 12 ? 13.091  -15.637 -14.760 1.00 23.30 ? 12  U   A "O5'" 1 
ATOM   238  C "C5'" . U   A 1 12 ? 14.361  -15.094 -14.454 1.00 22.63 ? 12  U   A "C5'" 1 
ATOM   239  C "C4'" . U   A 1 12 ? 14.782  -15.384 -13.028 1.00 22.24 ? 12  U   A "C4'" 1 
ATOM   240  O "O4'" . U   A 1 12 ? 13.839  -14.815 -12.087 1.00 22.53 ? 12  U   A "O4'" 1 
ATOM   241  C "C3'" . U   A 1 12 ? 14.809  -16.849 -12.628 1.00 22.09 ? 12  U   A "C3'" 1 
ATOM   242  O "O3'" . U   A 1 12 ? 15.924  -17.548 -13.178 1.00 20.06 ? 12  U   A "O3'" 1 
ATOM   243  C "C2'" . U   A 1 12 ? 14.880  -16.709 -11.109 1.00 22.35 ? 12  U   A "C2'" 1 
ATOM   244  O "O2'" . U   A 1 12 ? 16.166  -16.350 -10.635 1.00 22.40 ? 12  U   A "O2'" 1 
ATOM   245  C "C1'" . U   A 1 12 ? 13.865  -15.590 -10.895 1.00 22.77 ? 12  U   A "C1'" 1 
ATOM   246  N N1    . U   A 1 12 ? 12.502  -16.130 -10.582 1.00 23.18 ? 12  U   A N1    1 
ATOM   247  C C2    . U   A 1 12 ? 12.267  -16.593 -9.285  1.00 24.09 ? 12  U   A C2    1 
ATOM   248  O O2    . U   A 1 12 ? 13.118  -16.569 -8.400  1.00 24.31 ? 12  U   A O2    1 
ATOM   249  N N3    . U   A 1 12 ? 10.994  -17.079 -9.062  1.00 22.42 ? 12  U   A N3    1 
ATOM   250  C C4    . U   A 1 12 ? 9.976   -17.136 -9.988  1.00 22.55 ? 12  U   A C4    1 
ATOM   251  O O4    . U   A 1 12 ? 8.893   -17.580 -9.658  1.00 23.81 ? 12  U   A O4    1 
ATOM   252  C C5    . U   A 1 12 ? 10.289  -16.646 -11.306 1.00 22.50 ? 12  U   A C5    1 
ATOM   253  C C6    . U   A 1 12 ? 11.513  -16.169 -11.556 1.00 22.13 ? 12  U   A C6    1 
ATOM   254  P P     . G   A 1 13 ? 15.687  -19.056 -13.624 1.00 19.39 ? 13  G   A P     1 
ATOM   255  O OP1   . G   A 1 13 ? 16.973  -19.588 -14.112 1.00 19.92 ? 13  G   A OP1   1 
ATOM   256  O OP2   . G   A 1 13 ? 14.479  -19.111 -14.488 1.00 20.10 ? 13  G   A OP2   1 
ATOM   257  O "O5'" . G   A 1 13 ? 15.328  -19.774 -12.238 1.00 18.39 ? 13  G   A "O5'" 1 
ATOM   258  C "C5'" . G   A 1 13 ? 16.272  -19.783 -11.180 1.00 16.97 ? 13  G   A "C5'" 1 
ATOM   259  C "C4'" . G   A 1 13 ? 15.735  -20.578 -10.015 1.00 16.57 ? 13  G   A "C4'" 1 
ATOM   260  O "O4'" . G   A 1 13 ? 14.657  -19.850 -9.369  1.00 16.06 ? 13  G   A "O4'" 1 
ATOM   261  C "C3'" . G   A 1 13 ? 15.113  -21.922 -10.368 1.00 16.45 ? 13  G   A "C3'" 1 
ATOM   262  O "O3'" . G   A 1 13 ? 16.104  -22.921 -10.552 1.00 17.52 ? 13  G   A "O3'" 1 
ATOM   263  C "C2'" . G   A 1 13 ? 14.247  -22.183 -9.137  1.00 15.51 ? 13  G   A "C2'" 1 
ATOM   264  O "O2'" . G   A 1 13 ? 14.975  -22.681 -8.023  1.00 12.97 ? 13  G   A "O2'" 1 
ATOM   265  C "C1'" . G   A 1 13 ? 13.681  -20.775 -8.915  1.00 15.40 ? 13  G   A "C1'" 1 
ATOM   266  N N9    . G   A 1 13 ? 12.439  -20.590 -9.653  1.00 15.05 ? 13  G   A N9    1 
ATOM   267  C C8    . G   A 1 13 ? 12.243  -19.923 -10.849 1.00 15.04 ? 13  G   A C8    1 
ATOM   268  N N7    . G   A 1 13 ? 11.013  -19.949 -11.270 1.00 14.81 ? 13  G   A N7    1 
ATOM   269  C C5    . G   A 1 13 ? 10.358  -20.683 -10.294 1.00 15.46 ? 13  G   A C5    1 
ATOM   270  C C6    . G   A 1 13 ? 8.997   -21.041 -10.209 1.00 15.95 ? 13  G   A C6    1 
ATOM   271  O O6    . G   A 1 13 ? 8.086   -20.769 -11.009 1.00 16.35 ? 13  G   A O6    1 
ATOM   272  N N1    . G   A 1 13 ? 8.740   -21.789 -9.060  1.00 15.44 ? 13  G   A N1    1 
ATOM   273  C C2    . G   A 1 13 ? 9.664   -22.152 -8.105  1.00 15.25 ? 13  G   A C2    1 
ATOM   274  N N2    . G   A 1 13 ? 9.188   -22.872 -7.072  1.00 14.41 ? 13  G   A N2    1 
ATOM   275  N N3    . G   A 1 13 ? 10.950  -21.812 -8.173  1.00 13.88 ? 13  G   A N3    1 
ATOM   276  C C4    . G   A 1 13 ? 11.215  -21.086 -9.290  1.00 14.85 ? 13  G   A C4    1 
ATOM   277  P P     . C   A 1 14 ? 15.905  -24.100 -11.629 1.00 18.80 ? 14  C   A P     1 
ATOM   278  O OP1   . C   A 1 14 ? 17.166  -24.900 -11.642 1.00 19.20 ? 14  C   A OP1   1 
ATOM   279  O OP2   . C   A 1 14 ? 15.363  -23.526 -12.883 1.00 18.84 ? 14  C   A OP2   1 
ATOM   280  O "O5'" . C   A 1 14 ? 14.754  -24.982 -10.981 1.00 18.99 ? 14  C   A "O5'" 1 
ATOM   281  C "C5'" . C   A 1 14 ? 15.100  -25.857 -9.907  1.00 19.42 ? 14  C   A "C5'" 1 
ATOM   282  C "C4'" . C   A 1 14 ? 13.830  -26.385 -9.298  1.00 18.88 ? 14  C   A "C4'" 1 
ATOM   283  O "O4'" . C   A 1 14 ? 12.924  -25.268 -9.091  1.00 18.46 ? 14  C   A "O4'" 1 
ATOM   284  C "C3'" . C   A 1 14 ? 13.025  -27.297 -10.204 1.00 17.90 ? 14  C   A "C3'" 1 
ATOM   285  O "O3'" . C   A 1 14 ? 13.576  -28.602 -10.289 1.00 17.13 ? 14  C   A "O3'" 1 
ATOM   286  C "C2'" . C   A 1 14 ? 11.676  -27.227 -9.503  1.00 17.45 ? 14  C   A "C2'" 1 
ATOM   287  O "O2'" . C   A 1 14 ? 11.603  -28.009 -8.334  1.00 16.21 ? 14  C   A "O2'" 1 
ATOM   288  C "C1'" . C   A 1 14 ? 11.598  -25.738 -9.177  1.00 18.05 ? 14  C   A "C1'" 1 
ATOM   289  N N1    . C   A 1 14 ? 10.841  -24.990 -10.224 1.00 19.28 ? 14  C   A N1    1 
ATOM   290  C C2    . C   A 1 14 ? 9.444   -25.157 -10.249 1.00 19.52 ? 14  C   A C2    1 
ATOM   291  O O2    . C   A 1 14 ? 8.893   -25.892 -9.400  1.00 18.64 ? 14  C   A O2    1 
ATOM   292  N N3    . C   A 1 14 ? 8.741   -24.496 -11.213 1.00 20.19 ? 14  C   A N3    1 
ATOM   293  C C4    . C   A 1 14 ? 9.360   -23.716 -12.112 1.00 20.34 ? 14  C   A C4    1 
ATOM   294  N N4    . C   A 1 14 ? 8.598   -23.094 -13.021 1.00 19.11 ? 14  C   A N4    1 
ATOM   295  C C5    . C   A 1 14 ? 10.784  -23.541 -12.104 1.00 19.70 ? 14  C   A C5    1 
ATOM   296  C C6    . C   A 1 14 ? 11.474  -24.193 -11.157 1.00 19.89 ? 14  C   A C6    1 
ATOM   297  P P     . U   A 1 15 ? 13.507  -29.388 -11.688 1.00 17.51 ? 15  U   A P     1 
ATOM   298  O OP1   . U   A 1 15 ? 14.200  -30.697 -11.522 1.00 15.74 ? 15  U   A OP1   1 
ATOM   299  O OP2   . U   A 1 15 ? 13.942  -28.476 -12.758 1.00 15.13 ? 15  U   A OP2   1 
ATOM   300  O "O5'" . U   A 1 15 ? 11.933  -29.621 -11.862 1.00 17.86 ? 15  U   A "O5'" 1 
ATOM   301  C "C5'" . U   A 1 15 ? 11.374  -30.762 -11.212 1.00 18.71 ? 15  U   A "C5'" 1 
ATOM   302  C "C4'" . U   A 1 15 ? 9.854   -30.730 -11.139 1.00 19.05 ? 15  U   A "C4'" 1 
ATOM   303  O "O4'" . U   A 1 15 ? 9.325   -29.421 -10.799 1.00 18.62 ? 15  U   A "O4'" 1 
ATOM   304  C "C3'" . U   A 1 15 ? 9.133   -31.045 -12.435 1.00 18.66 ? 15  U   A "C3'" 1 
ATOM   305  O "O3'" . U   A 1 15 ? 9.230   -32.400 -12.695 1.00 18.55 ? 15  U   A "O3'" 1 
ATOM   306  C "C2'" . U   A 1 15 ? 7.723   -30.622 -12.055 1.00 18.47 ? 15  U   A "C2'" 1 
ATOM   307  O "O2'" . U   A 1 15 ? 7.080   -31.516 -11.176 1.00 18.29 ? 15  U   A "O2'" 1 
ATOM   308  C "C1'" . U   A 1 15 ? 8.036   -29.292 -11.388 1.00 18.93 ? 15  U   A "C1'" 1 
ATOM   309  N N1    . U   A 1 15 ? 8.026   -28.188 -12.397 1.00 19.21 ? 15  U   A N1    1 
ATOM   310  C C2    . U   A 1 15 ? 6.806   -27.708 -12.832 1.00 19.77 ? 15  U   A C2    1 
ATOM   311  O O2    . U   A 1 15 ? 5.726   -28.127 -12.440 1.00 17.88 ? 15  U   A O2    1 
ATOM   312  N N3    . U   A 1 15 ? 6.902   -26.703 -13.769 1.00 20.58 ? 15  U   A N3    1 
ATOM   313  C C4    . U   A 1 15 ? 8.058   -26.153 -14.303 1.00 20.04 ? 15  U   A C4    1 
ATOM   314  O O4    . U   A 1 15 ? 7.994   -25.260 -15.136 1.00 20.72 ? 15  U   A O4    1 
ATOM   315  C C5    . U   A 1 15 ? 9.280   -26.704 -13.809 1.00 19.62 ? 15  U   A C5    1 
ATOM   316  C C6    . U   A 1 15 ? 9.217   -27.680 -12.897 1.00 19.91 ? 15  U   A C6    1 
ATOM   317  P P     . G   A 1 16 ? 8.962   -32.984 -14.146 1.00 19.66 ? 16  G   A P     1 
ATOM   318  O OP1   . G   A 1 16 ? 9.205   -34.434 -14.052 1.00 17.40 ? 16  G   A OP1   1 
ATOM   319  O OP2   . G   A 1 16 ? 9.700   -32.130 -15.103 1.00 20.19 ? 16  G   A OP2   1 
ATOM   320  O "O5'" . G   A 1 16 ? 7.410   -32.758 -14.433 1.00 19.25 ? 16  G   A "O5'" 1 
ATOM   321  C "C5'" . G   A 1 16 ? 6.427   -33.588 -13.841 1.00 19.59 ? 16  G   A "C5'" 1 
ATOM   322  C "C4'" . G   A 1 16 ? 5.042   -33.099 -14.235 1.00 20.38 ? 16  G   A "C4'" 1 
ATOM   323  O "O4'" . G   A 1 16 ? 4.892   -31.693 -13.891 1.00 20.62 ? 16  G   A "O4'" 1 
ATOM   324  C "C3'" . G   A 1 16 ? 4.715   -33.111 -15.727 1.00 20.66 ? 16  G   A "C3'" 1 
ATOM   325  O "O3'" . G   A 1 16 ? 4.360   -34.401 -16.184 1.00 21.72 ? 16  G   A "O3'" 1 
ATOM   326  C "C2'" . G   A 1 16 ? 3.541   -32.150 -15.754 1.00 20.24 ? 16  G   A "C2'" 1 
ATOM   327  O "O2'" . G   A 1 16 ? 2.359   -32.658 -15.177 1.00 19.77 ? 16  G   A "O2'" 1 
ATOM   328  C "C1'" . G   A 1 16 ? 4.092   -31.048 -14.870 1.00 19.57 ? 16  G   A "C1'" 1 
ATOM   329  N N9    . G   A 1 16 ? 4.882   -30.046 -15.592 1.00 19.33 ? 16  G   A N9    1 
ATOM   330  C C8    . G   A 1 16 ? 6.247   -29.855 -15.603 1.00 17.80 ? 16  G   A C8    1 
ATOM   331  N N7    . G   A 1 16 ? 6.625   -28.838 -16.331 1.00 17.74 ? 16  G   A N7    1 
ATOM   332  C C5    . G   A 1 16 ? 5.438   -28.318 -16.838 1.00 18.34 ? 16  G   A C5    1 
ATOM   333  C C6    . G   A 1 16 ? 5.201   -27.208 -17.691 1.00 18.23 ? 16  G   A C6    1 
ATOM   334  O O6    . G   A 1 16 ? 6.019   -26.435 -18.207 1.00 18.38 ? 16  G   A O6    1 
ATOM   335  N N1    . G   A 1 16 ? 3.842   -27.033 -17.953 1.00 17.42 ? 16  G   A N1    1 
ATOM   336  C C2    . G   A 1 16 ? 2.827   -27.816 -17.463 1.00 16.91 ? 16  G   A C2    1 
ATOM   337  N N2    . G   A 1 16 ? 1.593   -27.471 -17.853 1.00 16.05 ? 16  G   A N2    1 
ATOM   338  N N3    . G   A 1 16 ? 3.026   -28.857 -16.657 1.00 16.97 ? 16  G   A N3    1 
ATOM   339  C C4    . G   A 1 16 ? 4.351   -29.052 -16.395 1.00 18.71 ? 16  G   A C4    1 
ATOM   340  P P     . C   A 1 17 ? 4.739   -34.900 -17.660 1.00 23.23 ? 17  C   A P     1 
ATOM   341  O OP1   . C   A 1 17 ? 4.447   -36.352 -17.656 1.00 23.08 ? 17  C   A OP1   1 
ATOM   342  O OP2   . C   A 1 17 ? 6.086   -34.403 -18.013 1.00 22.52 ? 17  C   A OP2   1 
ATOM   343  O "O5'" . C   A 1 17 ? 3.679   -34.154 -18.608 1.00 22.47 ? 17  C   A "O5'" 1 
ATOM   344  C "C5'" . C   A 1 17 ? 2.272   -34.225 -18.305 1.00 21.70 ? 17  C   A "C5'" 1 
ATOM   345  C "C4'" . C   A 1 17 ? 1.475   -33.164 -19.045 1.00 21.50 ? 17  C   A "C4'" 1 
ATOM   346  O "O4'" . C   A 1 17 ? 1.754   -31.831 -18.538 1.00 20.29 ? 17  C   A "O4'" 1 
ATOM   347  C "C3'" . C   A 1 17 ? 1.786   -33.042 -20.530 1.00 21.68 ? 17  C   A "C3'" 1 
ATOM   348  O "O3'" . C   A 1 17 ? 1.170   -34.103 -21.195 1.00 22.89 ? 17  C   A "O3'" 1 
ATOM   349  C "C2'" . C   A 1 17 ? 1.221   -31.655 -20.841 1.00 21.00 ? 17  C   A "C2'" 1 
ATOM   350  O "O2'" . C   A 1 17 ? -0.195  -31.549 -20.916 1.00 21.30 ? 17  C   A "O2'" 1 
ATOM   351  C "C1'" . C   A 1 17 ? 1.753   -30.912 -19.619 1.00 19.55 ? 17  C   A "C1'" 1 
ATOM   352  N N1    . C   A 1 17 ? 3.126   -30.372 -19.835 1.00 17.65 ? 17  C   A N1    1 
ATOM   353  C C2    . C   A 1 17 ? 3.264   -29.210 -20.598 1.00 17.50 ? 17  C   A C2    1 
ATOM   354  O O2    . C   A 1 17 ? 2.275   -28.655 -21.079 1.00 18.16 ? 17  C   A O2    1 
ATOM   355  N N3    . C   A 1 17 ? 4.498   -28.712 -20.805 1.00 17.59 ? 17  C   A N3    1 
ATOM   356  C C4    . C   A 1 17 ? 5.567   -29.311 -20.296 1.00 17.54 ? 17  C   A C4    1 
ATOM   357  N N4    . C   A 1 17 ? 6.744   -28.738 -20.549 1.00 18.78 ? 17  C   A N4    1 
ATOM   358  C C5    . C   A 1 17 ? 5.468   -30.497 -19.516 1.00 16.84 ? 17  C   A C5    1 
ATOM   359  C C6    . C   A 1 17 ? 4.238   -30.985 -19.318 1.00 17.50 ? 17  C   A C6    1 
ATOM   360  P P     . U   A 1 18 ? 1.711   -34.612 -22.610 1.00 25.04 ? 18  U   A P     1 
ATOM   361  O OP1   . U   A 1 18 ? 0.838   -35.737 -23.015 1.00 24.50 ? 18  U   A OP1   1 
ATOM   362  O OP2   . U   A 1 18 ? 3.183   -34.793 -22.568 1.00 26.06 ? 18  U   A OP2   1 
ATOM   363  O "O5'" . U   A 1 18 ? 1.415   -33.338 -23.515 1.00 24.80 ? 18  U   A "O5'" 1 
ATOM   364  C "C5'" . U   A 1 18 ? 0.092   -33.079 -23.906 1.00 25.59 ? 18  U   A "C5'" 1 
ATOM   365  C "C4'" . U   A 1 18 ? 0.116   -31.998 -24.954 1.00 26.40 ? 18  U   A "C4'" 1 
ATOM   366  O "O4'" . U   A 1 18 ? 0.625   -30.807 -24.329 1.00 26.58 ? 18  U   A "O4'" 1 
ATOM   367  C "C3'" . U   A 1 18 ? 1.096   -32.216 -26.101 1.00 27.33 ? 18  U   A "C3'" 1 
ATOM   368  O "O3'" . U   A 1 18 ? 0.626   -33.164 -27.056 1.00 27.47 ? 18  U   A "O3'" 1 
ATOM   369  C "C2'" . U   A 1 18 ? 1.170   -30.799 -26.641 1.00 27.04 ? 18  U   A "C2'" 1 
ATOM   370  O "O2'" . U   A 1 18 ? 0.023   -30.425 -27.383 1.00 26.24 ? 18  U   A "O2'" 1 
ATOM   371  C "C1'" . U   A 1 18 ? 1.288   -30.044 -25.318 1.00 27.42 ? 18  U   A "C1'" 1 
ATOM   372  N N1    . U   A 1 18 ? 2.710   -29.810 -24.910 1.00 27.53 ? 18  U   A N1    1 
ATOM   373  C C2    . U   A 1 18 ? 3.363   -28.745 -25.509 1.00 28.02 ? 18  U   A C2    1 
ATOM   374  O O2    . U   A 1 18 ? 2.823   -28.015 -26.332 1.00 27.44 ? 18  U   A O2    1 
ATOM   375  N N3    . U   A 1 18 ? 4.666   -28.564 -25.107 1.00 27.07 ? 18  U   A N3    1 
ATOM   376  C C4    . U   A 1 18 ? 5.360   -29.335 -24.190 1.00 27.64 ? 18  U   A C4    1 
ATOM   377  O O4    . U   A 1 18 ? 6.522   -29.055 -23.930 1.00 28.86 ? 18  U   A O4    1 
ATOM   378  C C5    . U   A 1 18 ? 4.625   -30.429 -23.605 1.00 27.19 ? 18  U   A C5    1 
ATOM   379  C C6    . U   A 1 18 ? 3.351   -30.621 -23.984 1.00 27.29 ? 18  U   A C6    1 
ATOM   380  P P     . G   A 1 19 ? 1.643   -34.140 -27.811 1.00 27.70 ? 19  G   A P     1 
ATOM   381  O OP1   . G   A 1 19 ? 0.812   -35.090 -28.583 1.00 28.04 ? 19  G   A OP1   1 
ATOM   382  O OP2   . G   A 1 19 ? 2.670   -34.597 -26.843 1.00 28.43 ? 19  G   A OP2   1 
ATOM   383  O "O5'" . G   A 1 19 ? 2.381   -33.195 -28.855 1.00 26.61 ? 19  G   A "O5'" 1 
ATOM   384  C "C5'" . G   A 1 19 ? 1.658   -32.670 -29.946 1.00 25.19 ? 19  G   A "C5'" 1 
ATOM   385  C "C4'" . G   A 1 19 ? 2.439   -31.504 -30.501 1.00 23.52 ? 19  G   A "C4'" 1 
ATOM   386  O "O4'" . G   A 1 19 ? 2.780   -30.587 -29.435 1.00 22.84 ? 19  G   A "O4'" 1 
ATOM   387  C "C3'" . G   A 1 19 ? 3.798   -31.902 -31.037 1.00 22.11 ? 19  G   A "C3'" 1 
ATOM   388  O "O3'" . G   A 1 19 ? 3.646   -32.576 -32.289 1.00 19.99 ? 19  G   A "O3'" 1 
ATOM   389  C "C2'" . G   A 1 19 ? 4.487   -30.535 -31.078 1.00 21.66 ? 19  G   A "C2'" 1 
ATOM   390  O "O2'" . G   A 1 19 ? 4.094   -29.671 -32.124 1.00 21.01 ? 19  G   A "O2'" 1 
ATOM   391  C "C1'" . G   A 1 19 ? 4.013   -29.966 -29.754 1.00 21.49 ? 19  G   A "C1'" 1 
ATOM   392  N N9    . G   A 1 19 ? 5.002   -30.201 -28.713 1.00 21.41 ? 19  G   A N9    1 
ATOM   393  C C8    . G   A 1 19 ? 4.992   -31.145 -27.711 1.00 20.55 ? 19  G   A C8    1 
ATOM   394  N N7    . G   A 1 19 ? 6.042   -31.077 -26.947 1.00 20.51 ? 19  G   A N7    1 
ATOM   395  C C5    . G   A 1 19 ? 6.781   -30.024 -27.483 1.00 20.96 ? 19  G   A C5    1 
ATOM   396  C C6    . G   A 1 19 ? 8.024   -29.479 -27.085 1.00 20.52 ? 19  G   A C6    1 
ATOM   397  O O6    . G   A 1 19 ? 8.732   -29.842 -26.135 1.00 20.56 ? 19  G   A O6    1 
ATOM   398  N N1    . G   A 1 19 ? 8.428   -28.426 -27.908 1.00 19.83 ? 19  G   A N1    1 
ATOM   399  C C2    . G   A 1 19 ? 7.740   -27.933 -28.994 1.00 20.44 ? 19  G   A C2    1 
ATOM   400  N N2    . G   A 1 19 ? 8.318   -26.906 -29.659 1.00 19.40 ? 19  G   A N2    1 
ATOM   401  N N3    . G   A 1 19 ? 6.568   -28.438 -29.381 1.00 20.06 ? 19  G   A N3    1 
ATOM   402  C C4    . G   A 1 19 ? 6.161   -29.471 -28.579 1.00 20.74 ? 19  G   A C4    1 
ATOM   403  P P     . C   A 1 20 ? 4.813   -33.548 -32.808 1.00 19.02 ? 20  C   A P     1 
ATOM   404  O OP1   . C   A 1 20 ? 4.483   -34.146 -34.123 1.00 18.11 ? 20  C   A OP1   1 
ATOM   405  O OP2   . C   A 1 20 ? 5.198   -34.435 -31.693 1.00 20.59 ? 20  C   A OP2   1 
ATOM   406  O "O5'" . C   A 1 20 ? 5.918   -32.419 -32.990 1.00 20.98 ? 20  C   A "O5'" 1 
ATOM   407  C "C5'" . C   A 1 20 ? 6.922   -32.558 -33.929 1.00 21.79 ? 20  C   A "C5'" 1 
ATOM   408  C "C4'" . C   A 1 20 ? 7.764   -31.303 -33.956 1.00 22.10 ? 20  C   A "C4'" 1 
ATOM   409  O "O4'" . C   A 1 20 ? 7.564   -30.419 -32.811 1.00 20.61 ? 20  C   A "O4'" 1 
ATOM   410  C "C3'" . C   A 1 20 ? 9.237   -31.669 -33.923 1.00 21.88 ? 20  C   A "C3'" 1 
ATOM   411  O "O3'" . C   A 1 20 ? 9.630   -32.069 -35.215 1.00 22.46 ? 20  C   A "O3'" 1 
ATOM   412  C "C2'" . C   A 1 20 ? 9.830   -30.359 -33.453 1.00 21.05 ? 20  C   A "C2'" 1 
ATOM   413  O "O2'" . C   A 1 20 ? 9.832   -29.390 -34.462 1.00 23.00 ? 20  C   A "O2'" 1 
ATOM   414  C "C1'" . C   A 1 20 ? 8.844   -29.994 -32.354 1.00 20.56 ? 20  C   A "C1'" 1 
ATOM   415  N N1    . C   A 1 20 ? 9.222   -30.638 -31.056 1.00 20.32 ? 20  C   A N1    1 
ATOM   416  C C2    . C   A 1 20 ? 10.367  -30.178 -30.387 1.00 20.72 ? 20  C   A C2    1 
ATOM   417  O O2    . C   A 1 20 ? 11.045  -29.257 -30.866 1.00 20.38 ? 20  C   A O2    1 
ATOM   418  N N3    . C   A 1 20 ? 10.704  -30.751 -29.204 1.00 20.94 ? 20  C   A N3    1 
ATOM   419  C C4    . C   A 1 20 ? 9.968   -31.737 -28.690 1.00 20.55 ? 20  C   A C4    1 
ATOM   420  N N4    . C   A 1 20 ? 10.373  -32.255 -27.524 1.00 20.89 ? 20  C   A N4    1 
ATOM   421  C C5    . C   A 1 20 ? 8.803   -32.226 -29.350 1.00 19.26 ? 20  C   A C5    1 
ATOM   422  C C6    . C   A 1 20 ? 8.475   -31.655 -30.511 1.00 20.25 ? 20  C   A C6    1 
ATOM   423  O OP3   . G   B 1 1  ? 17.781  -27.054 -21.700 1.00 44.85 ? 21  G   B OP3   1 
ATOM   424  P P     . G   B 1 1  ? 18.539  -28.220 -22.222 1.00 45.11 ? 21  G   B P     1 
ATOM   425  O OP1   . G   B 1 1  ? 17.957  -29.579 -22.097 1.00 44.82 ? 21  G   B OP1   1 
ATOM   426  O OP2   . G   B 1 1  ? 19.878  -28.235 -21.581 1.00 45.99 ? 21  G   B OP2   1 
ATOM   427  O "O5'" . G   B 1 1  ? 18.806  -27.963 -23.777 1.00 42.12 ? 21  G   B "O5'" 1 
ATOM   428  C "C5'" . G   B 1 1  ? 19.627  -26.907 -24.239 1.00 38.82 ? 21  G   B "C5'" 1 
ATOM   429  C "C4'" . G   B 1 1  ? 19.121  -26.449 -25.597 1.00 36.81 ? 21  G   B "C4'" 1 
ATOM   430  O "O4'" . G   B 1 1  ? 18.991  -27.584 -26.493 1.00 34.98 ? 21  G   B "O4'" 1 
ATOM   431  C "C3'" . G   B 1 1  ? 17.724  -25.844 -25.608 1.00 35.01 ? 21  G   B "C3'" 1 
ATOM   432  O "O3'" . G   B 1 1  ? 17.724  -24.482 -25.194 1.00 34.93 ? 21  G   B "O3'" 1 
ATOM   433  C "C2'" . G   B 1 1  ? 17.375  -26.003 -27.077 1.00 33.25 ? 21  G   B "C2'" 1 
ATOM   434  O "O2'" . G   B 1 1  ? 18.078  -25.093 -27.900 1.00 31.36 ? 21  G   B "O2'" 1 
ATOM   435  C "C1'" . G   B 1 1  ? 17.825  -27.443 -27.287 1.00 32.26 ? 21  G   B "C1'" 1 
ATOM   436  N N9    . G   B 1 1  ? 16.853  -28.456 -26.873 1.00 31.28 ? 21  G   B N9    1 
ATOM   437  C C8    . G   B 1 1  ? 16.936  -29.299 -25.792 1.00 30.52 ? 21  G   B C8    1 
ATOM   438  N N7    . G   B 1 1  ? 15.921  -30.104 -25.671 1.00 30.43 ? 21  G   B N7    1 
ATOM   439  C C5    . G   B 1 1  ? 15.106  -29.780 -26.732 1.00 29.28 ? 21  G   B C5    1 
ATOM   440  C C6    . G   B 1 1  ? 13.865  -30.325 -27.103 1.00 29.46 ? 21  G   B C6    1 
ATOM   441  O O6    . G   B 1 1  ? 13.231  -31.225 -26.549 1.00 29.80 ? 21  G   B O6    1 
ATOM   442  N N1    . G   B 1 1  ? 13.362  -29.720 -28.249 1.00 29.67 ? 21  G   B N1    1 
ATOM   443  C C2    . G   B 1 1  ? 13.982  -28.713 -28.943 1.00 29.20 ? 21  G   B C2    1 
ATOM   444  N N2    . G   B 1 1  ? 13.341  -28.250 -30.022 1.00 29.52 ? 21  G   B N2    1 
ATOM   445  N N3    . G   B 1 1  ? 15.151  -28.192 -28.598 1.00 30.09 ? 21  G   B N3    1 
ATOM   446  C C4    . G   B 1 1  ? 15.659  -28.773 -27.485 1.00 29.96 ? 21  G   B C4    1 
ATOM   447  P P     . C   B 1 2  ? 16.372  -23.820 -24.641 1.00 35.06 ? 22  C   B P     1 
ATOM   448  O OP1   . C   B 1 2  ? 16.680  -22.404 -24.306 1.00 35.19 ? 22  C   B OP1   1 
ATOM   449  O OP2   . C   B 1 2  ? 15.810  -24.753 -23.626 1.00 35.29 ? 22  C   B OP2   1 
ATOM   450  O "O5'" . C   B 1 2  ? 15.388  -23.811 -25.901 1.00 32.23 ? 22  C   B "O5'" 1 
ATOM   451  C "C5'" . C   B 1 2  ? 15.639  -22.964 -27.023 1.00 29.79 ? 22  C   B "C5'" 1 
ATOM   452  C "C4'" . C   B 1 2  ? 14.595  -23.229 -28.086 1.00 28.18 ? 22  C   B "C4'" 1 
ATOM   453  O "O4'" . C   B 1 2  ? 14.556  -24.646 -28.396 1.00 26.64 ? 22  C   B "O4'" 1 
ATOM   454  C "C3'" . C   B 1 2  ? 13.168  -22.931 -27.659 1.00 27.53 ? 22  C   B "C3'" 1 
ATOM   455  O "O3'" . C   B 1 2  ? 12.880  -21.546 -27.753 1.00 28.16 ? 22  C   B "O3'" 1 
ATOM   456  C "C2'" . C   B 1 2  ? 12.392  -23.771 -28.660 1.00 26.39 ? 22  C   B "C2'" 1 
ATOM   457  O "O2'" . C   B 1 2  ? 12.402  -23.239 -29.965 1.00 26.29 ? 22  C   B "O2'" 1 
ATOM   458  C "C1'" . C   B 1 2  ? 13.211  -25.051 -28.616 1.00 25.74 ? 22  C   B "C1'" 1 
ATOM   459  N N1    . C   B 1 2  ? 12.742  -26.037 -27.574 1.00 24.32 ? 22  C   B N1    1 
ATOM   460  C C2    . C   B 1 2  ? 11.556  -26.738 -27.818 1.00 23.48 ? 22  C   B C2    1 
ATOM   461  O O2    . C   B 1 2  ? 10.919  -26.538 -28.866 1.00 23.69 ? 22  C   B O2    1 
ATOM   462  N N3    . C   B 1 2  ? 11.129  -27.635 -26.893 1.00 22.90 ? 22  C   B N3    1 
ATOM   463  C C4    . C   B 1 2  ? 11.807  -27.843 -25.775 1.00 22.76 ? 22  C   B C4    1 
ATOM   464  N N4    . C   B 1 2  ? 11.312  -28.739 -24.926 1.00 23.10 ? 22  C   B N4    1 
ATOM   465  C C5    . C   B 1 2  ? 13.014  -27.133 -25.494 1.00 23.47 ? 22  C   B C5    1 
ATOM   466  C C6    . C   B 1 2  ? 13.440  -26.256 -26.410 1.00 23.49 ? 22  C   B C6    1 
ATOM   467  P P     . U   B 1 3  ? 11.880  -20.882 -26.695 1.00 29.38 ? 23  U   B P     1 
ATOM   468  O OP1   . U   B 1 3  ? 11.819  -19.437 -27.022 1.00 30.19 ? 23  U   B OP1   1 
ATOM   469  O OP2   . U   B 1 3  ? 12.257  -21.341 -25.331 1.00 29.38 ? 23  U   B OP2   1 
ATOM   470  O "O5'" . U   B 1 3  ? 10.457  -21.488 -27.091 1.00 28.01 ? 23  U   B "O5'" 1 
ATOM   471  C "C5'" . U   B 1 3  ? 9.921   -21.071 -28.336 1.00 28.60 ? 23  U   B "C5'" 1 
ATOM   472  C "C4'" . U   B 1 3  ? 8.606   -21.756 -28.603 1.00 28.89 ? 23  U   B "C4'" 1 
ATOM   473  O "O4'" . U   B 1 3  ? 8.797   -23.185 -28.655 1.00 29.31 ? 23  U   B "O4'" 1 
ATOM   474  C "C3'" . U   B 1 3  ? 7.557   -21.589 -27.519 1.00 28.47 ? 23  U   B "C3'" 1 
ATOM   475  O "O3'" . U   B 1 3  ? 6.958   -20.314 -27.611 1.00 27.83 ? 23  U   B "O3'" 1 
ATOM   476  C "C2'" . U   B 1 3  ? 6.626   -22.713 -27.912 1.00 28.03 ? 23  U   B "C2'" 1 
ATOM   477  O "O2'" . U   B 1 3  ? 5.910   -22.401 -29.088 1.00 28.44 ? 23  U   B "O2'" 1 
ATOM   478  C "C1'" . U   B 1 3  ? 7.638   -23.824 -28.149 1.00 28.77 ? 23  U   B "C1'" 1 
ATOM   479  N N1    . U   B 1 3  ? 8.009   -24.627 -26.932 1.00 29.11 ? 23  U   B N1    1 
ATOM   480  C C2    . U   B 1 3  ? 7.125   -25.590 -26.489 1.00 29.31 ? 23  U   B C2    1 
ATOM   481  O O2    . U   B 1 3  ? 6.061   -25.807 -27.045 1.00 29.08 ? 23  U   B O2    1 
ATOM   482  N N3    . U   B 1 3  ? 7.538   -26.295 -25.376 1.00 29.85 ? 23  U   B N3    1 
ATOM   483  C C4    . U   B 1 3  ? 8.729   -26.141 -24.668 1.00 30.53 ? 23  U   B C4    1 
ATOM   484  O O4    . U   B 1 3  ? 8.973   -26.845 -23.686 1.00 29.43 ? 23  U   B O4    1 
ATOM   485  C C5    . U   B 1 3  ? 9.606   -25.114 -25.189 1.00 30.10 ? 23  U   B C5    1 
ATOM   486  C C6    . U   B 1 3  ? 9.216   -24.417 -26.274 1.00 29.78 ? 23  U   B C6    1 
ATOM   487  P P     . G   B 1 4  ? 6.970   -19.273 -26.403 1.00 26.87 ? 24  G   B P     1 
ATOM   488  O OP1   . G   B 1 4  ? 6.904   -17.953 -27.068 1.00 28.32 ? 24  G   B OP1   1 
ATOM   489  O OP2   . G   B 1 4  ? 7.990   -19.611 -25.388 1.00 26.13 ? 24  G   B OP2   1 
ATOM   490  O "O5'" . G   B 1 4  ? 5.589   -19.515 -25.658 1.00 25.98 ? 24  G   B "O5'" 1 
ATOM   491  C "C5'" . G   B 1 4  ? 4.398   -19.158 -26.316 1.00 24.52 ? 24  G   B "C5'" 1 
ATOM   492  C "C4'" . G   B 1 4  ? 3.426   -20.300 -26.183 1.00 23.61 ? 24  G   B "C4'" 1 
ATOM   493  O "O4'" . G   B 1 4  ? 4.105   -21.563 -26.385 1.00 22.07 ? 24  G   B "O4'" 1 
ATOM   494  C "C3'" . G   B 1 4  ? 2.812   -20.440 -24.803 1.00 22.44 ? 24  G   B "C3'" 1 
ATOM   495  O "O3'" . G   B 1 4  ? 1.830   -19.429 -24.625 1.00 21.10 ? 24  G   B "O3'" 1 
ATOM   496  C "C2'" . G   B 1 4  ? 2.265   -21.860 -24.930 1.00 22.21 ? 24  G   B "C2'" 1 
ATOM   497  O "O2'" . G   B 1 4  ? 1.107   -21.957 -25.735 1.00 22.35 ? 24  G   B "O2'" 1 
ATOM   498  C "C1'" . G   B 1 4  ? 3.432   -22.547 -25.628 1.00 21.53 ? 24  G   B "C1'" 1 
ATOM   499  N N9    . G   B 1 4  ? 4.375   -23.142 -24.696 1.00 21.69 ? 24  G   B N9    1 
ATOM   500  C C8    . G   B 1 4  ? 5.634   -22.695 -24.335 1.00 21.49 ? 24  G   B C8    1 
ATOM   501  N N7    . G   B 1 4  ? 6.232   -23.463 -23.470 1.00 21.15 ? 24  G   B N7    1 
ATOM   502  C C5    . G   B 1 4  ? 5.301   -24.475 -23.251 1.00 21.36 ? 24  G   B C5    1 
ATOM   503  C C6    . G   B 1 4  ? 5.368   -25.609 -22.417 1.00 20.71 ? 24  G   B C6    1 
ATOM   504  O O6    . G   B 1 4  ? 6.296   -25.939 -21.680 1.00 20.93 ? 24  G   B O6    1 
ATOM   505  N N1    . G   B 1 4  ? 4.215   -26.387 -22.475 1.00 20.55 ? 24  G   B N1    1 
ATOM   506  C C2    . G   B 1 4  ? 3.114   -26.119 -23.249 1.00 20.63 ? 24  G   B C2    1 
ATOM   507  N N2    . G   B 1 4  ? 2.100   -26.994 -23.165 1.00 20.38 ? 24  G   B N2    1 
ATOM   508  N N3    . G   B 1 4  ? 3.033   -25.060 -24.049 1.00 20.93 ? 24  G   B N3    1 
ATOM   509  C C4    . G   B 1 4  ? 4.157   -24.293 -23.993 1.00 20.94 ? 24  G   B C4    1 
ATOM   510  P P     . C   B 1 5  ? 1.595   -18.738 -23.195 1.00 19.46 ? 25  C   B P     1 
ATOM   511  O OP1   . C   B 1 5  ? 0.580   -17.668 -23.367 1.00 19.66 ? 25  C   B OP1   1 
ATOM   512  O OP2   . C   B 1 5  ? 2.917   -18.410 -22.628 1.00 20.61 ? 25  C   B OP2   1 
ATOM   513  O "O5'" . C   B 1 5  ? 0.938   -19.913 -22.334 1.00 17.72 ? 25  C   B "O5'" 1 
ATOM   514  C "C5'" . C   B 1 5  ? -0.452  -20.137 -22.446 1.00 17.17 ? 25  C   B "C5'" 1 
ATOM   515  C "C4'" . C   B 1 5  ? -0.838  -21.433 -21.776 1.00 17.01 ? 25  C   B "C4'" 1 
ATOM   516  O "O4'" . C   B 1 5  ? -0.030  -22.540 -22.258 1.00 15.91 ? 25  C   B "O4'" 1 
ATOM   517  C "C3'" . C   B 1 5  ? -0.599  -21.449 -20.276 1.00 16.26 ? 25  C   B "C3'" 1 
ATOM   518  O "O3'" . C   B 1 5  ? -1.624  -20.731 -19.590 1.00 17.55 ? 25  C   B "O3'" 1 
ATOM   519  C "C2'" . C   B 1 5  ? -0.644  -22.942 -20.015 1.00 14.69 ? 25  C   B "C2'" 1 
ATOM   520  O "O2'" . C   B 1 5  ? -1.939  -23.488 -20.084 1.00 14.03 ? 25  C   B "O2'" 1 
ATOM   521  C "C1'" . C   B 1 5  ? 0.188   -23.439 -21.183 1.00 14.56 ? 25  C   B "C1'" 1 
ATOM   522  N N1    . C   B 1 5  ? 1.625   -23.525 -20.805 1.00 14.55 ? 25  C   B N1    1 
ATOM   523  C C2    . C   B 1 5  ? 2.018   -24.614 -20.020 1.00 14.53 ? 25  C   B C2    1 
ATOM   524  O O2    . C   B 1 5  ? 1.161   -25.447 -19.680 1.00 14.42 ? 25  C   B O2    1 
ATOM   525  N N3    . C   B 1 5  ? 3.323   -24.726 -19.654 1.00 14.52 ? 25  C   B N3    1 
ATOM   526  C C4    . C   B 1 5  ? 4.213   -23.804 -20.030 1.00 14.61 ? 25  C   B C4    1 
ATOM   527  N N4    . C   B 1 5  ? 5.486   -23.964 -19.646 1.00 12.70 ? 25  C   B N4    1 
ATOM   528  C C5    . C   B 1 5  ? 3.821   -22.685 -20.828 1.00 14.44 ? 25  C   B C5    1 
ATOM   529  C C6    . C   B 1 5  ? 2.539   -22.584 -21.188 1.00 13.71 ? 25  C   B C6    1 
ATOM   530  P P     . U   B 1 6  ? -1.329  -20.009 -18.200 1.00 16.12 ? 26  U   B P     1 
ATOM   531  O OP1   . U   B 1 6  ? -2.514  -19.176 -17.894 1.00 15.96 ? 26  U   B OP1   1 
ATOM   532  O OP2   . U   B 1 6  ? 0.031   -19.443 -18.316 1.00 16.95 ? 26  U   B OP2   1 
ATOM   533  O "O5'" . U   B 1 6  ? -1.221  -21.178 -17.112 1.00 17.72 ? 26  U   B "O5'" 1 
ATOM   534  C "C5'" . U   B 1 6  ? -2.388  -21.880 -16.790 1.00 19.42 ? 26  U   B "C5'" 1 
ATOM   535  C "C4'" . U   B 1 6  ? -2.108  -23.206 -16.106 1.00 20.46 ? 26  U   B "C4'" 1 
ATOM   536  O "O4'" . U   B 1 6  ? -1.082  -23.996 -16.755 1.00 20.13 ? 26  U   B "O4'" 1 
ATOM   537  C "C3'" . U   B 1 6  ? -1.586  -23.145 -14.674 1.00 20.83 ? 26  U   B "C3'" 1 
ATOM   538  O "O3'" . U   B 1 6  ? -2.588  -22.692 -13.792 1.00 21.10 ? 26  U   B "O3'" 1 
ATOM   539  C "C2'" . U   B 1 6  ? -1.328  -24.624 -14.478 1.00 20.83 ? 26  U   B "C2'" 1 
ATOM   540  O "O2'" . U   B 1 6  ? -2.539  -25.327 -14.286 1.00 21.87 ? 26  U   B "O2'" 1 
ATOM   541  C "C1'" . U   B 1 6  ? -0.667  -24.975 -15.812 1.00 20.73 ? 26  U   B "C1'" 1 
ATOM   542  N N1    . U   B 1 6  ? 0.804   -24.997 -15.669 1.00 20.72 ? 26  U   B N1    1 
ATOM   543  C C2    . U   B 1 6  ? 1.335   -26.013 -14.902 1.00 21.50 ? 26  U   B C2    1 
ATOM   544  O O2    . U   B 1 6  ? 0.656   -26.873 -14.354 1.00 22.99 ? 26  U   B O2    1 
ATOM   545  N N3    . U   B 1 6  ? 2.698   -25.986 -14.788 1.00 21.18 ? 26  U   B N3    1 
ATOM   546  C C4    . U   B 1 6  ? 3.567   -25.071 -15.345 1.00 22.07 ? 26  U   B C4    1 
ATOM   547  O O4    . U   B 1 6  ? 4.771   -25.213 -15.125 1.00 23.79 ? 26  U   B O4    1 
ATOM   548  C C5    . U   B 1 6  ? 2.948   -24.031 -16.141 1.00 21.10 ? 26  U   B C5    1 
ATOM   549  C C6    . U   B 1 6  ? 1.609   -24.033 -16.263 1.00 21.02 ? 26  U   B C6    1 
ATOM   550  P P     . G   B 1 7  ? -2.239  -22.036 -12.389 1.00 20.44 ? 27  G   B P     1 
ATOM   551  O OP1   . G   B 1 7  ? -3.526  -21.709 -11.746 1.00 21.20 ? 27  G   B OP1   1 
ATOM   552  O OP2   . G   B 1 7  ? -1.234  -20.973 -12.606 1.00 21.66 ? 27  G   B OP2   1 
ATOM   553  O "O5'" . G   B 1 7  ? -1.532  -23.218 -11.594 1.00 19.99 ? 27  G   B "O5'" 1 
ATOM   554  C "C5'" . G   B 1 7  ? -2.258  -24.317 -11.068 1.00 19.44 ? 27  G   B "C5'" 1 
ATOM   555  C "C4'" . G   B 1 7  ? -1.307  -25.260 -10.338 1.00 19.50 ? 27  G   B "C4'" 1 
ATOM   556  O "O4'" . G   B 1 7  ? -0.334  -25.804 -11.280 1.00 19.79 ? 27  G   B "O4'" 1 
ATOM   557  C "C3'" . G   B 1 7  ? -0.452  -24.620 -9.245  1.00 18.28 ? 27  G   B "C3'" 1 
ATOM   558  O "O3'" . G   B 1 7  ? -1.163  -24.463 -8.033  1.00 17.59 ? 27  G   B "O3'" 1 
ATOM   559  C "C2'" . G   B 1 7  ? 0.672   -25.634 -9.129  1.00 18.68 ? 27  G   B "C2'" 1 
ATOM   560  O "O2'" . G   B 1 7  ? 0.325   -26.783 -8.375  1.00 17.71 ? 27  G   B "O2'" 1 
ATOM   561  C "C1'" . G   B 1 7  ? 0.904   -25.960 -10.613 1.00 18.96 ? 27  G   B "C1'" 1 
ATOM   562  N N9    . G   B 1 7  ? 1.935   -25.132 -11.250 1.00 18.12 ? 27  G   B N9    1 
ATOM   563  C C8    . G   B 1 7  ? 1.823   -24.103 -12.158 1.00 17.26 ? 27  G   B C8    1 
ATOM   564  N N7    . G   B 1 7  ? 2.982   -23.590 -12.510 1.00 17.87 ? 27  G   B N7    1 
ATOM   565  C C5    . G   B 1 7  ? 3.916   -24.333 -11.788 1.00 18.45 ? 27  G   B C5    1 
ATOM   566  C C6    . G   B 1 7  ? 5.332   -24.274 -11.727 1.00 18.80 ? 27  G   B C6    1 
ATOM   567  O O6    . G   B 1 7  ? 6.118   -23.526 -12.317 1.00 20.12 ? 27  G   B O6    1 
ATOM   568  N N1    . G   B 1 7  ? 5.864   -25.207 -10.848 1.00 18.52 ? 27  G   B N1    1 
ATOM   569  C C2    . G   B 1 7  ? 5.159   -26.109 -10.114 1.00 17.63 ? 27  G   B C2    1 
ATOM   570  N N2    . G   B 1 7  ? 5.885   -26.924 -9.338  1.00 17.04 ? 27  G   B N2    1 
ATOM   571  N N3    . G   B 1 7  ? 3.836   -26.187 -10.158 1.00 18.60 ? 27  G   B N3    1 
ATOM   572  C C4    . G   B 1 7  ? 3.285   -25.274 -11.006 1.00 18.55 ? 27  G   B C4    1 
ATOM   573  P P     . C   B 1 8  ? -0.988  -23.134 -7.152  1.00 19.49 ? 28  C   B P     1 
ATOM   574  O OP1   . C   B 1 8  ? -2.021  -23.184 -6.087  1.00 19.48 ? 28  C   B OP1   1 
ATOM   575  O OP2   . C   B 1 8  ? -0.881  -21.938 -8.036  1.00 17.82 ? 28  C   B OP2   1 
ATOM   576  O "O5'" . C   B 1 8  ? 0.451   -23.373 -6.488  1.00 16.60 ? 28  C   B "O5'" 1 
ATOM   577  C "C5'" . C   B 1 8  ? 0.660   -24.552 -5.733  1.00 15.78 ? 28  C   B "C5'" 1 
ATOM   578  C "C4'" . C   B 1 8  ? 2.095   -24.685 -5.279  1.00 14.54 ? 28  C   B "C4'" 1 
ATOM   579  O "O4'" . C   B 1 8  ? 2.927   -25.131 -6.373  1.00 13.76 ? 28  C   B "O4'" 1 
ATOM   580  C "C3'" . C   B 1 8  ? 2.767   -23.404 -4.802  1.00 14.29 ? 28  C   B "C3'" 1 
ATOM   581  O "O3'" . C   B 1 8  ? 2.381   -23.072 -3.473  1.00 12.93 ? 28  C   B "O3'" 1 
ATOM   582  C "C2'" . C   B 1 8  ? 4.217   -23.829 -4.881  1.00 13.08 ? 28  C   B "C2'" 1 
ATOM   583  O "O2'" . C   B 1 8  ? 4.559   -24.699 -3.829  1.00 12.60 ? 28  C   B "O2'" 1 
ATOM   584  C "C1'" . C   B 1 8  ? 4.205   -24.555 -6.218  1.00 13.44 ? 28  C   B "C1'" 1 
ATOM   585  N N1    . C   B 1 8  ? 4.480   -23.623 -7.336  1.00 13.38 ? 28  C   B N1    1 
ATOM   586  C C2    . C   B 1 8  ? 5.810   -23.281 -7.579  1.00 14.20 ? 28  C   B C2    1 
ATOM   587  O O2    . C   B 1 8  ? 6.712   -23.759 -6.868  1.00 14.81 ? 28  C   B O2    1 
ATOM   588  N N3    . C   B 1 8  ? 6.070   -22.419 -8.590  1.00 13.77 ? 28  C   B N3    1 
ATOM   589  C C4    . C   B 1 8  ? 5.095   -21.909 -9.337  1.00 12.69 ? 28  C   B C4    1 
ATOM   590  N N4    . C   B 1 8  ? 5.443   -21.074 -10.321 1.00 11.99 ? 28  C   B N4    1 
ATOM   591  C C5    . C   B 1 8  ? 3.736   -22.249 -9.100  1.00 12.58 ? 28  C   B C5    1 
ATOM   592  C C6    . C   B 1 8  ? 3.479   -23.093 -8.096  1.00 12.74 ? 28  C   B C6    1 
ATOM   593  P P     . U   B 1 9  ? 2.422   -21.539 -3.058  1.00 15.87 ? 29  U   B P     1 
ATOM   594  O OP1   . U   B 1 9  ? 1.974   -21.490 -1.648  1.00 16.42 ? 29  U   B OP1   1 
ATOM   595  O OP2   . U   B 1 9  ? 1.734   -20.750 -4.105  1.00 16.26 ? 29  U   B OP2   1 
ATOM   596  O "O5'" . U   B 1 9  ? 3.971   -21.113 -3.136  1.00 15.87 ? 29  U   B "O5'" 1 
ATOM   597  C "C5'" . U   B 1 9  ? 4.864   -21.598 -2.144  1.00 16.53 ? 29  U   B "C5'" 1 
ATOM   598  C "C4'" . U   B 1 9  ? 6.309   -21.187 -2.373  1.00 16.51 ? 29  U   B "C4'" 1 
ATOM   599  O "O4'" . U   B 1 9  ? 6.767   -21.604 -3.675  1.00 16.37 ? 29  U   B "O4'" 1 
ATOM   600  C "C3'" . U   B 1 9  ? 6.571   -19.695 -2.369  1.00 16.61 ? 29  U   B "C3'" 1 
ATOM   601  O "O3'" . U   B 1 9  ? 6.587   -19.189 -1.044  1.00 16.73 ? 29  U   B "O3'" 1 
ATOM   602  C "C2'" . U   B 1 9  ? 7.935   -19.652 -3.028  1.00 16.23 ? 29  U   B "C2'" 1 
ATOM   603  O "O2'" . U   B 1 9  ? 8.970   -20.012 -2.152  1.00 15.21 ? 29  U   B "O2'" 1 
ATOM   604  C "C1'" . U   B 1 9  ? 7.734   -20.682 -4.128  1.00 16.61 ? 29  U   B "C1'" 1 
ATOM   605  N N1    . U   B 1 9  ? 7.239   -20.078 -5.399  1.00 17.42 ? 29  U   B N1    1 
ATOM   606  C C2    . U   B 1 9  ? 8.175   -19.543 -6.275  1.00 18.03 ? 29  U   B C2    1 
ATOM   607  O O2    . U   B 1 9  ? 9.367   -19.532 -6.050  1.00 17.47 ? 29  U   B O2    1 
ATOM   608  N N3    . U   B 1 9  ? 7.658   -19.007 -7.434  1.00 18.62 ? 29  U   B N3    1 
ATOM   609  C C4    . U   B 1 9  ? 6.309   -18.948 -7.775  1.00 18.67 ? 29  U   B C4    1 
ATOM   610  O O4    . U   B 1 9  ? 5.980   -18.434 -8.832  1.00 18.60 ? 29  U   B O4    1 
ATOM   611  C C5    . U   B 1 9  ? 5.387   -19.523 -6.813  1.00 17.47 ? 29  U   B C5    1 
ATOM   612  C C6    . U   B 1 9  ? 5.877   -20.054 -5.686  1.00 16.28 ? 29  U   B C6    1 
ATOM   613  P P     . G   B 1 10 ? 6.008   -17.724 -0.791  1.00 17.61 ? 30  G   B P     1 
ATOM   614  O OP1   . G   B 1 10 ? 6.044   -17.474 0.673   1.00 16.51 ? 30  G   B OP1   1 
ATOM   615  O OP2   . G   B 1 10 ? 4.739   -17.597 -1.543  1.00 17.89 ? 30  G   B OP2   1 
ATOM   616  O "O5'" . G   B 1 10 ? 7.112   -16.809 -1.504  1.00 17.79 ? 30  G   B "O5'" 1 
ATOM   617  C "C5'" . G   B 1 10 ? 8.387   -16.711 -0.856  1.00 17.61 ? 30  G   B "C5'" 1 
ATOM   618  C "C4'" . G   B 1 10 ? 9.428   -16.011 -1.708  1.00 17.73 ? 30  G   B "C4'" 1 
ATOM   619  O "O4'" . G   B 1 10 ? 9.639   -16.725 -2.946  1.00 17.01 ? 30  G   B "O4'" 1 
ATOM   620  C "C3'" . G   B 1 10 ? 9.069   -14.609 -2.165  1.00 16.98 ? 30  G   B "C3'" 1 
ATOM   621  O "O3'" . G   B 1 10 ? 9.312   -13.691 -1.140  1.00 18.10 ? 30  G   B "O3'" 1 
ATOM   622  C "C2'" . G   B 1 10 ? 10.061  -14.422 -3.283  1.00 16.82 ? 30  G   B "C2'" 1 
ATOM   623  O "O2'" . G   B 1 10 ? 11.364  -14.166 -2.801  1.00 15.13 ? 30  G   B "O2'" 1 
ATOM   624  C "C1'" . G   B 1 10 ? 9.916   -15.780 -3.953  1.00 16.64 ? 30  G   B "C1'" 1 
ATOM   625  N N9    . G   B 1 10 ? 8.821   -15.805 -4.910  1.00 17.14 ? 30  G   B N9    1 
ATOM   626  C C8    . G   B 1 10 ? 7.548   -16.320 -4.766  1.00 16.52 ? 30  G   B C8    1 
ATOM   627  N N7    . G   B 1 10 ? 6.817   -16.186 -5.837  1.00 16.47 ? 30  G   B N7    1 
ATOM   628  C C5    . G   B 1 10 ? 7.649   -15.535 -6.751  1.00 17.03 ? 30  G   B C5    1 
ATOM   629  C C6    . G   B 1 10 ? 7.421   -15.112 -8.102  1.00 17.15 ? 30  G   B C6    1 
ATOM   630  O O6    . G   B 1 10 ? 6.394   -15.216 -8.808  1.00 16.01 ? 30  G   B O6    1 
ATOM   631  N N1    . G   B 1 10 ? 8.561   -14.501 -8.639  1.00 17.24 ? 30  G   B N1    1 
ATOM   632  C C2    . G   B 1 10 ? 9.763   -14.309 -7.985  1.00 16.94 ? 30  G   B C2    1 
ATOM   633  N N2    . G   B 1 10 ? 10.721  -13.698 -8.690  1.00 15.36 ? 30  G   B N2    1 
ATOM   634  N N3    . G   B 1 10 ? 9.989   -14.695 -6.731  1.00 16.37 ? 30  G   B N3    1 
ATOM   635  C C4    . G   B 1 10 ? 8.893   -15.299 -6.186  1.00 16.98 ? 30  G   B C4    1 
ATOM   636  P P     . C   B 1 11 ? 8.497   -12.315 -1.085  1.00 18.07 ? 31  C   B P     1 
ATOM   637  O OP1   . C   B 1 11 ? 8.900   -11.640 0.173   1.00 19.80 ? 31  C   B OP1   1 
ATOM   638  O OP2   . C   B 1 11 ? 7.076   -12.603 -1.393  1.00 17.81 ? 31  C   B OP2   1 
ATOM   639  O "O5'" . C   B 1 11 ? 9.142   -11.491 -2.289  1.00 19.55 ? 31  C   B "O5'" 1 
ATOM   640  C "C5'" . C   B 1 11 ? 10.472  -10.992 -2.193  1.00 20.99 ? 31  C   B "C5'" 1 
ATOM   641  C "C4'" . C   B 1 11 ? 10.869  -10.401 -3.531  1.00 21.89 ? 31  C   B "C4'" 1 
ATOM   642  O "O4'" . C   B 1 11 ? 10.776  -11.409 -4.567  1.00 22.27 ? 31  C   B "O4'" 1 
ATOM   643  C "C3'" . C   B 1 11 ? 9.946   -9.317  -4.061  1.00 22.84 ? 31  C   B "C3'" 1 
ATOM   644  O "O3'" . C   B 1 11 ? 10.185  -8.091  -3.402  1.00 25.43 ? 31  C   B "O3'" 1 
ATOM   645  C "C2'" . C   B 1 11 ? 10.365  -9.314  -5.522  1.00 21.83 ? 31  C   B "C2'" 1 
ATOM   646  O "O2'" . C   B 1 11 ? 11.666  -8.806  -5.746  1.00 21.90 ? 31  C   B "O2'" 1 
ATOM   647  C "C1'" . C   B 1 11 ? 10.321  -10.808 -5.768  1.00 20.51 ? 31  C   B "C1'" 1 
ATOM   648  N N1    . C   B 1 11 ? 8.948   -11.299 -6.166  1.00 18.73 ? 31  C   B N1    1 
ATOM   649  C C2    . C   B 1 11 ? 8.541   -11.089 -7.489  1.00 16.89 ? 31  C   B C2    1 
ATOM   650  O O2    . C   B 1 11 ? 9.296   -10.502 -8.265  1.00 16.26 ? 31  C   B O2    1 
ATOM   651  N N3    . C   B 1 11 ? 7.324   -11.526 -7.886  1.00 16.26 ? 31  C   B N3    1 
ATOM   652  C C4    . C   B 1 11 ? 6.524   -12.145 -7.033  1.00 15.53 ? 31  C   B C4    1 
ATOM   653  N N4    . C   B 1 11 ? 5.346   -12.538 -7.499  1.00 15.72 ? 31  C   B N4    1 
ATOM   654  C C5    . C   B 1 11 ? 6.905   -12.375 -5.677  1.00 16.05 ? 31  C   B C5    1 
ATOM   655  C C6    . C   B 1 11 ? 8.111   -11.939 -5.289  1.00 16.64 ? 31  C   B C6    1 
ATOM   656  P P     . U   B 1 12 ? 9.173   -6.864  -3.570  1.00 27.09 ? 32  U   B P     1 
ATOM   657  O OP1   . U   B 1 12 ? 9.809   -5.768  -2.793  1.00 27.86 ? 32  U   B OP1   1 
ATOM   658  O OP2   . U   B 1 12 ? 7.796   -7.334  -3.274  1.00 28.42 ? 32  U   B OP2   1 
ATOM   659  O "O5'" . U   B 1 12 ? 9.185   -6.501  -5.130  1.00 25.16 ? 32  U   B "O5'" 1 
ATOM   660  C "C5'" . U   B 1 12 ? 10.220  -5.692  -5.626  1.00 23.75 ? 32  U   B "C5'" 1 
ATOM   661  C "C4'" . U   B 1 12 ? 9.998   -5.343  -7.083  1.00 23.12 ? 32  U   B "C4'" 1 
ATOM   662  O "O4'" . U   B 1 12 ? 9.654   -6.520  -7.844  1.00 22.72 ? 32  U   B "O4'" 1 
ATOM   663  C "C3'" . U   B 1 12 ? 8.828   -4.436  -7.417  1.00 21.67 ? 32  U   B "C3'" 1 
ATOM   664  O "O3'" . U   B 1 12 ? 9.040   -3.105  -7.017  1.00 19.78 ? 32  U   B "O3'" 1 
ATOM   665  C "C2'" . U   B 1 12 ? 8.854   -4.587  -8.925  1.00 22.05 ? 32  U   B "C2'" 1 
ATOM   666  O "O2'" . U   B 1 12 ? 9.903   -3.855  -9.536  1.00 22.10 ? 32  U   B "O2'" 1 
ATOM   667  C "C1'" . U   B 1 12 ? 9.058   -6.093  -9.049  1.00 22.21 ? 32  U   B "C1'" 1 
ATOM   668  N N1    . U   B 1 12 ? 7.780   -6.821  -9.265  1.00 23.03 ? 32  U   B N1    1 
ATOM   669  C C2    . U   B 1 12 ? 7.177   -6.689  -10.504 1.00 23.75 ? 32  U   B C2    1 
ATOM   670  O O2    . U   B 1 12 ? 7.642   -6.009  -11.408 1.00 25.54 ? 32  U   B O2    1 
ATOM   671  N N3    . U   B 1 12 ? 6.003   -7.376  -10.652 1.00 23.20 ? 32  U   B N3    1 
ATOM   672  C C4    . U   B 1 12 ? 5.381   -8.164  -9.698  1.00 23.90 ? 32  U   B C4    1 
ATOM   673  O O4    . U   B 1 12 ? 4.324   -8.719  -9.988  1.00 24.79 ? 32  U   B O4    1 
ATOM   674  C C5    . U   B 1 12 ? 6.060   -8.266  -8.424  1.00 23.18 ? 32  U   B C5    1 
ATOM   675  C C6    . U   B 1 12 ? 7.212   -7.598  -8.261  1.00 23.23 ? 32  U   B C6    1 
ATOM   676  P P     . G   B 1 13 ? 7.796   -2.187  -6.613  1.00 18.48 ? 33  G   B P     1 
ATOM   677  O OP1   . G   B 1 13 ? 8.342   -0.852  -6.322  1.00 19.23 ? 33  G   B OP1   1 
ATOM   678  O OP2   . G   B 1 13 ? 6.990   -2.927  -5.612  1.00 18.70 ? 33  G   B OP2   1 
ATOM   679  O "O5'" . G   B 1 13 ? 6.928   -2.098  -7.951  1.00 18.78 ? 33  G   B "O5'" 1 
ATOM   680  C "C5'" . G   B 1 13 ? 7.500   -1.502  -9.105  1.00 19.20 ? 33  G   B "C5'" 1 
ATOM   681  C "C4'" . G   B 1 13 ? 6.549   -1.521  -10.296 1.00 19.31 ? 33  G   B "C4'" 1 
ATOM   682  O "O4'" . G   B 1 13 ? 6.429   -2.852  -10.857 1.00 18.66 ? 33  G   B "O4'" 1 
ATOM   683  C "C3'" . G   B 1 13 ? 5.114   -1.103  -9.993  1.00 19.43 ? 33  G   B "C3'" 1 
ATOM   684  O "O3'" . G   B 1 13 ? 5.018   0.316   -9.916  1.00 18.19 ? 33  G   B "O3'" 1 
ATOM   685  C "C2'" . G   B 1 13 ? 4.395   -1.717  -11.190 1.00 19.33 ? 33  G   B "C2'" 1 
ATOM   686  O "O2'" . G   B 1 13 ? 4.615   -1.037  -12.408 1.00 20.60 ? 33  G   B "O2'" 1 
ATOM   687  C "C1'" . G   B 1 13 ? 5.080   -3.072  -11.213 1.00 19.35 ? 33  G   B "C1'" 1 
ATOM   688  N N9    . G   B 1 13 ? 4.470   -4.033  -10.295 1.00 19.54 ? 33  G   B N9    1 
ATOM   689  C C8    . G   B 1 13 ? 4.901   -4.474  -9.060  1.00 19.48 ? 33  G   B C8    1 
ATOM   690  N N7    . G   B 1 13 ? 4.100   -5.346  -8.508  1.00 19.63 ? 33  G   B N7    1 
ATOM   691  C C5    . G   B 1 13 ? 3.080   -5.485  -9.442  1.00 19.82 ? 33  G   B C5    1 
ATOM   692  C C6    . G   B 1 13 ? 1.922   -6.291  -9.422  1.00 19.94 ? 33  G   B C6    1 
ATOM   693  O O6    . G   B 1 13 ? 1.561   -7.065  -8.529  1.00 19.59 ? 33  G   B O6    1 
ATOM   694  N N1    . G   B 1 13 ? 1.143   -6.123  -10.576 1.00 20.04 ? 33  G   B N1    1 
ATOM   695  C C2    . G   B 1 13 ? 1.435   -5.285  -11.628 1.00 19.67 ? 33  G   B C2    1 
ATOM   696  N N2    . G   B 1 13 ? 0.563   -5.250  -12.642 1.00 18.80 ? 33  G   B N2    1 
ATOM   697  N N3    . G   B 1 13 ? 2.520   -4.527  -11.663 1.00 20.19 ? 33  G   B N3    1 
ATOM   698  C C4    . G   B 1 13 ? 3.288   -4.683  -10.542 1.00 20.02 ? 33  G   B C4    1 
ATOM   699  P P     . C   B 1 14 ? 3.983   1.028   -8.931  1.00 17.44 ? 34  C   B P     1 
ATOM   700  O OP1   . C   B 1 14 ? 4.150   2.480   -9.133  1.00 19.97 ? 34  C   B OP1   1 
ATOM   701  O OP2   . C   B 1 14 ? 4.078   0.451   -7.572  1.00 18.59 ? 34  C   B OP2   1 
ATOM   702  O "O5'" . C   B 1 14 ? 2.567   0.613   -9.534  1.00 18.55 ? 34  C   B "O5'" 1 
ATOM   703  C "C5'" . C   B 1 14 ? 2.199   1.014   -10.842 1.00 18.56 ? 34  C   B "C5'" 1 
ATOM   704  C "C4'" . C   B 1 14 ? 0.826   0.464   -11.179 1.00 18.29 ? 34  C   B "C4'" 1 
ATOM   705  O "O4'" . C   B 1 14 ? 0.882   -0.977  -11.360 1.00 17.10 ? 34  C   B "O4'" 1 
ATOM   706  C "C3'" . C   B 1 14 ? -0.231  0.658   -10.100 1.00 18.23 ? 34  C   B "C3'" 1 
ATOM   707  O "O3'" . C   B 1 14 ? -0.759  1.979   -10.052 1.00 17.97 ? 34  C   B "O3'" 1 
ATOM   708  C "C2'" . C   B 1 14 ? -1.272  -0.351  -10.557 1.00 17.87 ? 34  C   B "C2'" 1 
ATOM   709  O "O2'" . C   B 1 14 ? -2.054  0.144   -11.636 1.00 16.48 ? 34  C   B "O2'" 1 
ATOM   710  C "C1'" . C   B 1 14 ? -0.347  -1.531  -10.909 1.00 17.61 ? 34  C   B "C1'" 1 
ATOM   711  N N1    . C   B 1 14 ? -0.112  -2.443  -9.733  1.00 17.85 ? 34  C   B N1    1 
ATOM   712  C C2    . C   B 1 14 ? -1.070  -3.409  -9.409  1.00 18.83 ? 34  C   B C2    1 
ATOM   713  O O2    . C   B 1 14 ? -2.097  -3.532  -10.082 1.00 19.66 ? 34  C   B O2    1 
ATOM   714  N N3    . C   B 1 14 ? -0.849  -4.222  -8.342  1.00 20.03 ? 34  C   B N3    1 
ATOM   715  C C4    . C   B 1 14 ? 0.254   -4.112  -7.600  1.00 18.88 ? 34  C   B C4    1 
ATOM   716  N N4    . C   B 1 14 ? 0.379   -4.951  -6.574  1.00 16.87 ? 34  C   B N4    1 
ATOM   717  C C5    . C   B 1 14 ? 1.248   -3.136  -7.901  1.00 18.63 ? 34  C   B C5    1 
ATOM   718  C C6    . C   B 1 14 ? 1.022   -2.337  -8.959  1.00 18.68 ? 34  C   B C6    1 
ATOM   719  P P     . U   B 1 15 ? -1.391  2.505   -8.674  1.00 19.04 ? 35  U   B P     1 
ATOM   720  O OP1   . U   B 1 15 ? -1.828  3.904   -8.892  1.00 18.87 ? 35  U   B OP1   1 
ATOM   721  O OP2   . U   B 1 15 ? -0.477  2.119   -7.577  1.00 18.13 ? 35  U   B OP2   1 
ATOM   722  O "O5'" . U   B 1 15 ? -2.686  1.591   -8.478  1.00 20.52 ? 35  U   B "O5'" 1 
ATOM   723  C "C5'" . U   B 1 15 ? -3.882  1.932   -9.139  1.00 20.80 ? 35  U   B "C5'" 1 
ATOM   724  C "C4'" . U   B 1 15 ? -4.923  0.862   -8.899  1.00 20.18 ? 35  U   B "C4'" 1 
ATOM   725  O "O4'" . U   B 1 15 ? -4.325  -0.438  -9.026  1.00 19.66 ? 35  U   B "O4'" 1 
ATOM   726  C "C3'" . U   B 1 15 ? -5.474  0.826   -7.494  1.00 19.67 ? 35  U   B "C3'" 1 
ATOM   727  O "O3'" . U   B 1 15 ? -6.386  1.891   -7.298  1.00 19.12 ? 35  U   B "O3'" 1 
ATOM   728  C "C2'" . U   B 1 15 ? -6.125  -0.537  -7.507  1.00 19.28 ? 35  U   B "C2'" 1 
ATOM   729  O "O2'" . U   B 1 15 ? -7.300  -0.594  -8.271  1.00 19.39 ? 35  U   B "O2'" 1 
ATOM   730  C "C1'" . U   B 1 15 ? -5.020  -1.330  -8.181  1.00 19.64 ? 35  U   B "C1'" 1 
ATOM   731  N N1    . U   B 1 15 ? -4.087  -1.960  -7.199  1.00 20.08 ? 35  U   B N1    1 
ATOM   732  C C2    . U   B 1 15 ? -4.563  -3.065  -6.511  1.00 20.49 ? 35  U   B C2    1 
ATOM   733  O O2    . U   B 1 15 ? -5.686  -3.546  -6.658  1.00 20.04 ? 35  U   B O2    1 
ATOM   734  N N3    . U   B 1 15 ? -3.655  -3.596  -5.631  1.00 20.96 ? 35  U   B N3    1 
ATOM   735  C C4    . U   B 1 15 ? -2.359  -3.162  -5.371  1.00 20.10 ? 35  U   B C4    1 
ATOM   736  O O4    . U   B 1 15 ? -1.683  -3.768  -4.546  1.00 19.25 ? 35  U   B O4    1 
ATOM   737  C C5    . U   B 1 15 ? -1.933  -2.007  -6.124  1.00 18.97 ? 35  U   B C5    1 
ATOM   738  C C6    . U   B 1 15 ? -2.799  -1.464  -6.992  1.00 19.60 ? 35  U   B C6    1 
ATOM   739  P P     . G   B 1 16 ? -6.376  2.669   -5.908  1.00 16.89 ? 36  G   B P     1 
ATOM   740  O OP1   . G   B 1 16 ? -7.197  3.893   -6.067  1.00 18.48 ? 36  G   B OP1   1 
ATOM   741  O OP2   . G   B 1 16 ? -4.969  2.805   -5.482  1.00 19.08 ? 36  G   B OP2   1 
ATOM   742  O "O5'" . G   B 1 16 ? -7.115  1.651   -4.922  1.00 17.03 ? 36  G   B "O5'" 1 
ATOM   743  C "C5'" . G   B 1 16 ? -8.507  1.440   -5.092  1.00 17.84 ? 36  G   B "C5'" 1 
ATOM   744  C "C4'" . G   B 1 16 ? -9.017  0.237   -4.321  1.00 18.66 ? 36  G   B "C4'" 1 
ATOM   745  O "O4'" . G   B 1 16 ? -8.346  -0.973  -4.778  1.00 17.54 ? 36  G   B "O4'" 1 
ATOM   746  C "C3'" . G   B 1 16 ? -8.796  0.258   -2.811  1.00 18.98 ? 36  G   B "C3'" 1 
ATOM   747  O "O3'" . G   B 1 16 ? -9.790  1.016   -2.123  1.00 20.81 ? 36  G   B "O3'" 1 
ATOM   748  C "C2'" . G   B 1 16 ? -8.950  -1.211  -2.492  1.00 18.00 ? 36  G   B "C2'" 1 
ATOM   749  O "O2'" . G   B 1 16 ? -10.305 -1.611  -2.488  1.00 18.54 ? 36  G   B "O2'" 1 
ATOM   750  C "C1'" . G   B 1 16 ? -8.203  -1.828  -3.657  1.00 16.76 ? 36  G   B "C1'" 1 
ATOM   751  N N9    . G   B 1 16 ? -6.800  -1.962  -3.338  1.00 15.67 ? 36  G   B N9    1 
ATOM   752  C C8    . G   B 1 16 ? -5.751  -1.190  -3.767  1.00 14.47 ? 36  G   B C8    1 
ATOM   753  N N7    . G   B 1 16 ? -4.604  -1.579  -3.304  1.00 14.58 ? 36  G   B N7    1 
ATOM   754  C C5    . G   B 1 16 ? -4.923  -2.665  -2.516  1.00 14.79 ? 36  G   B C5    1 
ATOM   755  C C6    . G   B 1 16 ? -4.081  -3.493  -1.756  1.00 14.93 ? 36  G   B C6    1 
ATOM   756  O O6    . G   B 1 16 ? -2.858  -3.402  -1.643  1.00 15.08 ? 36  G   B O6    1 
ATOM   757  N N1    . G   B 1 16 ? -4.797  -4.492  -1.088  1.00 14.86 ? 36  G   B N1    1 
ATOM   758  C C2    . G   B 1 16 ? -6.162  -4.665  -1.151  1.00 14.67 ? 36  G   B C2    1 
ATOM   759  N N2    . G   B 1 16 ? -6.650  -5.688  -0.440  1.00 13.41 ? 36  G   B N2    1 
ATOM   760  N N3    . G   B 1 16 ? -6.974  -3.887  -1.867  1.00 14.42 ? 36  G   B N3    1 
ATOM   761  C C4    . G   B 1 16 ? -6.275  -2.920  -2.520  1.00 15.17 ? 36  G   B C4    1 
ATOM   762  P P     . C   B 1 17 ? -9.415  1.794   -0.770  1.00 22.22 ? 37  C   B P     1 
ATOM   763  O OP1   . C   B 1 17 ? -10.575 2.647   -0.450  1.00 23.79 ? 37  C   B OP1   1 
ATOM   764  O OP2   . C   B 1 17 ? -8.075  2.398   -0.904  1.00 22.31 ? 37  C   B OP2   1 
ATOM   765  O "O5'" . C   B 1 17 ? -9.259  0.650   0.336   1.00 22.39 ? 37  C   B "O5'" 1 
ATOM   766  C "C5'" . C   B 1 17 ? -10.385 -0.086  0.721   1.00 23.06 ? 37  C   B "C5'" 1 
ATOM   767  C "C4'" . C   B 1 17 ? -9.991  -1.350  1.464   1.00 23.52 ? 37  C   B "C4'" 1 
ATOM   768  O "O4'" . C   B 1 17 ? -9.100  -2.164  0.653   1.00 23.11 ? 37  C   B "O4'" 1 
ATOM   769  C "C3'" . C   B 1 17 ? -9.199  -1.180  2.759   1.00 23.31 ? 37  C   B "C3'" 1 
ATOM   770  O "O3'" . C   B 1 17 ? -10.003 -0.717  3.829   1.00 24.93 ? 37  C   B "O3'" 1 
ATOM   771  C "C2'" . C   B 1 17 ? -8.742  -2.622  2.947   1.00 21.87 ? 37  C   B "C2'" 1 
ATOM   772  O "O2'" . C   B 1 17 ? -9.762  -3.541  3.273   1.00 19.58 ? 37  C   B "O2'" 1 
ATOM   773  C "C1'" . C   B 1 17 ? -8.252  -2.897  1.527   1.00 21.49 ? 37  C   B "C1'" 1 
ATOM   774  N N1    . C   B 1 17 ? -6.829  -2.491  1.368   1.00 20.10 ? 37  C   B N1    1 
ATOM   775  C C2    . C   B 1 17 ? -5.872  -3.263  2.042   1.00 19.42 ? 37  C   B C2    1 
ATOM   776  O O2    . C   B 1 17 ? -6.255  -4.232  2.717   1.00 17.46 ? 37  C   B O2    1 
ATOM   777  N N3    . C   B 1 17 ? -4.562  -2.915  1.927   1.00 18.71 ? 37  C   B N3    1 
ATOM   778  C C4    . C   B 1 17 ? -4.213  -1.859  1.191   1.00 18.20 ? 37  C   B C4    1 
ATOM   779  N N4    . C   B 1 17 ? -2.919  -1.568  1.101   1.00 17.76 ? 37  C   B N4    1 
ATOM   780  C C5    . C   B 1 17 ? -5.177  -1.064  0.501   1.00 18.30 ? 37  C   B C5    1 
ATOM   781  C C6    . C   B 1 17 ? -6.462  -1.408  0.619   1.00 18.59 ? 37  C   B C6    1 
ATOM   782  P P     . U   B 1 18 ? -9.394  0.011   5.135   1.00 26.69 ? 38  U   B P     1 
ATOM   783  O OP1   . U   B 1 18 ? -10.553 0.771   5.670   1.00 26.07 ? 38  U   B OP1   1 
ATOM   784  O OP2   . U   B 1 18 ? -8.091  0.664   4.840   1.00 26.01 ? 38  U   B OP2   1 
ATOM   785  O "O5'" . U   B 1 18 ? -9.050  -1.202  6.122   1.00 24.19 ? 38  U   B "O5'" 1 
ATOM   786  C "C5'" . U   B 1 18 ? -10.012 -2.201  6.351   1.00 21.99 ? 38  U   B "C5'" 1 
ATOM   787  C "C4'" . U   B 1 18 ? -9.396  -3.323  7.144   1.00 21.26 ? 38  U   B "C4'" 1 
ATOM   788  O "O4'" . U   B 1 18 ? -8.448  -4.073  6.353   1.00 20.04 ? 38  U   B "O4'" 1 
ATOM   789  C "C3'" . U   B 1 18 ? -8.589  -2.891  8.358   1.00 20.92 ? 38  U   B "C3'" 1 
ATOM   790  O "O3'" . U   B 1 18 ? -9.471  -2.455  9.361   1.00 19.54 ? 38  U   B "O3'" 1 
ATOM   791  C "C2'" . U   B 1 18 ? -7.878  -4.207  8.653   1.00 21.50 ? 38  U   B "C2'" 1 
ATOM   792  O "O2'" . U   B 1 18 ? -8.702  -5.240  9.190   1.00 22.37 ? 38  U   B "O2'" 1 
ATOM   793  C "C1'" . U   B 1 18 ? -7.446  -4.556  7.229   1.00 21.03 ? 38  U   B "C1'" 1 
ATOM   794  N N1    . U   B 1 18 ? -6.121  -3.969  6.853   1.00 20.79 ? 38  U   B N1    1 
ATOM   795  C C2    . U   B 1 18 ? -4.993  -4.553  7.397   1.00 20.20 ? 38  U   B C2    1 
ATOM   796  O O2    . U   B 1 18 ? -5.058  -5.498  8.161   1.00 17.63 ? 38  U   B O2    1 
ATOM   797  N N3    . U   B 1 18 ? -3.801  -3.971  7.003   1.00 20.92 ? 38  U   B N3    1 
ATOM   798  C C4    . U   B 1 18 ? -3.647  -2.888  6.140   1.00 20.73 ? 38  U   B C4    1 
ATOM   799  O O4    . U   B 1 18 ? -2.520  -2.472  5.881   1.00 20.16 ? 38  U   B O4    1 
ATOM   800  C C5    . U   B 1 18 ? -4.874  -2.334  5.616   1.00 19.72 ? 38  U   B C5    1 
ATOM   801  C C6    . U   B 1 18 ? -6.033  -2.887  5.984   1.00 20.06 ? 38  U   B C6    1 
ATOM   802  P P     . G   B 1 19 ? -9.080  -1.337  10.428  1.00 20.94 ? 39  G   B P     1 
ATOM   803  O OP1   . G   B 1 19 ? -10.123 -1.420  11.480  1.00 21.06 ? 39  G   B OP1   1 
ATOM   804  O OP2   . G   B 1 19 ? -8.801  -0.030  9.774   1.00 21.12 ? 39  G   B OP2   1 
ATOM   805  O "O5'" . G   B 1 19 ? -7.682  -1.891  10.982  1.00 20.74 ? 39  G   B "O5'" 1 
ATOM   806  C "C5'" . G   B 1 19 ? -7.643  -2.870  12.015  1.00 19.90 ? 39  G   B "C5'" 1 
ATOM   807  C "C4'" . G   B 1 19 ? -6.218  -3.026  12.480  1.00 19.37 ? 39  G   B "C4'" 1 
ATOM   808  O "O4'" . G   B 1 19 ? -5.462  -3.493  11.350  1.00 19.33 ? 39  G   B "O4'" 1 
ATOM   809  C "C3'" . G   B 1 19 ? -5.491  -1.753  12.893  1.00 19.29 ? 39  G   B "C3'" 1 
ATOM   810  O "O3'" . G   B 1 19 ? -5.767  -1.363  14.222  1.00 18.41 ? 39  G   B "O3'" 1 
ATOM   811  C "C2'" . G   B 1 19 ? -4.055  -2.204  12.751  1.00 19.68 ? 39  G   B "C2'" 1 
ATOM   812  O "O2'" . G   B 1 19 ? -3.616  -3.028  13.816  1.00 20.04 ? 39  G   B "O2'" 1 
ATOM   813  C "C1'" . G   B 1 19 ? -4.154  -2.964  11.432  1.00 19.82 ? 39  G   B "C1'" 1 
ATOM   814  N N9    . G   B 1 19 ? -3.892  -2.093  10.292  1.00 19.62 ? 39  G   B N9    1 
ATOM   815  C C8    . G   B 1 19 ? -4.793  -1.539  9.409   1.00 19.35 ? 39  G   B C8    1 
ATOM   816  N N7    . G   B 1 19 ? -4.237  -0.785  8.502   1.00 19.19 ? 39  G   B N7    1 
ATOM   817  C C5    . G   B 1 19 ? -2.888  -0.840  8.808   1.00 18.98 ? 39  G   B C5    1 
ATOM   818  C C6    . G   B 1 19 ? -1.803  -0.235  8.165   1.00 18.81 ? 39  G   B C6    1 
ATOM   819  O O6    . G   B 1 19 ? -1.836  0.497   7.177   1.00 19.22 ? 39  G   B O6    1 
ATOM   820  N N1    . G   B 1 19 ? -0.592  -0.549  8.776   1.00 20.13 ? 39  G   B N1    1 
ATOM   821  C C2    . G   B 1 19 ? -0.440  -1.353  9.886   1.00 20.21 ? 39  G   B C2    1 
ATOM   822  N N2    . G   B 1 19 ? 0.819   -1.523  10.327  1.00 18.99 ? 39  G   B N2    1 
ATOM   823  N N3    . G   B 1 19 ? -1.465  -1.942  10.507  1.00 19.62 ? 39  G   B N3    1 
ATOM   824  C C4    . G   B 1 19 ? -2.651  -1.641  9.907   1.00 19.73 ? 39  G   B C4    1 
ATOM   825  P P     . C   B 1 20 ? -5.884  0.176   14.653  1.00 18.96 ? 40  C   B P     1 
ATOM   826  O OP1   . C   B 1 20 ? -6.421  0.181   16.035  1.00 19.36 ? 40  C   B OP1   1 
ATOM   827  O OP2   . C   B 1 20 ? -6.541  0.980   13.594  1.00 19.14 ? 40  C   B OP2   1 
ATOM   828  O "O5'" . C   B 1 20 ? -4.358  0.668   14.728  1.00 20.50 ? 40  C   B "O5'" 1 
ATOM   829  C "C5'" . C   B 1 20 ? -3.496  0.134   15.718  1.00 20.73 ? 40  C   B "C5'" 1 
ATOM   830  C "C4'" . C   B 1 20 ? -2.047  0.334   15.320  1.00 22.10 ? 40  C   B "C4'" 1 
ATOM   831  O "O4'" . C   B 1 20 ? -1.780  -0.146  13.971  1.00 21.99 ? 40  C   B "O4'" 1 
ATOM   832  C "C3'" . C   B 1 20 ? -1.609  1.797   15.310  1.00 22.37 ? 40  C   B "C3'" 1 
ATOM   833  O "O3'" . C   B 1 20 ? -1.319  2.228   16.633  1.00 22.51 ? 40  C   B "O3'" 1 
ATOM   834  C "C2'" . C   B 1 20 ? -0.378  1.735   14.405  1.00 22.44 ? 40  C   B "C2'" 1 
ATOM   835  O "O2'" . C   B 1 20 ? 0.800   1.264   15.028  1.00 23.27 ? 40  C   B "O2'" 1 
ATOM   836  C "C1'" . C   B 1 20 ? -0.833  0.723   13.355  1.00 22.01 ? 40  C   B "C1'" 1 
ATOM   837  N N1    . C   B 1 20 ? -1.385  1.414   12.138  1.00 21.32 ? 40  C   B N1    1 
ATOM   838  C C2    . C   B 1 20 ? -0.454  2.037   11.300  1.00 21.26 ? 40  C   B C2    1 
ATOM   839  O O2    . C   B 1 20 ? 0.744   2.003   11.601  1.00 20.98 ? 40  C   B O2    1 
ATOM   840  N N3    . C   B 1 20 ? -0.902  2.669   10.187  1.00 21.89 ? 40  C   B N3    1 
ATOM   841  C C4    . C   B 1 20 ? -2.202  2.702   9.895   1.00 21.04 ? 40  C   B C4    1 
ATOM   842  N N4    . C   B 1 20 ? -2.547  3.349   8.780   1.00 20.96 ? 40  C   B N4    1 
ATOM   843  C C5    . C   B 1 20 ? -3.178  2.079   10.731  1.00 20.29 ? 40  C   B C5    1 
ATOM   844  C C6    . C   B 1 20 ? -2.730  1.452   11.829  1.00 21.05 ? 40  C   B C6    1 
ATOM   845  O OP3   . G   C 1 1  ? -5.975  6.567   13.109  1.00 37.48 ? 1   G   D OP3   1 
ATOM   846  P P     . G   C 1 1  ? -5.190  6.311   11.879  1.00 37.42 ? 1   G   D P     1 
ATOM   847  O OP1   . G   C 1 1  ? -4.771  7.455   11.032  1.00 37.64 ? 1   G   D OP1   1 
ATOM   848  O OP2   . G   C 1 1  ? -5.973  5.357   11.057  1.00 37.72 ? 1   G   D OP2   1 
ATOM   849  O "O5'" . G   C 1 1  ? -3.856  5.545   12.269  1.00 36.65 ? 1   G   D "O5'" 1 
ATOM   850  C "C5'" . G   C 1 1  ? -3.443  5.346   13.597  1.00 36.53 ? 1   G   D "C5'" 1 
ATOM   851  C "C4'" . G   C 1 1  ? -1.937  5.391   13.585  1.00 36.36 ? 1   G   D "C4'" 1 
ATOM   852  O "O4'" . G   C 1 1  ? -1.431  4.806   12.362  1.00 35.45 ? 1   G   D "O4'" 1 
ATOM   853  C "C3'" . G   C 1 1  ? -1.390  6.799   13.548  1.00 36.12 ? 1   G   D "C3'" 1 
ATOM   854  O "O3'" . G   C 1 1  ? -1.481  7.364   14.833  1.00 37.43 ? 1   G   D "O3'" 1 
ATOM   855  C "C2'" . G   C 1 1  ? 0.028   6.525   13.070  1.00 35.55 ? 1   G   D "C2'" 1 
ATOM   856  O "O2'" . G   C 1 1  ? 0.875   5.942   14.035  1.00 35.10 ? 1   G   D "O2'" 1 
ATOM   857  C "C1'" . G   C 1 1  ? -0.286  5.535   11.957  1.00 35.14 ? 1   G   D "C1'" 1 
ATOM   858  N N9    . G   C 1 1  ? -0.546  6.173   10.672  1.00 34.62 ? 1   G   D N9    1 
ATOM   859  C C8    . G   C 1 1  ? -1.724  6.206   9.961   1.00 33.70 ? 1   G   D C8    1 
ATOM   860  N N7    . G   C 1 1  ? -1.630  6.850   8.834   1.00 33.42 ? 1   G   D N7    1 
ATOM   861  C C5    . G   C 1 1  ? -0.309  7.274   8.795   1.00 33.95 ? 1   G   D C5    1 
ATOM   862  C C6    . G   C 1 1  ? 0.380   8.025   7.806   1.00 34.21 ? 1   G   D C6    1 
ATOM   863  O O6    . G   C 1 1  ? -0.049  8.482   6.731   1.00 34.29 ? 1   G   D O6    1 
ATOM   864  N N1    . G   C 1 1  ? 1.712   8.238   8.168   1.00 34.23 ? 1   G   D N1    1 
ATOM   865  C C2    . G   C 1 1  ? 2.311   7.787   9.324   1.00 33.60 ? 1   G   D C2    1 
ATOM   866  N N2    . G   C 1 1  ? 3.605   8.112   9.460   1.00 32.97 ? 1   G   D N2    1 
ATOM   867  N N3    . G   C 1 1  ? 1.676   7.077   10.260  1.00 33.28 ? 1   G   D N3    1 
ATOM   868  C C4    . G   C 1 1  ? 0.375   6.864   9.924   1.00 34.04 ? 1   G   D C4    1 
ATOM   869  P P     . C   C 1 2  ? -1.742  8.933   15.024  1.00 39.10 ? 2   C   D P     1 
ATOM   870  O OP1   . C   C 1 2  ? -1.966  9.118   16.476  1.00 38.93 ? 2   C   D OP1   1 
ATOM   871  O OP2   . C   C 1 2  ? -2.726  9.408   14.023  1.00 37.86 ? 2   C   D OP2   1 
ATOM   872  O "O5'" . C   C 1 2  ? -0.333  9.597   14.636  1.00 38.38 ? 2   C   D "O5'" 1 
ATOM   873  C "C5'" . C   C 1 2  ? 0.797   9.520   15.485  1.00 37.53 ? 2   C   D "C5'" 1 
ATOM   874  C "C4'" . C   C 1 2  ? 2.037   10.014  14.757  1.00 37.50 ? 2   C   D "C4'" 1 
ATOM   875  O "O4'" . C   C 1 2  ? 2.181   9.294   13.512  1.00 36.62 ? 2   C   D "O4'" 1 
ATOM   876  C "C3'" . C   C 1 2  ? 2.010   11.466  14.316  1.00 37.78 ? 2   C   D "C3'" 1 
ATOM   877  O "O3'" . C   C 1 2  ? 2.424   12.330  15.357  1.00 39.59 ? 2   C   D "O3'" 1 
ATOM   878  C "C2'" . C   C 1 2  ? 3.013   11.465  13.180  1.00 36.99 ? 2   C   D "C2'" 1 
ATOM   879  O "O2'" . C   C 1 2  ? 4.357   11.418  13.614  1.00 36.81 ? 2   C   D "O2'" 1 
ATOM   880  C "C1'" . C   C 1 2  ? 2.613   10.173  12.487  1.00 36.06 ? 2   C   D "C1'" 1 
ATOM   881  N N1    . C   C 1 2  ? 1.556   10.366  11.432  1.00 34.54 ? 2   C   D N1    1 
ATOM   882  C C2    . C   C 1 2  ? 1.934   10.999  10.242  1.00 34.67 ? 2   C   D C2    1 
ATOM   883  O O2    . C   C 1 2  ? 3.104   11.381  10.107  1.00 35.53 ? 2   C   D O2    1 
ATOM   884  N N3    . C   C 1 2  ? 1.009   11.181  9.263   1.00 34.08 ? 2   C   D N3    1 
ATOM   885  C C4    . C   C 1 2  ? -0.242  10.762  9.439   1.00 33.95 ? 2   C   D C4    1 
ATOM   886  N N4    . C   C 1 2  ? -1.101  10.965  8.443   1.00 34.67 ? 2   C   D N4    1 
ATOM   887  C C5    . C   C 1 2  ? -0.656  10.112  10.639  1.00 33.78 ? 2   C   D C5    1 
ATOM   888  C C6    . C   C 1 2  ? 0.265   9.939   11.595  1.00 33.68 ? 2   C   D C6    1 
ATOM   889  P P     . U   C 1 3  ? 1.737   13.771  15.523  1.00 41.20 ? 3   U   D P     1 
ATOM   890  O OP1   . U   C 1 3  ? 1.797   14.077  16.977  1.00 40.65 ? 3   U   D OP1   1 
ATOM   891  O OP2   . U   C 1 3  ? 0.423   13.754  14.827  1.00 40.55 ? 3   U   D OP2   1 
ATOM   892  O "O5'" . U   C 1 3  ? 2.674   14.766  14.673  1.00 39.76 ? 3   U   D "O5'" 1 
ATOM   893  C "C5'" . U   C 1 3  ? 4.091   14.769  14.775  1.00 39.69 ? 3   U   D "C5'" 1 
ATOM   894  C "C4'" . U   C 1 3  ? 4.717   15.478  13.590  1.00 39.44 ? 3   U   D "C4'" 1 
ATOM   895  O "O4'" . U   C 1 3  ? 4.595   14.649  12.410  1.00 39.03 ? 3   U   D "O4'" 1 
ATOM   896  C "C3'" . U   C 1 3  ? 4.073   16.788  13.153  1.00 39.84 ? 3   U   D "C3'" 1 
ATOM   897  O "O3'" . U   C 1 3  ? 4.451   17.878  13.995  1.00 40.26 ? 3   U   D "O3'" 1 
ATOM   898  C "C2'" . U   C 1 3  ? 4.622   16.897  11.734  1.00 39.27 ? 3   U   D "C2'" 1 
ATOM   899  O "O2'" . U   C 1 3  ? 5.980   17.268  11.678  1.00 39.22 ? 3   U   D "O2'" 1 
ATOM   900  C "C1'" . U   C 1 3  ? 4.440   15.468  11.256  1.00 39.09 ? 3   U   D "C1'" 1 
ATOM   901  N N1    . U   C 1 3  ? 3.115   15.208  10.579  1.00 38.98 ? 3   U   D N1    1 
ATOM   902  C C2    . U   C 1 3  ? 2.943   15.578  9.259   1.00 39.16 ? 3   U   D C2    1 
ATOM   903  O O2    . U   C 1 3  ? 3.814   16.127  8.604   1.00 39.42 ? 3   U   D O2    1 
ATOM   904  N N3    . U   C 1 3  ? 1.704   15.279  8.728   1.00 39.06 ? 3   U   D N3    1 
ATOM   905  C C4    . U   C 1 3  ? 0.634   14.667  9.372   1.00 39.15 ? 3   U   D C4    1 
ATOM   906  O O4    . U   C 1 3  ? -0.423  14.462  8.781   1.00 39.53 ? 3   U   D O4    1 
ATOM   907  C C5    . U   C 1 3  ? 0.882   14.310  10.740  1.00 38.82 ? 3   U   D C5    1 
ATOM   908  C C6    . U   C 1 3  ? 2.081   14.590  11.270  1.00 39.30 ? 3   U   D C6    1 
ATOM   909  P P     . G   C 1 4  ? 3.430   19.082  14.310  1.00 41.57 ? 4   G   D P     1 
ATOM   910  O OP1   . G   C 1 4  ? 4.073   19.906  15.354  1.00 43.03 ? 4   G   D OP1   1 
ATOM   911  O OP2   . G   C 1 4  ? 2.066   18.566  14.554  1.00 40.70 ? 4   G   D OP2   1 
ATOM   912  O "O5'" . G   C 1 4  ? 3.425   19.920  12.948  1.00 40.55 ? 4   G   D "O5'" 1 
ATOM   913  C "C5'" . G   C 1 4  ? 4.557   20.712  12.610  1.00 39.68 ? 4   G   D "C5'" 1 
ATOM   914  C "C4'" . G   C 1 4  ? 4.565   21.048  11.132  1.00 39.07 ? 4   G   D "C4'" 1 
ATOM   915  O "O4'" . G   C 1 4  ? 4.422   19.835  10.360  1.00 37.99 ? 4   G   D "O4'" 1 
ATOM   916  C "C3'" . G   C 1 4  ? 3.406   21.900  10.641  1.00 39.30 ? 4   G   D "C3'" 1 
ATOM   917  O "O3'" . G   C 1 4  ? 3.616   23.257  10.937  1.00 40.46 ? 4   G   D "O3'" 1 
ATOM   918  C "C2'" . G   C 1 4  ? 3.438   21.594  9.147   1.00 38.36 ? 4   G   D "C2'" 1 
ATOM   919  O "O2'" . G   C 1 4  ? 4.535   22.147  8.442   1.00 38.72 ? 4   G   D "O2'" 1 
ATOM   920  C "C1'" . G   C 1 4  ? 3.594   20.087  9.234   1.00 36.43 ? 4   G   D "C1'" 1 
ATOM   921  N N9    . G   C 1 4  ? 2.341   19.351  9.368   1.00 34.92 ? 4   G   D N9    1 
ATOM   922  C C8    . G   C 1 4  ? 1.851   18.649  10.451  1.00 33.98 ? 4   G   D C8    1 
ATOM   923  N N7    . G   C 1 4  ? 0.699   18.082  10.229  1.00 33.54 ? 4   G   D N7    1 
ATOM   924  C C5    . G   C 1 4  ? 0.409   18.429  8.916   1.00 33.38 ? 4   G   D C5    1 
ATOM   925  C C6    . G   C 1 4  ? -0.704  18.103  8.114   1.00 33.46 ? 4   G   D C6    1 
ATOM   926  O O6    . G   C 1 4  ? -1.691  17.422  8.413   1.00 34.19 ? 4   G   D O6    1 
ATOM   927  N N1    . G   C 1 4  ? -0.610  18.666  6.843   1.00 33.52 ? 4   G   D N1    1 
ATOM   928  C C2    . G   C 1 4  ? 0.431   19.434  6.384   1.00 33.22 ? 4   G   D C2    1 
ATOM   929  N N2    . G   C 1 4  ? 0.319   19.868  5.120   1.00 33.25 ? 4   G   D N2    1 
ATOM   930  N N3    . G   C 1 4  ? 1.492   19.745  7.119   1.00 33.41 ? 4   G   D N3    1 
ATOM   931  C C4    . G   C 1 4  ? 1.408   19.208  8.369   1.00 33.99 ? 4   G   D C4    1 
ATOM   932  P P     . C   C 1 5  ? 2.450   24.134  11.596  1.00 43.01 ? 5   C   D P     1 
ATOM   933  O OP1   . C   C 1 5  ? 3.128   25.370  12.045  1.00 43.70 ? 5   C   D OP1   1 
ATOM   934  O OP2   . C   C 1 5  ? 1.621   23.343  12.544  1.00 41.45 ? 5   C   D OP2   1 
ATOM   935  O "O5'" . C   C 1 5  ? 1.540   24.488  10.331  1.00 41.90 ? 5   C   D "O5'" 1 
ATOM   936  C "C5'" . C   C 1 5  ? 2.027   25.367  9.332   1.00 41.52 ? 5   C   D "C5'" 1 
ATOM   937  C "C4'" . C   C 1 5  ? 1.168   25.275  8.085   1.00 40.92 ? 5   C   D "C4'" 1 
ATOM   938  O "O4'" . C   C 1 5  ? 1.138   23.888  7.651   1.00 40.12 ? 5   C   D "O4'" 1 
ATOM   939  C "C3'" . C   C 1 5  ? -0.311  25.599  8.246   1.00 40.73 ? 5   C   D "C3'" 1 
ATOM   940  O "O3'" . C   C 1 5  ? -0.636  26.994  8.358   1.00 41.22 ? 5   C   D "O3'" 1 
ATOM   941  C "C2'" . C   C 1 5  ? -0.849  24.955  6.975   1.00 40.19 ? 5   C   D "C2'" 1 
ATOM   942  O "O2'" . C   C 1 5  ? -0.513  25.636  5.778   1.00 40.89 ? 5   C   D "O2'" 1 
ATOM   943  C "C1'" . C   C 1 5  ? -0.122  23.614  7.060   1.00 38.68 ? 5   C   D "C1'" 1 
ATOM   944  N N1    . C   C 1 5  ? -0.887  22.601  7.861   1.00 36.92 ? 5   C   D N1    1 
ATOM   945  C C2    . C   C 1 5  ? -1.998  21.985  7.266   1.00 35.61 ? 5   C   D C2    1 
ATOM   946  O O2    . C   C 1 5  ? -2.315  22.286  6.106   1.00 35.72 ? 5   C   D O2    1 
ATOM   947  N N3    . C   C 1 5  ? -2.697  21.070  7.980   1.00 34.50 ? 5   C   D N3    1 
ATOM   948  C C4    . C   C 1 5  ? -2.335  20.762  9.223   1.00 34.96 ? 5   C   D C4    1 
ATOM   949  N N4    . C   C 1 5  ? -3.061  19.856  9.873   1.00 35.97 ? 5   C   D N4    1 
ATOM   950  C C5    . C   C 1 5  ? -1.217  21.375  9.856   1.00 35.44 ? 5   C   D C5    1 
ATOM   951  C C6    . C   C 1 5  ? -0.533  22.282  9.146   1.00 36.09 ? 5   C   D C6    1 
ATOM   952  P P     . U   C 1 6  ? -1.976  27.399  9.172   1.00 42.26 ? 6   U   D P     1 
ATOM   953  O OP1   . U   C 1 6  ? -1.624  28.536  10.050  1.00 41.86 ? 6   U   D OP1   1 
ATOM   954  O OP2   . U   C 1 6  ? -2.565  26.172  9.758   1.00 41.53 ? 6   U   D OP2   1 
ATOM   955  O "O5'" . U   C 1 6  ? -3.035  27.901  8.080   1.00 40.61 ? 6   U   D "O5'" 1 
ATOM   956  C "C5'" . U   C 1 6  ? -2.717  28.094  6.707   1.00 40.03 ? 6   U   D "C5'" 1 
ATOM   957  C "C4'" . U   C 1 6  ? -3.912  27.827  5.805   1.00 39.44 ? 6   U   D "C4'" 1 
ATOM   958  O "O4'" . U   C 1 6  ? -3.961  26.429  5.416   1.00 39.37 ? 6   U   D "O4'" 1 
ATOM   959  C "C3'" . U   C 1 6  ? -5.310  28.049  6.378   1.00 38.60 ? 6   U   D "C3'" 1 
ATOM   960  O "O3'" . U   C 1 6  ? -5.642  29.413  6.483   1.00 37.37 ? 6   U   D "O3'" 1 
ATOM   961  C "C2'" . U   C 1 6  ? -6.138  27.365  5.303   1.00 38.85 ? 6   U   D "C2'" 1 
ATOM   962  O "O2'" . U   C 1 6  ? -6.243  28.135  4.117   1.00 38.20 ? 6   U   D "O2'" 1 
ATOM   963  C "C1'" . U   C 1 6  ? -5.309  26.094  5.105   1.00 38.78 ? 6   U   D "C1'" 1 
ATOM   964  N N1    . U   C 1 6  ? -5.777  24.960  5.973   1.00 38.66 ? 6   U   D N1    1 
ATOM   965  C C2    . U   C 1 6  ? -6.934  24.277  5.618   1.00 38.30 ? 6   U   D C2    1 
ATOM   966  O O2    . U   C 1 6  ? -7.598  24.548  4.629   1.00 38.39 ? 6   U   D O2    1 
ATOM   967  N N3    . U   C 1 6  ? -7.287  23.255  6.469   1.00 37.37 ? 6   U   D N3    1 
ATOM   968  C C4    . U   C 1 6  ? -6.622  22.860  7.609   1.00 37.45 ? 6   U   D C4    1 
ATOM   969  O O4    . U   C 1 6  ? -7.045  21.929  8.276   1.00 37.94 ? 6   U   D O4    1 
ATOM   970  C C5    . U   C 1 6  ? -5.440  23.616  7.919   1.00 37.92 ? 6   U   D C5    1 
ATOM   971  C C6    . U   C 1 6  ? -5.068  24.613  7.113   1.00 38.27 ? 6   U   D C6    1 
ATOM   972  P P     . G   C 1 7  ? -6.722  29.886  7.565   1.00 37.10 ? 7   G   D P     1 
ATOM   973  O OP1   . G   C 1 7  ? -6.930  31.322  7.289   1.00 37.46 ? 7   G   D OP1   1 
ATOM   974  O OP2   . G   C 1 7  ? -6.301  29.429  8.905   1.00 36.40 ? 7   G   D OP2   1 
ATOM   975  O "O5'" . G   C 1 7  ? -8.046  29.060  7.229   1.00 35.48 ? 7   G   D "O5'" 1 
ATOM   976  C "C5'" . G   C 1 7  ? -8.861  29.341  6.109   1.00 33.54 ? 7   G   D "C5'" 1 
ATOM   977  C "C4'" . G   C 1 7  ? -10.107 28.474  6.180   1.00 33.19 ? 7   G   D "C4'" 1 
ATOM   978  O "O4'" . G   C 1 7  ? -9.760  27.069  6.083   1.00 32.06 ? 7   G   D "O4'" 1 
ATOM   979  C "C3'" . G   C 1 7  ? -10.882 28.549  7.493   1.00 32.36 ? 7   G   D "C3'" 1 
ATOM   980  O "O3'" . G   C 1 7  ? -11.693 29.716  7.556   1.00 31.61 ? 7   G   D "O3'" 1 
ATOM   981  C "C2'" . G   C 1 7  ? -11.688 27.252  7.452   1.00 31.64 ? 7   G   D "C2'" 1 
ATOM   982  O "O2'" . G   C 1 7  ? -12.830 27.265  6.615   1.00 31.72 ? 7   G   D "O2'" 1 
ATOM   983  C "C1'" . G   C 1 7  ? -10.631 26.312  6.907   1.00 31.07 ? 7   G   D "C1'" 1 
ATOM   984  N N9    . G   C 1 7  ? -9.858  25.669  7.957   1.00 30.71 ? 7   G   D N9    1 
ATOM   985  C C8    . G   C 1 7  ? -8.602  25.994  8.414   1.00 30.43 ? 7   G   D C8    1 
ATOM   986  N N7    . G   C 1 7  ? -8.179  25.207  9.365   1.00 30.55 ? 7   G   D N7    1 
ATOM   987  C C5    . G   C 1 7  ? -9.220  24.302  9.549   1.00 30.58 ? 7   G   D C5    1 
ATOM   988  C C6    . G   C 1 7  ? -9.344  23.209  10.443  1.00 30.82 ? 7   G   D C6    1 
ATOM   989  O O6    . G   C 1 7  ? -8.531  22.800  11.286  1.00 30.63 ? 7   G   D O6    1 
ATOM   990  N N1    . G   C 1 7  ? -10.570 22.555  10.299  1.00 31.38 ? 7   G   D N1    1 
ATOM   991  C C2    . G   C 1 7  ? -11.563 22.902  9.409   1.00 31.21 ? 7   G   D C2    1 
ATOM   992  N N2    . G   C 1 7  ? -12.668 22.136  9.437   1.00 30.32 ? 7   G   D N2    1 
ATOM   993  N N3    . G   C 1 7  ? -11.458 23.926  8.556   1.00 31.05 ? 7   G   D N3    1 
ATOM   994  C C4    . G   C 1 7  ? -10.264 24.575  8.685   1.00 30.78 ? 7   G   D C4    1 
ATOM   995  P P     . C   C 1 8  ? -12.047 30.388  8.966   1.00 31.49 ? 8   C   D P     1 
ATOM   996  O OP1   . C   C 1 8  ? -12.958 31.518  8.653   1.00 30.96 ? 8   C   D OP1   1 
ATOM   997  O OP2   . C   C 1 8  ? -10.785 30.617  9.711   1.00 31.01 ? 8   C   D OP2   1 
ATOM   998  O "O5'" . C   C 1 8  ? -12.852 29.256  9.754   1.00 29.74 ? 8   C   D "O5'" 1 
ATOM   999  C "C5'" . C   C 1 8  ? -14.206 28.999  9.412   1.00 28.93 ? 8   C   D "C5'" 1 
ATOM   1000 C "C4'" . C   C 1 8  ? -14.724 27.815  10.195  1.00 28.66 ? 8   C   D "C4'" 1 
ATOM   1001 O "O4'" . C   C 1 8  ? -13.830 26.684  10.007  1.00 27.87 ? 8   C   D "O4'" 1 
ATOM   1002 C "C3'" . C   C 1 8  ? -14.759 27.984  11.707  1.00 28.50 ? 8   C   D "C3'" 1 
ATOM   1003 O "O3'" . C   C 1 8  ? -15.855 28.776  12.159  1.00 28.38 ? 8   C   D "O3'" 1 
ATOM   1004 C "C2'" . C   C 1 8  ? -14.871 26.523  12.112  1.00 28.32 ? 8   C   D "C2'" 1 
ATOM   1005 O "O2'" . C   C 1 8  ? -16.158 25.988  11.901  1.00 29.09 ? 8   C   D "O2'" 1 
ATOM   1006 C "C1'" . C   C 1 8  ? -13.870 25.870  11.167  1.00 27.34 ? 8   C   D "C1'" 1 
ATOM   1007 N N1    . C   C 1 8  ? -12.494 25.714  11.749  1.00 26.38 ? 8   C   D N1    1 
ATOM   1008 C C2    . C   C 1 8  ? -12.235 24.618  12.584  1.00 25.45 ? 8   C   D C2    1 
ATOM   1009 O O2    . C   C 1 8  ? -13.142 23.811  12.838  1.00 23.99 ? 8   C   D O2    1 
ATOM   1010 N N3    . C   C 1 8  ? -10.986 24.469  13.103  1.00 25.73 ? 8   C   D N3    1 
ATOM   1011 C C4    . C   C 1 8  ? -10.024 25.346  12.821  1.00 26.28 ? 8   C   D C4    1 
ATOM   1012 N N4    . C   C 1 8  ? -8.820  25.148  13.359  1.00 26.85 ? 8   C   D N4    1 
ATOM   1013 C C5    . C   C 1 8  ? -10.259 26.467  11.973  1.00 26.53 ? 8   C   D C5    1 
ATOM   1014 C C6    . C   C 1 8  ? -11.493 26.613  11.467  1.00 26.55 ? 8   C   D C6    1 
ATOM   1015 P P     . U   C 1 9  ? -15.720 29.679  13.488  1.00 28.74 ? 9   U   D P     1 
ATOM   1016 O OP1   . U   C 1 9  ? -16.987 30.445  13.591  1.00 28.77 ? 9   U   D OP1   1 
ATOM   1017 O OP2   . U   C 1 9  ? -14.434 30.411  13.416  1.00 28.78 ? 9   U   D OP2   1 
ATOM   1018 O "O5'" . U   C 1 9  ? -15.628 28.605  14.668  1.00 27.90 ? 9   U   D "O5'" 1 
ATOM   1019 C "C5'" . U   C 1 9  ? -16.823 27.904  15.000  1.00 29.61 ? 9   U   D "C5'" 1 
ATOM   1020 C "C4'" . U   C 1 9  ? -16.562 26.757  15.958  1.00 30.20 ? 9   U   D "C4'" 1 
ATOM   1021 O "O4'" . U   C 1 9  ? -15.567 25.874  15.394  1.00 29.27 ? 9   U   D "O4'" 1 
ATOM   1022 C "C3'" . U   C 1 9  ? -15.957 27.137  17.304  1.00 30.64 ? 9   U   D "C3'" 1 
ATOM   1023 O "O3'" . U   C 1 9  ? -16.901 27.713  18.201  1.00 32.44 ? 9   U   D "O3'" 1 
ATOM   1024 C "C2'" . U   C 1 9  ? -15.462 25.779  17.778  1.00 30.15 ? 9   U   D "C2'" 1 
ATOM   1025 O "O2'" . U   C 1 9  ? -16.466 24.925  18.291  1.00 30.25 ? 9   U   D "O2'" 1 
ATOM   1026 C "C1'" . U   C 1 9  ? -14.887 25.246  16.470  1.00 29.54 ? 9   U   D "C1'" 1 
ATOM   1027 N N1    . U   C 1 9  ? -13.425 25.484  16.384  1.00 28.52 ? 9   U   D N1    1 
ATOM   1028 C C2    . U   C 1 9  ? -12.614 24.703  17.180  1.00 28.87 ? 9   U   D C2    1 
ATOM   1029 O O2    . U   C 1 9  ? -13.028 23.842  17.942  1.00 29.73 ? 9   U   D O2    1 
ATOM   1030 N N3    . U   C 1 9  ? -11.281 24.955  17.062  1.00 28.35 ? 9   U   D N3    1 
ATOM   1031 C C4    . U   C 1 9  ? -10.676 25.882  16.238  1.00 29.00 ? 9   U   D C4    1 
ATOM   1032 O O4    . U   C 1 9  ? -9.452  25.978  16.240  1.00 29.42 ? 9   U   D O4    1 
ATOM   1033 C C5    . U   C 1 9  ? -11.581 26.671  15.438  1.00 28.93 ? 9   U   D C5    1 
ATOM   1034 C C6    . U   C 1 9  ? -12.898 26.445  15.539  1.00 28.70 ? 9   U   D C6    1 
ATOM   1035 P P     . G   C 1 10 ? -16.406 28.721  19.348  1.00 33.49 ? 10  G   D P     1 
ATOM   1036 O OP1   . G   C 1 10 ? -17.617 29.389  19.857  1.00 33.84 ? 10  G   D OP1   1 
ATOM   1037 O OP2   . G   C 1 10 ? -15.246 29.475  18.826  1.00 33.85 ? 10  G   D OP2   1 
ATOM   1038 O "O5'" . G   C 1 10 ? -15.788 27.822  20.499  1.00 34.50 ? 10  G   D "O5'" 1 
ATOM   1039 C "C5'" . G   C 1 10 ? -16.568 26.997  21.322  1.00 36.15 ? 10  G   D "C5'" 1 
ATOM   1040 C "C4'" . G   C 1 10 ? -15.591 26.115  22.068  1.00 37.22 ? 10  G   D "C4'" 1 
ATOM   1041 O "O4'" . G   C 1 10 ? -14.728 25.447  21.113  1.00 37.24 ? 10  G   D "O4'" 1 
ATOM   1042 C "C3'" . G   C 1 10 ? -14.591 26.866  22.927  1.00 38.07 ? 10  G   D "C3'" 1 
ATOM   1043 O "O3'" . G   C 1 10 ? -15.159 27.282  24.148  1.00 40.35 ? 10  G   D "O3'" 1 
ATOM   1044 C "C2'" . G   C 1 10 ? -13.489 25.832  23.104  1.00 37.14 ? 10  G   D "C2'" 1 
ATOM   1045 O "O2'" . G   C 1 10 ? -13.779 24.795  24.022  1.00 37.11 ? 10  G   D "O2'" 1 
ATOM   1046 C "C1'" . G   C 1 10 ? -13.436 25.291  21.683  1.00 35.92 ? 10  G   D "C1'" 1 
ATOM   1047 N N9    . G   C 1 10 ? -12.427 25.966  20.879  1.00 34.56 ? 10  G   D N9    1 
ATOM   1048 C C8    . G   C 1 10 ? -12.570 26.885  19.868  1.00 34.38 ? 10  G   D C8    1 
ATOM   1049 N N7    . G   C 1 10 ? -11.432 27.275  19.356  1.00 34.01 ? 10  G   D N7    1 
ATOM   1050 C C5    . G   C 1 10 ? -10.481 26.573  20.080  1.00 33.76 ? 10  G   D C5    1 
ATOM   1051 C C6    . G   C 1 10 ? -9.069  26.570  19.992  1.00 33.99 ? 10  G   D C6    1 
ATOM   1052 O O6    . G   C 1 10 ? -8.341  27.214  19.225  1.00 34.63 ? 10  G   D O6    1 
ATOM   1053 N N1    . G   C 1 10 ? -8.494  25.709  20.923  1.00 33.80 ? 10  G   D N1    1 
ATOM   1054 C C2    . G   C 1 10 ? -9.178  24.937  21.833  1.00 33.79 ? 10  G   D C2    1 
ATOM   1055 N N2    . G   C 1 10 ? -8.438  24.166  22.648  1.00 34.00 ? 10  G   D N2    1 
ATOM   1056 N N3    . G   C 1 10 ? -10.501 24.928  21.925  1.00 33.78 ? 10  G   D N3    1 
ATOM   1057 C C4    . G   C 1 10 ? -11.079 25.767  21.021  1.00 34.10 ? 10  G   D C4    1 
ATOM   1058 P P     . C   C 1 11 ? -14.609 28.631  24.811  1.00 42.59 ? 11  C   D P     1 
ATOM   1059 O OP1   . C   C 1 11 ? -15.428 28.825  26.030  1.00 42.66 ? 11  C   D OP1   1 
ATOM   1060 O OP2   . C   C 1 11 ? -14.551 29.674  23.758  1.00 41.00 ? 11  C   D OP2   1 
ATOM   1061 O "O5'" . C   C 1 11 ? -13.113 28.278  25.254  1.00 41.89 ? 11  C   D "O5'" 1 
ATOM   1062 C "C5'" . C   C 1 11 ? -12.941 27.507  26.425  1.00 42.35 ? 11  C   D "C5'" 1 
ATOM   1063 C "C4'" . C   C 1 11 ? -11.506 27.049  26.573  1.00 43.14 ? 11  C   D "C4'" 1 
ATOM   1064 O "O4'" . C   C 1 11 ? -11.050 26.463  25.325  1.00 42.24 ? 11  C   D "O4'" 1 
ATOM   1065 C "C3'" . C   C 1 11 ? -10.444 28.120  26.826  1.00 43.80 ? 11  C   D "C3'" 1 
ATOM   1066 O "O3'" . C   C 1 11 ? -10.471 28.712  28.144  1.00 45.97 ? 11  C   D "O3'" 1 
ATOM   1067 C "C2'" . C   C 1 11 ? -9.203  27.269  26.554  1.00 42.46 ? 11  C   D "C2'" 1 
ATOM   1068 O "O2'" . C   C 1 11 ? -8.931  26.263  27.512  1.00 42.07 ? 11  C   D "O2'" 1 
ATOM   1069 C "C1'" . C   C 1 11 ? -9.641  26.636  25.237  1.00 40.63 ? 11  C   D "C1'" 1 
ATOM   1070 N N1    . C   C 1 11 ? -9.255  27.486  24.074  1.00 38.36 ? 11  C   D N1    1 
ATOM   1071 C C2    . C   C 1 11 ? -7.899  27.517  23.709  1.00 37.42 ? 11  C   D C2    1 
ATOM   1072 O O2    . C   C 1 11 ? -7.065  26.851  24.344  1.00 36.43 ? 11  C   D O2    1 
ATOM   1073 N N3    . C   C 1 11 ? -7.522  28.281  22.656  1.00 36.41 ? 11  C   D N3    1 
ATOM   1074 C C4    . C   C 1 11 ? -8.414  28.993  21.983  1.00 36.49 ? 11  C   D C4    1 
ATOM   1075 N N4    . C   C 1 11 ? -7.958  29.715  20.955  1.00 37.57 ? 11  C   D N4    1 
ATOM   1076 C C5    . C   C 1 11 ? -9.798  28.981  22.334  1.00 37.00 ? 11  C   D C5    1 
ATOM   1077 C C6    . C   C 1 11 ? -10.175 28.224  23.376  1.00 37.53 ? 11  C   D C6    1 
ATOM   1078 P P     . U   C 1 12 ? -9.571  30.006  28.496  1.00 47.46 ? 12  U   D P     1 
ATOM   1079 O OP1   . U   C 1 12 ? -9.913  30.371  29.887  1.00 47.77 ? 12  U   D OP1   1 
ATOM   1080 O OP2   . U   C 1 12 ? -9.664  30.997  27.390  1.00 47.07 ? 12  U   D OP2   1 
ATOM   1081 O "O5'" . U   C 1 12 ? -8.069  29.459  28.517  1.00 44.82 ? 12  U   D "O5'" 1 
ATOM   1082 C "C5'" . U   C 1 12 ? -7.647  28.685  29.627  1.00 43.01 ? 12  U   D "C5'" 1 
ATOM   1083 C "C4'" . U   C 1 12 ? -6.144  28.573  29.607  1.00 41.54 ? 12  U   D "C4'" 1 
ATOM   1084 O "O4'" . U   C 1 12 ? -5.720  28.034  28.332  1.00 40.52 ? 12  U   D "O4'" 1 
ATOM   1085 C "C3'" . U   C 1 12 ? -5.381  29.887  29.685  1.00 40.70 ? 12  U   D "C3'" 1 
ATOM   1086 O "O3'" . U   C 1 12 ? -5.390  30.455  30.994  1.00 39.73 ? 12  U   D "O3'" 1 
ATOM   1087 C "C2'" . U   C 1 12 ? -4.006  29.401  29.237  1.00 40.39 ? 12  U   D "C2'" 1 
ATOM   1088 O "O2'" . U   C 1 12 ? -3.308  28.670  30.233  1.00 39.84 ? 12  U   D "O2'" 1 
ATOM   1089 C "C1'" . U   C 1 12 ? -4.419  28.530  28.046  1.00 40.16 ? 12  U   D "C1'" 1 
ATOM   1090 N N1    . U   C 1 12 ? -4.428  29.298  26.756  1.00 39.14 ? 12  U   D N1    1 
ATOM   1091 C C2    . U   C 1 12 ? -3.217  29.589  26.167  1.00 38.92 ? 12  U   D C2    1 
ATOM   1092 O O2    . U   C 1 12 ? -2.153  29.242  26.645  1.00 39.16 ? 12  U   D O2    1 
ATOM   1093 N N3    . U   C 1 12 ? -3.296  30.296  24.993  1.00 38.61 ? 12  U   D N3    1 
ATOM   1094 C C4    . U   C 1 12 ? -4.453  30.732  24.375  1.00 38.98 ? 12  U   D C4    1 
ATOM   1095 O O4    . U   C 1 12 ? -4.381  31.360  23.327  1.00 40.04 ? 12  U   D O4    1 
ATOM   1096 C C5    . U   C 1 12 ? -5.683  30.400  25.044  1.00 38.53 ? 12  U   D C5    1 
ATOM   1097 C C6    . U   C 1 12 ? -5.621  29.712  26.184  1.00 38.84 ? 12  U   D C6    1 
ATOM   1098 P P     . G   C 1 13 ? -5.361  32.048  31.200  1.00 38.23 ? 13  G   D P     1 
ATOM   1099 O OP1   . G   C 1 13 ? -5.403  32.272  32.658  1.00 39.20 ? 13  G   D OP1   1 
ATOM   1100 O OP2   . G   C 1 13 ? -6.385  32.691  30.354  1.00 37.51 ? 13  G   D OP2   1 
ATOM   1101 O "O5'" . G   C 1 13 ? -3.922  32.457  30.650  1.00 36.31 ? 13  G   D "O5'" 1 
ATOM   1102 C "C5'" . G   C 1 13 ? -2.771  32.002  31.324  1.00 35.00 ? 13  G   D "C5'" 1 
ATOM   1103 C "C4'" . G   C 1 13 ? -1.515  32.365  30.549  1.00 34.29 ? 13  G   D "C4'" 1 
ATOM   1104 O "O4'" . G   C 1 13 ? -1.519  31.748  29.242  1.00 33.75 ? 13  G   D "O4'" 1 
ATOM   1105 C "C3'" . G   C 1 13 ? -1.358  33.840  30.235  1.00 33.93 ? 13  G   D "C3'" 1 
ATOM   1106 O "O3'" . G   C 1 13 ? -0.862  34.546  31.364  1.00 32.63 ? 13  G   D "O3'" 1 
ATOM   1107 C "C2'" . G   C 1 13 ? -0.397  33.812  29.053  1.00 33.59 ? 13  G   D "C2'" 1 
ATOM   1108 O "O2'" . G   C 1 13 ? 0.947   33.569  29.419  1.00 33.98 ? 13  G   D "O2'" 1 
ATOM   1109 C "C1'" . G   C 1 13 ? -0.988  32.639  28.277  1.00 33.35 ? 13  G   D "C1'" 1 
ATOM   1110 N N9    . G   C 1 13 ? -2.040  33.018  27.330  1.00 33.09 ? 13  G   D N9    1 
ATOM   1111 C C8    . G   C 1 13 ? -3.401  32.812  27.415  1.00 32.36 ? 13  G   D C8    1 
ATOM   1112 N N7    . G   C 1 13 ? -4.059  33.277  26.386  1.00 32.43 ? 13  G   D N7    1 
ATOM   1113 C C5    . G   C 1 13 ? -3.080  33.822  25.569  1.00 32.01 ? 13  G   D C5    1 
ATOM   1114 C C6    . G   C 1 13 ? -3.179  34.468  24.319  1.00 31.80 ? 13  G   D C6    1 
ATOM   1115 O O6    . G   C 1 13 ? -4.191  34.706  23.653  1.00 32.17 ? 13  G   D O6    1 
ATOM   1116 N N1    . G   C 1 13 ? -1.933  34.877  23.847  1.00 31.93 ? 13  G   D N1    1 
ATOM   1117 C C2    . G   C 1 13 ? -0.731  34.688  24.484  1.00 32.19 ? 13  G   D C2    1 
ATOM   1118 N N2    . G   C 1 13 ? 0.363   35.151  23.860  1.00 31.83 ? 13  G   D N2    1 
ATOM   1119 N N3    . G   C 1 13 ? -0.621  34.080  25.658  1.00 33.09 ? 13  G   D N3    1 
ATOM   1120 C C4    . G   C 1 13 ? -1.832  33.676  26.138  1.00 32.95 ? 13  G   D C4    1 
ATOM   1121 P P     . C   C 1 14 ? -1.439  36.011  31.625  1.00 32.54 ? 14  C   D P     1 
ATOM   1122 O OP1   . C   C 1 14 ? -0.902  36.467  32.932  1.00 32.91 ? 14  C   D OP1   1 
ATOM   1123 O OP2   . C   C 1 14 ? -2.900  36.026  31.344  1.00 32.09 ? 14  C   D OP2   1 
ATOM   1124 O "O5'" . C   C 1 14 ? -0.748  36.840  30.451  1.00 31.26 ? 14  C   D "O5'" 1 
ATOM   1125 C "C5'" . C   C 1 14 ? 0.634   37.150  30.502  1.00 30.15 ? 14  C   D "C5'" 1 
ATOM   1126 C "C4'" . C   C 1 14 ? 1.009   37.948  29.272  1.00 29.73 ? 14  C   D "C4'" 1 
ATOM   1127 O "O4'" . C   C 1 14 ? 0.764   37.167  28.073  1.00 28.46 ? 14  C   D "O4'" 1 
ATOM   1128 C "C3'" . C   C 1 14 ? 0.186   39.211  29.064  1.00 29.39 ? 14  C   D "C3'" 1 
ATOM   1129 O "O3'" . C   C 1 14 ? 0.635   40.282  29.868  1.00 29.72 ? 14  C   D "O3'" 1 
ATOM   1130 C "C2'" . C   C 1 14 ? 0.422   39.462  27.586  1.00 28.88 ? 14  C   D "C2'" 1 
ATOM   1131 O "O2'" . C   C 1 14 ? 1.692   40.005  27.310  1.00 28.25 ? 14  C   D "O2'" 1 
ATOM   1132 C "C1'" . C   C 1 14 ? 0.284   38.036  27.055  1.00 28.12 ? 14  C   D "C1'" 1 
ATOM   1133 N N1    . C   C 1 14 ? -1.139  37.724  26.679  1.00 26.84 ? 14  C   D N1    1 
ATOM   1134 C C2    . C   C 1 14 ? -1.630  38.233  25.466  1.00 26.64 ? 14  C   D C2    1 
ATOM   1135 O O2    . C   C 1 14 ? -0.889  38.914  24.743  1.00 25.19 ? 14  C   D O2    1 
ATOM   1136 N N3    . C   C 1 14 ? -2.915  37.963  25.115  1.00 26.75 ? 14  C   D N3    1 
ATOM   1137 C C4    . C   C 1 14 ? -3.685  37.227  25.918  1.00 26.11 ? 14  C   D C4    1 
ATOM   1138 N N4    . C   C 1 14 ? -4.938  36.984  25.535  1.00 26.01 ? 14  C   D N4    1 
ATOM   1139 C C5    . C   C 1 14 ? -3.199  36.710  27.154  1.00 26.26 ? 14  C   D C5    1 
ATOM   1140 C C6    . C   C 1 14 ? -1.940  36.984  27.496  1.00 25.74 ? 14  C   D C6    1 
ATOM   1141 P P     . U   C 1 15 ? -0.390  41.447  30.265  1.00 30.21 ? 15  U   D P     1 
ATOM   1142 O OP1   . U   C 1 15 ? 0.345   42.367  31.153  1.00 30.41 ? 15  U   D OP1   1 
ATOM   1143 O OP2   . U   C 1 15 ? -1.677  40.844  30.669  1.00 30.51 ? 15  U   D OP2   1 
ATOM   1144 O "O5'" . U   C 1 15 ? -0.666  42.177  28.874  1.00 29.54 ? 15  U   D "O5'" 1 
ATOM   1145 C "C5'" . U   C 1 15 ? 0.315   43.003  28.288  1.00 28.51 ? 15  U   D "C5'" 1 
ATOM   1146 C "C4'" . U   C 1 15 ? -0.222  43.485  26.963  1.00 28.19 ? 15  U   D "C4'" 1 
ATOM   1147 O "O4'" . U   C 1 15 ? -0.741  42.360  26.225  1.00 27.80 ? 15  U   D "O4'" 1 
ATOM   1148 C "C3'" . U   C 1 15 ? -1.448  44.364  27.048  1.00 28.59 ? 15  U   D "C3'" 1 
ATOM   1149 O "O3'" . U   C 1 15 ? -1.121  45.668  27.522  1.00 27.84 ? 15  U   D "O3'" 1 
ATOM   1150 C "C2'" . U   C 1 15 ? -1.929  44.301  25.601  1.00 28.69 ? 15  U   D "C2'" 1 
ATOM   1151 O "O2'" . U   C 1 15 ? -1.181  45.113  24.716  1.00 29.12 ? 15  U   D "O2'" 1 
ATOM   1152 C "C1'" . U   C 1 15 ? -1.727  42.816  25.318  1.00 27.98 ? 15  U   D "C1'" 1 
ATOM   1153 N N1    . U   C 1 15 ? -2.968  41.993  25.490  1.00 27.72 ? 15  U   D N1    1 
ATOM   1154 C C2    . U   C 1 15 ? -3.907  41.992  24.474  1.00 27.92 ? 15  U   D C2    1 
ATOM   1155 O O2    . U   C 1 15 ? -3.792  42.627  23.444  1.00 27.73 ? 15  U   D O2    1 
ATOM   1156 N N3    . U   C 1 15 ? -5.015  41.214  24.710  1.00 27.90 ? 15  U   D N3    1 
ATOM   1157 C C4    . U   C 1 15 ? -5.276  40.445  25.828  1.00 27.67 ? 15  U   D C4    1 
ATOM   1158 O O4    . U   C 1 15 ? -6.315  39.799  25.890  1.00 28.56 ? 15  U   D O4    1 
ATOM   1159 C C5    . U   C 1 15 ? -4.258  40.492  26.845  1.00 27.24 ? 15  U   D C5    1 
ATOM   1160 C C6    . U   C 1 15 ? -3.168  41.242  26.639  1.00 27.02 ? 15  U   D C6    1 
ATOM   1161 P P     . G   C 1 16 ? -2.217  46.458  28.380  1.00 27.42 ? 16  G   D P     1 
ATOM   1162 O OP1   . G   C 1 16 ? -1.569  47.682  28.934  1.00 26.47 ? 16  G   D OP1   1 
ATOM   1163 O OP2   . G   C 1 16 ? -2.902  45.487  29.254  1.00 26.72 ? 16  G   D OP2   1 
ATOM   1164 O "O5'" . G   C 1 16 ? -3.281  46.868  27.263  1.00 26.95 ? 16  G   D "O5'" 1 
ATOM   1165 C "C5'" . G   C 1 16 ? -3.028  48.015  26.482  1.00 27.23 ? 16  G   D "C5'" 1 
ATOM   1166 C "C4'" . G   C 1 16 ? -4.008  48.064  25.345  1.00 27.28 ? 16  G   D "C4'" 1 
ATOM   1167 O "O4'" . G   C 1 16 ? -4.119  46.743  24.770  1.00 27.01 ? 16  G   D "O4'" 1 
ATOM   1168 C "C3'" . G   C 1 16 ? -5.431  48.371  25.768  1.00 28.22 ? 16  G   D "C3'" 1 
ATOM   1169 O "O3'" . G   C 1 16 ? -5.635  49.769  26.024  1.00 29.30 ? 16  G   D "O3'" 1 
ATOM   1170 C "C2'" . G   C 1 16 ? -6.193  47.850  24.557  1.00 27.44 ? 16  G   D "C2'" 1 
ATOM   1171 O "O2'" . G   C 1 16 ? -6.110  48.721  23.448  1.00 27.53 ? 16  G   D "O2'" 1 
ATOM   1172 C "C1'" . G   C 1 16 ? -5.444  46.552  24.303  1.00 26.08 ? 16  G   D "C1'" 1 
ATOM   1173 N N9    . G   C 1 16 ? -6.015  45.387  24.977  1.00 25.48 ? 16  G   D N9    1 
ATOM   1174 C C8    . G   C 1 16 ? -5.526  44.709  26.071  1.00 24.81 ? 16  G   D C8    1 
ATOM   1175 N N7    . G   C 1 16 ? -6.258  43.693  26.426  1.00 24.45 ? 16  G   D N7    1 
ATOM   1176 C C5    . G   C 1 16 ? -7.302  43.695  25.511  1.00 24.92 ? 16  G   D C5    1 
ATOM   1177 C C6    . G   C 1 16 ? -8.420  42.825  25.395  1.00 25.41 ? 16  G   D C6    1 
ATOM   1178 O O6    . G   C 1 16 ? -8.731  41.840  26.089  1.00 25.16 ? 16  G   D O6    1 
ATOM   1179 N N1    . G   C 1 16 ? -9.230  43.192  24.324  1.00 24.97 ? 16  G   D N1    1 
ATOM   1180 C C2    . G   C 1 16 ? -9.009  44.252  23.481  1.00 25.05 ? 16  G   D C2    1 
ATOM   1181 N N2    . G   C 1 16 ? -9.929  44.418  22.520  1.00 24.84 ? 16  G   D N2    1 
ATOM   1182 N N3    . G   C 1 16 ? -7.973  45.079  23.582  1.00 24.78 ? 16  G   D N3    1 
ATOM   1183 C C4    . G   C 1 16 ? -7.164  44.733  24.613  1.00 24.68 ? 16  G   D C4    1 
ATOM   1184 P P     . C   C 1 17 ? -6.709  50.205  27.137  1.00 30.42 ? 17  C   D P     1 
ATOM   1185 O OP1   . C   C 1 17 ? -6.672  51.686  27.256  1.00 31.42 ? 17  C   D OP1   1 
ATOM   1186 O OP2   . C   C 1 17 ? -6.486  49.343  28.324  1.00 31.13 ? 17  C   D OP2   1 
ATOM   1187 O "O5'" . C   C 1 17 ? -8.111  49.825  26.470  1.00 30.88 ? 17  C   D "O5'" 1 
ATOM   1188 C "C5'" . C   C 1 17 ? -8.542  50.584  25.364  1.00 31.57 ? 17  C   D "C5'" 1 
ATOM   1189 C "C4'" . C   C 1 17 ? -9.724  49.920  24.693  1.00 32.50 ? 17  C   D "C4'" 1 
ATOM   1190 O "O4'" . C   C 1 17 ? -9.420  48.547  24.373  1.00 32.19 ? 17  C   D "O4'" 1 
ATOM   1191 C "C3'" . C   C 1 17 ? -10.978 49.797  25.540  1.00 33.12 ? 17  C   D "C3'" 1 
ATOM   1192 O "O3'" . C   C 1 17 ? -11.656 51.045  25.632  1.00 35.16 ? 17  C   D "O3'" 1 
ATOM   1193 C "C2'" . C   C 1 17 ? -11.742 48.753  24.738  1.00 32.14 ? 17  C   D "C2'" 1 
ATOM   1194 O "O2'" . C   C 1 17 ? -12.292 49.245  23.530  1.00 32.06 ? 17  C   D "O2'" 1 
ATOM   1195 C "C1'" . C   C 1 17 ? -10.608 47.777  24.467  1.00 31.03 ? 17  C   D "C1'" 1 
ATOM   1196 N N1    . C   C 1 17 ? -10.466 46.737  25.527  1.00 29.80 ? 17  C   D N1    1 
ATOM   1197 C C2    . C   C 1 17 ? -11.376 45.677  25.534  1.00 29.67 ? 17  C   D C2    1 
ATOM   1198 O O2    . C   C 1 17 ? -12.271 45.619  24.683  1.00 29.94 ? 17  C   D O2    1 
ATOM   1199 N N3    . C   C 1 17 ? -11.256 44.722  26.487  1.00 29.67 ? 17  C   D N3    1 
ATOM   1200 C C4    . C   C 1 17 ? -10.295 44.789  27.402  1.00 29.21 ? 17  C   D C4    1 
ATOM   1201 N N4    . C   C 1 17 ? -10.253 43.803  28.299  1.00 29.33 ? 17  C   D N4    1 
ATOM   1202 C C5    . C   C 1 17 ? -9.350  45.857  27.417  1.00 28.97 ? 17  C   D C5    1 
ATOM   1203 C C6    . C   C 1 17 ? -9.475  46.798  26.473  1.00 29.40 ? 17  C   D C6    1 
ATOM   1204 P P     . U   C 1 18 ? -12.583 51.379  26.892  1.00 37.18 ? 18  U   D P     1 
ATOM   1205 O OP1   . U   C 1 18 ? -13.000 52.793  26.731  1.00 37.07 ? 18  U   D OP1   1 
ATOM   1206 O OP2   . U   C 1 18 ? -11.889 50.914  28.109  1.00 37.35 ? 18  U   D OP2   1 
ATOM   1207 O "O5'" . U   C 1 18 ? -13.856 50.426  26.711  1.00 37.18 ? 18  U   D "O5'" 1 
ATOM   1208 C "C5'" . U   C 1 18 ? -14.707 50.623  25.589  1.00 37.52 ? 18  U   D "C5'" 1 
ATOM   1209 C "C4'" . U   C 1 18 ? -15.794 49.568  25.535  1.00 37.86 ? 18  U   D "C4'" 1 
ATOM   1210 O "O4'" . U   C 1 18 ? -15.218 48.247  25.349  1.00 38.19 ? 18  U   D "O4'" 1 
ATOM   1211 C "C3'" . U   C 1 18 ? -16.616 49.415  26.808  1.00 38.13 ? 18  U   D "C3'" 1 
ATOM   1212 O "O3'" . U   C 1 18 ? -17.571 50.460  26.969  1.00 37.77 ? 18  U   D "O3'" 1 
ATOM   1213 C "C2'" . U   C 1 18 ? -17.247 48.050  26.566  1.00 38.08 ? 18  U   D "C2'" 1 
ATOM   1214 O "O2'" . U   C 1 18 ? -18.339 48.101  25.672  1.00 37.53 ? 18  U   D "O2'" 1 
ATOM   1215 C "C1'" . U   C 1 18 ? -16.046 47.287  26.004  1.00 37.93 ? 18  U   D "C1'" 1 
ATOM   1216 N N1    . U   C 1 18 ? -15.280 46.546  27.076  1.00 37.37 ? 18  U   D N1    1 
ATOM   1217 C C2    . U   C 1 18 ? -15.812 45.364  27.560  1.00 37.96 ? 18  U   D C2    1 
ATOM   1218 O O2    . U   C 1 18 ? -16.858 44.894  27.158  1.00 39.27 ? 18  U   D O2    1 
ATOM   1219 N N3    . U   C 1 18 ? -15.078 44.722  28.526  1.00 37.42 ? 18  U   D N3    1 
ATOM   1220 C C4    . U   C 1 18 ? -13.876 45.148  29.070  1.00 37.96 ? 18  U   D C4    1 
ATOM   1221 O O4    . U   C 1 18 ? -13.327 44.471  29.941  1.00 38.10 ? 18  U   D O4    1 
ATOM   1222 C C5    . U   C 1 18 ? -13.372 46.396  28.531  1.00 37.53 ? 18  U   D C5    1 
ATOM   1223 C C6    . U   C 1 18 ? -14.079 47.031  27.578  1.00 37.34 ? 18  U   D C6    1 
ATOM   1224 P P     . G   C 1 19 ? -17.879 51.065  28.426  1.00 37.50 ? 19  G   D P     1 
ATOM   1225 O OP1   . G   C 1 19 ? -18.695 52.292  28.245  1.00 37.11 ? 19  G   D OP1   1 
ATOM   1226 O OP2   . G   C 1 19 ? -16.613 51.182  29.191  1.00 37.47 ? 19  G   D OP2   1 
ATOM   1227 O "O5'" . G   C 1 19 ? -18.736 49.874  29.085  1.00 34.56 ? 19  G   D "O5'" 1 
ATOM   1228 C "C5'" . G   C 1 19 ? -19.918 49.437  28.466  1.00 33.19 ? 19  G   D "C5'" 1 
ATOM   1229 C "C4'" . G   C 1 19 ? -20.376 48.084  28.985  1.00 32.32 ? 19  G   D "C4'" 1 
ATOM   1230 O "O4'" . G   C 1 19 ? -19.411 47.066  28.637  1.00 31.32 ? 19  G   D "O4'" 1 
ATOM   1231 C "C3'" . G   C 1 19 ? -20.537 47.931  30.494  1.00 31.57 ? 19  G   D "C3'" 1 
ATOM   1232 O "O3'" . G   C 1 19 ? -21.769 48.484  30.915  1.00 32.32 ? 19  G   D "O3'" 1 
ATOM   1233 C "C2'" . G   C 1 19 ? -20.516 46.411  30.619  1.00 30.72 ? 19  G   D "C2'" 1 
ATOM   1234 O "O2'" . G   C 1 19 ? -21.723 45.781  30.220  1.00 28.86 ? 19  G   D "O2'" 1 
ATOM   1235 C "C1'" . G   C 1 19 ? -19.362 46.099  29.670  1.00 29.90 ? 19  G   D "C1'" 1 
ATOM   1236 N N9    . G   C 1 19 ? -18.055 46.169  30.323  1.00 29.44 ? 19  G   D N9    1 
ATOM   1237 C C8    . G   C 1 19 ? -17.081 47.144  30.219  1.00 28.57 ? 19  G   D C8    1 
ATOM   1238 N N7    . G   C 1 19 ? -16.019 46.904  30.943  1.00 28.32 ? 19  G   D N7    1 
ATOM   1239 C C5    . G   C 1 19 ? -16.310 45.693  31.572  1.00 28.89 ? 19  G   D C5    1 
ATOM   1240 C C6    . G   C 1 19 ? -15.554 44.911  32.483  1.00 28.44 ? 19  G   D C6    1 
ATOM   1241 O O6    . G   C 1 19 ? -14.426 45.138  32.945  1.00 28.45 ? 19  G   D O6    1 
ATOM   1242 N N1    . G   C 1 19 ? -16.236 43.758  32.872  1.00 28.37 ? 19  G   D N1    1 
ATOM   1243 C C2    . G   C 1 19 ? -17.488 43.384  32.448  1.00 28.26 ? 19  G   D C2    1 
ATOM   1244 N N2    . G   C 1 19 ? -17.981 42.231  32.931  1.00 27.15 ? 19  G   D N2    1 
ATOM   1245 N N3    . G   C 1 19 ? -18.203 44.106  31.598  1.00 29.07 ? 19  G   D N3    1 
ATOM   1246 C C4    . G   C 1 19 ? -17.558 45.233  31.201  1.00 29.13 ? 19  G   D C4    1 
ATOM   1247 P P     . C   C 1 20 ? -21.988 49.142  32.359  1.00 33.95 ? 20  C   D P     1 
ATOM   1248 O OP1   . C   C 1 20 ? -23.427 49.509  32.365  1.00 33.90 ? 20  C   D OP1   1 
ATOM   1249 O OP2   . C   C 1 20 ? -20.964 50.190  32.605  1.00 32.22 ? 20  C   D OP2   1 
ATOM   1250 O "O5'" . C   C 1 20 ? -21.719 47.936  33.387  1.00 31.43 ? 20  C   D "O5'" 1 
ATOM   1251 C "C5'" . C   C 1 20 ? -22.674 46.915  33.469  1.00 31.32 ? 20  C   D "C5'" 1 
ATOM   1252 C "C4'" . C   C 1 20 ? -22.261 45.829  34.438  1.00 31.80 ? 20  C   D "C4'" 1 
ATOM   1253 O "O4'" . C   C 1 20 ? -21.062 45.167  33.952  1.00 31.41 ? 20  C   D "O4'" 1 
ATOM   1254 C "C3'" . C   C 1 20 ? -21.877 46.264  35.850  1.00 32.04 ? 20  C   D "C3'" 1 
ATOM   1255 O "O3'" . C   C 1 20 ? -22.995 46.577  36.673  1.00 33.64 ? 20  C   D "O3'" 1 
ATOM   1256 C "C2'" . C   C 1 20 ? -21.165 45.004  36.300  1.00 31.12 ? 20  C   D "C2'" 1 
ATOM   1257 O "O2'" . C   C 1 20 ? -22.075 43.953  36.546  1.00 31.65 ? 20  C   D "O2'" 1 
ATOM   1258 C "C1'" . C   C 1 20 ? -20.298 44.732  35.070  1.00 29.95 ? 20  C   D "C1'" 1 
ATOM   1259 N N1    . C   C 1 20 ? -18.974 45.445  35.044  1.00 28.12 ? 20  C   D N1    1 
ATOM   1260 C C2    . C   C 1 20 ? -17.845 44.869  35.656  1.00 27.50 ? 20  C   D C2    1 
ATOM   1261 O O2    . C   C 1 20 ? -17.927 43.773  36.235  1.00 26.49 ? 20  C   D O2    1 
ATOM   1262 N N3    . C   C 1 20 ? -16.663 45.541  35.604  1.00 27.28 ? 20  C   D N3    1 
ATOM   1263 C C4    . C   C 1 20 ? -16.569 46.715  34.979  1.00 27.86 ? 20  C   D C4    1 
ATOM   1264 N N4    . C   C 1 20 ? -15.383 47.314  34.967  1.00 28.05 ? 20  C   D N4    1 
ATOM   1265 C C5    . C   C 1 20 ? -17.698 47.318  34.347  1.00 28.26 ? 20  C   D C5    1 
ATOM   1266 C C6    . C   C 1 20 ? -18.862 46.656  34.405  1.00 28.02 ? 20  C   D C6    1 
HETATM 1267 S S     . SO4 D 2 .  ? 14.146  -12.073 -8.170  1.00 48.79 ? 101 SO4 A S     1 
HETATM 1268 O O1    . SO4 D 2 .  ? 13.173  -13.092 -8.553  1.00 49.05 ? 101 SO4 A O1    1 
HETATM 1269 O O2    . SO4 D 2 .  ? 15.488  -12.658 -8.127  1.00 49.68 ? 101 SO4 A O2    1 
HETATM 1270 O O3    . SO4 D 2 .  ? 14.132  -11.007 -9.162  1.00 49.51 ? 101 SO4 A O3    1 
HETATM 1271 O O4    . SO4 D 2 .  ? 13.810  -11.544 -6.848  1.00 49.28 ? 101 SO4 A O4    1 
HETATM 1272 S S     . SO4 E 2 .  ? 11.656  -26.811 -4.990  0.33 38.23 ? 102 SO4 A S     1 
HETATM 1273 O O1    . SO4 E 2 .  ? 12.046  -27.917 -5.858  0.33 38.46 ? 102 SO4 A O1    1 
HETATM 1274 O O2    . SO4 E 2 .  ? 12.842  -26.041 -4.619  0.33 38.72 ? 102 SO4 A O2    1 
HETATM 1275 O O3    . SO4 E 2 .  ? 10.714  -25.943 -5.696  0.33 38.72 ? 102 SO4 A O3    1 
HETATM 1276 O O4    . SO4 E 2 .  ? 11.021  -27.342 -3.784  0.33 38.70 ? 102 SO4 A O4    1 
HETATM 1277 K K     . K   F 3 .  ? -5.124  -8.842  -17.125 0.33 35.39 ? 103 K   A K     1 
HETATM 1278 K K     . K   G 3 .  ? 3.148   -30.929 -34.902 0.33 60.62 ? 104 K   A K     1 
HETATM 1279 S S     . SO4 H 2 .  ? -7.062  -8.510  5.415   1.00 55.61 ? 101 SO4 B S     1 
HETATM 1280 O O1    . SO4 H 2 .  ? -6.150  -9.652  5.351   1.00 55.49 ? 101 SO4 B O1    1 
HETATM 1281 O O2    . SO4 H 2 .  ? -7.821  -8.405  4.169   1.00 55.71 ? 101 SO4 B O2    1 
HETATM 1282 O O3    . SO4 H 2 .  ? -6.298  -7.283  5.603   1.00 56.15 ? 101 SO4 B O3    1 
HETATM 1283 O O4    . SO4 H 2 .  ? -7.965  -8.670  6.551   1.00 56.13 ? 101 SO4 B O4    1 
HETATM 1284 S S     . SO4 I 2 .  ? -9.936  -7.041  0.404   1.00 40.74 ? 102 SO4 B S     1 
HETATM 1285 O O1    . SO4 I 2 .  ? -9.208  -8.146  1.022   1.00 41.02 ? 102 SO4 B O1    1 
HETATM 1286 O O2    . SO4 I 2 .  ? -11.047 -7.582  -0.383  1.00 42.55 ? 102 SO4 B O2    1 
HETATM 1287 O O3    . SO4 I 2 .  ? -9.050  -6.306  -0.485  1.00 41.72 ? 102 SO4 B O3    1 
HETATM 1288 O O4    . SO4 I 2 .  ? -10.437 -6.111  1.412   1.00 40.53 ? 102 SO4 B O4    1 
HETATM 1289 S S     . SO4 J 2 .  ? -10.689 46.656  20.085  1.00 72.15 ? 101 SO4 D S     1 
HETATM 1290 O O1    . SO4 J 2 .  ? -10.503 47.033  18.688  1.00 72.33 ? 101 SO4 D O1    1 
HETATM 1291 O O2    . SO4 J 2 .  ? -11.599 45.508  20.160  1.00 71.77 ? 101 SO4 D O2    1 
HETATM 1292 O O3    . SO4 J 2 .  ? -9.396  46.308  20.669  1.00 72.48 ? 101 SO4 D O3    1 
HETATM 1293 O O4    . SO4 J 2 .  ? -11.231 47.799  20.818  1.00 72.28 ? 101 SO4 D O4    1 
HETATM 1294 O O     . HOH K 4 .  ? -1.992  -5.789  8.349   1.00 9.51  ? 201 HOH A O     1 
HETATM 1295 O O     . HOH K 4 .  ? 3.556   -4.389  3.126   1.00 24.71 ? 202 HOH A O     1 
HETATM 1296 O O     . HOH K 4 .  ? 5.563   -10.618 8.078   0.33 16.07 ? 203 HOH A O     1 
HETATM 1297 O O     . HOH K 4 .  ? -0.179  -12.485 7.492   1.00 18.13 ? 204 HOH A O     1 
HETATM 1298 O O     . HOH K 4 .  ? 1.939   -5.583  -0.834  1.00 23.06 ? 205 HOH A O     1 
HETATM 1299 O O     . HOH K 4 .  ? -1.611  -9.402  -1.587  1.00 25.30 ? 206 HOH A O     1 
HETATM 1300 O O     . HOH K 4 .  ? -1.500  -6.204  -3.463  1.00 10.32 ? 207 HOH A O     1 
HETATM 1301 O O     . HOH K 4 .  ? -4.058  -12.270 -7.636  1.00 22.49 ? 208 HOH A O     1 
HETATM 1302 O O     . HOH K 4 .  ? 1.571   -13.202 -13.459 1.00 12.20 ? 209 HOH A O     1 
HETATM 1303 O O     . HOH K 4 .  ? 4.407   -14.075 -16.219 1.00 12.34 ? 210 HOH A O     1 
HETATM 1304 O O     . HOH K 4 .  ? 4.786   -8.543  9.748   0.33 16.26 ? 211 HOH A O     1 
HETATM 1305 O O     . HOH K 4 .  ? -5.900  -5.855  -13.758 0.33 2.00  ? 212 HOH A O     1 
HETATM 1306 O O     . HOH K 4 .  ? -5.003  -15.038 -13.783 1.00 5.87  ? 213 HOH A O     1 
HETATM 1307 O O     . HOH K 4 .  ? -4.171  -11.215 -18.894 0.33 7.07  ? 214 HOH A O     1 
HETATM 1308 O O     . HOH K 4 .  ? 11.351  -8.281  -12.302 1.00 25.64 ? 215 HOH A O     1 
HETATM 1309 O O     . HOH K 4 .  ? 13.002  -30.481 -7.908  0.33 12.90 ? 216 HOH A O     1 
HETATM 1310 O O     . HOH K 4 .  ? 3.291   -27.800 -12.921 1.00 13.38 ? 217 HOH A O     1 
HETATM 1311 O O     . HOH K 4 .  ? 7.683   -34.034 -10.373 1.00 16.43 ? 218 HOH A O     1 
HETATM 1312 O O     . HOH K 4 .  ? 3.104   -32.185 -11.155 1.00 21.59 ? 219 HOH A O     1 
HETATM 1313 O O     . HOH K 4 .  ? 5.425   -1.027  11.703  1.00 14.45 ? 220 HOH A O     1 
HETATM 1314 O O     . HOH K 4 .  ? 3.812   3.606   2.721   1.00 26.92 ? 221 HOH A O     1 
HETATM 1315 O O     . HOH K 4 .  ? 9.915   5.837   6.594   1.00 25.09 ? 222 HOH A O     1 
HETATM 1316 O O     . HOH K 4 .  ? 7.275   4.254   0.118   1.00 28.37 ? 223 HOH A O     1 
HETATM 1317 O O     . HOH K 4 .  ? 10.824  -2.070  6.942   1.00 11.38 ? 224 HOH A O     1 
HETATM 1318 O O     . HOH K 4 .  ? 0.999   -9.526  -1.044  1.00 25.83 ? 225 HOH A O     1 
HETATM 1319 O O     . HOH K 4 .  ? -2.432  -10.688 -4.386  1.00 25.94 ? 226 HOH A O     1 
HETATM 1320 O O     . HOH K 4 .  ? -10.212 -13.521 -9.464  1.00 23.07 ? 227 HOH A O     1 
HETATM 1321 O O     . HOH K 4 .  ? 8.990   -16.441 -14.018 1.00 31.57 ? 228 HOH A O     1 
HETATM 1322 O O     . HOH K 4 .  ? 17.281  -14.214 -9.767  1.00 28.54 ? 229 HOH A O     1 
HETATM 1323 O O     . HOH K 4 .  ? 9.751   -19.500 -13.547 1.00 25.48 ? 230 HOH A O     1 
HETATM 1324 O O     . HOH K 4 .  ? 13.544  -21.882 -13.841 1.00 18.35 ? 231 HOH A O     1 
HETATM 1325 O O     . HOH K 4 .  ? 14.155  -24.155 -6.153  1.00 20.33 ? 232 HOH A O     1 
HETATM 1326 O O     . HOH K 4 .  ? 12.890  -22.017 -5.658  1.00 12.84 ? 233 HOH A O     1 
HETATM 1327 O O     . HOH K 4 .  ? 12.290  -26.885 -13.525 1.00 37.34 ? 234 HOH A O     1 
HETATM 1328 O O     . HOH K 4 .  ? 12.440  -29.255 -15.259 1.00 24.33 ? 235 HOH A O     1 
HETATM 1329 O O     . HOH K 4 .  ? 7.667   -32.417 -17.651 1.00 31.05 ? 236 HOH A O     1 
HETATM 1330 O O     . HOH K 4 .  ? 2.715   -37.510 -15.968 1.00 32.32 ? 237 HOH A O     1 
HETATM 1331 O O     . HOH K 4 .  ? 5.696   -33.926 -21.220 1.00 35.74 ? 238 HOH A O     1 
HETATM 1332 O O     . HOH K 4 .  ? 6.642   -32.964 -25.288 1.00 33.47 ? 239 HOH A O     1 
HETATM 1333 O O     . HOH K 4 .  ? 4.933   -35.751 -38.837 0.33 31.76 ? 240 HOH A O     1 
HETATM 1334 O O     . HOH K 4 .  ? 13.774  -32.543 -9.568  0.33 15.58 ? 241 HOH A O     1 
HETATM 1335 O O     . HOH K 4 .  ? 9.750   -29.578 -15.793 1.00 28.46 ? 242 HOH A O     1 
HETATM 1336 O O     . HOH K 4 .  ? 11.508  -17.948 -6.135  1.00 7.73  ? 243 HOH A O     1 
HETATM 1337 O O     . HOH L 4 .  ? -6.394  1.800   10.805  1.00 24.66 ? 201 HOH B O     1 
HETATM 1338 O O     . HOH L 4 .  ? -5.348  0.800   6.883   1.00 28.38 ? 202 HOH B O     1 
HETATM 1339 O O     . HOH L 4 .  ? -5.332  0.237   3.335   1.00 16.57 ? 203 HOH B O     1 
HETATM 1340 O O     . HOH L 4 .  ? -1.684  0.971   -0.267  1.00 13.41 ? 204 HOH B O     1 
HETATM 1341 O O     . HOH L 4 .  ? -9.711  3.404   -7.269  0.33 14.25 ? 205 HOH B O     1 
HETATM 1342 O O     . HOH L 4 .  ? -9.301  -5.076  -2.678  1.00 9.83  ? 206 HOH B O     1 
HETATM 1343 O O     . HOH L 4 .  ? 4.043   -16.426 -5.936  1.00 12.73 ? 207 HOH B O     1 
HETATM 1344 O O     . HOH L 4 .  ? 12.663  -14.770 -6.264  1.00 16.63 ? 208 HOH B O     1 
HETATM 1345 O O     . HOH L 4 .  ? 0.743   2.252   18.436  0.33 8.22  ? 209 HOH B O     1 
HETATM 1346 O O     . HOH L 4 .  ? 2.230   -21.229 -14.408 1.00 13.27 ? 210 HOH B O     1 
HETATM 1347 O O     . HOH L 4 .  ? 2.233   -21.433 -17.764 1.00 22.49 ? 211 HOH B O     1 
HETATM 1348 O O     . HOH L 4 .  ? 8.571   -22.122 -18.482 1.00 18.56 ? 212 HOH B O     1 
HETATM 1349 O O     . HOH L 4 .  ? -2.012  -17.153 -23.814 0.33 33.51 ? 213 HOH B O     1 
HETATM 1350 O O     . HOH L 4 .  ? 4.292   -16.031 -23.569 1.00 25.10 ? 214 HOH B O     1 
HETATM 1351 O O     . HOH L 4 .  ? -2.679  -0.423  4.269   1.00 19.27 ? 215 HOH B O     1 
HETATM 1352 O O     . HOH L 4 .  ? -7.731  -5.055  -5.324  1.00 9.59  ? 216 HOH B O     1 
HETATM 1353 O O     . HOH L 4 .  ? -6.728  -1.424  -11.853 0.33 2.00  ? 217 HOH B O     1 
HETATM 1354 O O     . HOH L 4 .  ? 7.121   1.650   -6.531  1.00 25.38 ? 218 HOH B O     1 
HETATM 1355 O O     . HOH L 4 .  ? -2.614  -20.024 -8.627  1.00 26.67 ? 219 HOH B O     1 
HETATM 1356 O O     . HOH L 4 .  ? 2.570   -18.024 0.254   1.00 18.01 ? 220 HOH B O     1 
HETATM 1357 O O     . HOH L 4 .  ? -4.323  -21.873 -9.232  1.00 23.37 ? 221 HOH B O     1 
HETATM 1358 O O     . HOH L 4 .  ? 0.438   -21.384 -10.418 1.00 24.87 ? 222 HOH B O     1 
HETATM 1359 O O     . HOH L 4 .  ? -0.855  -20.241 -26.299 0.33 15.19 ? 223 HOH B O     1 
HETATM 1360 O O     . HOH L 4 .  ? -4.184  5.425   -6.142  1.00 23.85 ? 224 HOH B O     1 
HETATM 1361 O O     . HOH L 4 .  ? -8.218  -5.657  3.519   1.00 24.52 ? 225 HOH B O     1 
HETATM 1362 O O     . HOH L 4 .  ? 0.825   4.213   -6.667  1.00 18.30 ? 226 HOH B O     1 
HETATM 1363 O O     . HOH L 4 .  ? 0.973   0.049   -6.534  1.00 25.98 ? 227 HOH B O     1 
HETATM 1364 O O     . HOH L 4 .  ? 4.034   -1.727  -6.358  1.00 21.50 ? 228 HOH B O     1 
HETATM 1365 O O     . HOH L 4 .  ? 4.654   -5.920  -5.688  1.00 33.19 ? 229 HOH B O     1 
HETATM 1366 O O     . HOH L 4 .  ? 8.216   -17.632 2.486   0.33 18.02 ? 230 HOH B O     1 
HETATM 1367 O O     . HOH L 4 .  ? 9.038   -19.896 0.611   0.33 14.86 ? 231 HOH B O     1 
HETATM 1368 O O     . HOH L 4 .  ? -1.902  -27.492 -7.567  1.00 19.46 ? 232 HOH B O     1 
HETATM 1369 O O     . HOH L 4 .  ? 7.778   -22.117 -20.838 1.00 25.68 ? 233 HOH B O     1 
HETATM 1370 O O     . HOH L 4 .  ? 12.301  -29.999 -22.260 1.00 29.52 ? 234 HOH B O     1 
HETATM 1371 O O     . HOH L 4 .  ? 12.356  -23.573 -24.147 1.00 35.69 ? 235 HOH B O     1 
HETATM 1372 O O     . HOH L 4 .  ? -10.223 3.126   11.659  1.00 28.93 ? 236 HOH B O     1 
HETATM 1373 O O     . HOH L 4 .  ? 1.826   -0.641  16.108  0.33 29.84 ? 237 HOH B O     1 
HETATM 1374 O O     . HOH M 4 .  ? -7.773  9.577   10.095  1.00 42.60 ? 201 HOH D O     1 
HETATM 1375 O O     . HOH M 4 .  ? -3.747  23.359  10.450  1.00 25.36 ? 202 HOH D O     1 
HETATM 1376 O O     . HOH M 4 .  ? -8.826  28.968  10.274  1.00 22.07 ? 203 HOH D O     1 
HETATM 1377 O O     . HOH M 4 .  ? -8.994  31.829  19.365  1.00 30.00 ? 204 HOH D O     1 
HETATM 1378 O O     . HOH M 4 .  ? -12.149 29.155  17.852  1.00 22.63 ? 205 HOH D O     1 
HETATM 1379 O O     . HOH M 4 .  ? -12.965 29.880  21.875  1.00 30.31 ? 206 HOH D O     1 
HETATM 1380 O O     . HOH M 4 .  ? -0.589  50.412  27.611  0.33 18.90 ? 207 HOH D O     1 
HETATM 1381 O O     . HOH M 4 .  ? -18.466 54.398  26.341  1.00 30.00 ? 208 HOH D O     1 
HETATM 1382 O O     . HOH M 4 .  ? -9.829  6.068   13.567  1.00 26.98 ? 209 HOH D O     1 
HETATM 1383 O O     . HOH M 4 .  ? -6.131  26.991  1.854   1.00 28.71 ? 210 HOH D O     1 
HETATM 1384 O O     . HOH M 4 .  ? -6.382  42.339  28.797  1.00 35.02 ? 211 HOH D O     1 
HETATM 1385 O O     . HOH M 4 .  ? -0.711  52.480  28.886  0.33 17.81 ? 212 HOH D O     1 
HETATM 1386 O O     . HOH M 4 .  ? -18.139 42.840  27.902  1.00 23.33 ? 213 HOH D O     1 
HETATM 1387 O O     . HOH M 4 .  ? -22.963 49.392  36.925  1.00 27.65 ? 214 HOH D O     1 
# 
